data_8QC2
#
_entry.id   8QC2
#
_cell.length_a   110.517
_cell.length_b   160.381
_cell.length_c   185.749
_cell.angle_alpha   90.00
_cell.angle_beta   90.00
_cell.angle_gamma   90.00
#
_symmetry.space_group_name_H-M   'C 2 2 21'
#
loop_
_entity.id
_entity.type
_entity.pdbx_description
1 polymer 'Gfo/Idh/MocA family oxidoreductase'
2 non-polymer NICOTINAMIDE-ADENINE-DINUCLEOTIDE
3 non-polymer sulfoquinovose
4 non-polymer 2-AMINO-2-HYDROXYMETHYL-PROPANE-1,3-DIOL
5 water water
#
_entity_poly.entity_id   1
_entity_poly.type   'polypeptide(L)'
_entity_poly.pdbx_seq_one_letter_code
;MGSSHHHHHHSSGMSLPSGETAQTIRYGLIGAGHMAREHVRNLALIPGSLITAVADPTPSSLEETAREIGYDVQTFSAHK
DLLASGLVDALVIASPNDTHLEILKDIFASGTNLPVLVEKPVCTSAEQADELEELAATYTAPVWVAMEYRYMPPVQEIIQ
AAHSGKLGNIHMLSIVEHRFPFLHKVDAWNRFAERTGGTLVEKCCHFFDLMRLILQDEPTRIYASGGHDVNHMDEVYDGL
ISDMVDNAYVIVDFKGGRRAMLELSMFAEGSKFQERISIVGDAAKIETLIPVAANHWIEGDETEATVEFSPRSPLGPEKH
EVPVDEAVLAAGAHHGSTYYEHLGYRKAILGEGPVDVTVADGLQSVRMGLAAEQSIIEGRAVELHAPSVAVQK
;
_entity_poly.pdbx_strand_id   A,B,C,D
#
loop_
_chem_comp.id
_chem_comp.type
_chem_comp.name
_chem_comp.formula
NAD non-polymer NICOTINAMIDE-ADENINE-DINUCLEOTIDE 'C21 H27 N7 O14 P2'
R7R non-polymer sulfoquinovose 'C6 H12 O8 S'
TRS non-polymer 2-AMINO-2-HYDROXYMETHYL-PROPANE-1,3-DIOL 'C4 H12 N O3 1'
#
# COMPACT_ATOMS: atom_id res chain seq x y z
N ALA A 22 19.72 -27.24 -3.27
CA ALA A 22 19.81 -25.82 -3.70
C ALA A 22 20.69 -25.03 -2.74
N GLN A 23 21.78 -24.46 -3.26
CA GLN A 23 22.66 -23.64 -2.45
C GLN A 23 21.89 -22.41 -1.98
N THR A 24 21.84 -22.20 -0.67
CA THR A 24 21.19 -21.05 -0.09
C THR A 24 22.11 -19.84 -0.22
N ILE A 25 21.56 -18.73 -0.75
CA ILE A 25 22.12 -17.40 -0.58
C ILE A 25 21.23 -16.60 0.36
N ARG A 26 21.88 -16.00 1.37
CA ARG A 26 21.23 -15.16 2.37
C ARG A 26 21.37 -13.72 1.90
N TYR A 27 20.24 -13.06 1.64
CA TYR A 27 20.24 -11.71 1.09
C TYR A 27 20.03 -10.69 2.21
N GLY A 28 20.82 -9.61 2.19
CA GLY A 28 20.51 -8.42 2.95
C GLY A 28 19.98 -7.33 2.02
N LEU A 29 18.83 -6.70 2.37
CA LEU A 29 18.30 -5.56 1.63
C LEU A 29 18.65 -4.29 2.41
N ILE A 30 19.37 -3.35 1.76
CA ILE A 30 19.57 -2.02 2.27
C ILE A 30 18.71 -1.06 1.45
N GLY A 31 17.66 -0.53 2.11
CA GLY A 31 16.57 0.14 1.44
C GLY A 31 15.39 -0.81 1.24
N ALA A 32 14.25 -0.52 1.86
CA ALA A 32 13.17 -1.51 1.93
C ALA A 32 11.87 -0.86 1.53
N GLY A 33 11.87 -0.19 0.38
CA GLY A 33 10.71 0.51 -0.15
C GLY A 33 10.16 -0.26 -1.36
N HIS A 34 9.63 0.52 -2.32
CA HIS A 34 8.86 0.02 -3.44
C HIS A 34 9.67 -1.00 -4.23
N MET A 35 10.86 -0.61 -4.72
CA MET A 35 11.64 -1.50 -5.57
C MET A 35 12.20 -2.68 -4.75
N ALA A 36 12.54 -2.48 -3.47
CA ALA A 36 12.97 -3.61 -2.65
C ALA A 36 11.91 -4.69 -2.65
N ARG A 37 10.62 -4.32 -2.57
CA ARG A 37 9.58 -5.33 -2.51
C ARG A 37 9.48 -6.10 -3.84
N GLU A 38 9.79 -5.44 -4.96
CA GLU A 38 9.87 -6.12 -6.24
C GLU A 38 11.04 -7.11 -6.22
N HIS A 39 12.16 -6.74 -5.61
CA HIS A 39 13.27 -7.66 -5.44
C HIS A 39 12.85 -8.89 -4.64
N VAL A 40 12.09 -8.68 -3.55
CA VAL A 40 11.61 -9.75 -2.69
C VAL A 40 10.77 -10.74 -3.49
N ARG A 41 9.79 -10.22 -4.23
CA ARG A 41 8.87 -11.04 -5.00
C ARG A 41 9.60 -11.87 -6.05
N ASN A 42 10.67 -11.34 -6.61
CA ASN A 42 11.41 -12.05 -7.63
C ASN A 42 12.31 -13.11 -7.00
N LEU A 43 12.97 -12.78 -5.88
CA LEU A 43 13.78 -13.75 -5.17
C LEU A 43 12.94 -14.93 -4.68
N ALA A 44 11.65 -14.71 -4.38
CA ALA A 44 10.73 -15.77 -3.99
C ALA A 44 10.54 -16.80 -5.10
N LEU A 45 10.85 -16.46 -6.35
CA LEU A 45 10.67 -17.38 -7.46
C LEU A 45 11.92 -18.21 -7.69
N ILE A 46 12.99 -17.95 -6.93
CA ILE A 46 14.28 -18.56 -7.21
C ILE A 46 14.69 -19.44 -6.03
N PRO A 47 14.63 -20.79 -6.18
CA PRO A 47 15.08 -21.68 -5.11
C PRO A 47 16.47 -21.30 -4.61
N GLY A 48 16.64 -21.31 -3.29
CA GLY A 48 17.92 -21.00 -2.66
C GLY A 48 18.03 -19.57 -2.14
N SER A 49 16.99 -18.75 -2.38
CA SER A 49 17.02 -17.36 -2.00
C SER A 49 16.36 -17.17 -0.64
N LEU A 50 17.09 -16.60 0.31
CA LEU A 50 16.58 -16.38 1.65
C LEU A 50 16.95 -14.96 2.07
N ILE A 51 15.94 -14.16 2.38
CA ILE A 51 16.19 -12.84 2.93
C ILE A 51 16.40 -13.03 4.42
N THR A 52 17.52 -12.52 4.96
CA THR A 52 17.81 -12.65 6.37
C THR A 52 17.81 -11.29 7.07
N ALA A 53 18.01 -10.20 6.33
CA ALA A 53 18.31 -8.92 6.94
C ALA A 53 17.81 -7.78 6.06
N VAL A 54 17.16 -6.80 6.69
CA VAL A 54 16.62 -5.65 6.02
C VAL A 54 16.98 -4.41 6.83
N ALA A 55 17.62 -3.43 6.20
CA ALA A 55 17.96 -2.18 6.86
C ALA A 55 17.26 -1.02 6.15
N ASP A 56 16.59 -0.17 6.93
CA ASP A 56 15.88 0.97 6.40
C ASP A 56 15.64 1.93 7.57
N PRO A 57 15.97 3.24 7.47
CA PRO A 57 15.73 4.17 8.57
C PRO A 57 14.26 4.59 8.77
N THR A 58 13.36 4.06 7.93
CA THR A 58 11.94 4.36 8.03
C THR A 58 11.20 3.13 8.49
N PRO A 59 10.74 3.12 9.76
CA PRO A 59 10.01 1.97 10.31
C PRO A 59 8.87 1.40 9.47
N SER A 60 8.08 2.27 8.82
CA SER A 60 6.95 1.78 8.05
C SER A 60 7.42 0.99 6.83
N SER A 61 8.58 1.36 6.29
CA SER A 61 9.16 0.61 5.17
C SER A 61 9.58 -0.78 5.65
N LEU A 62 10.25 -0.89 6.79
CA LEU A 62 10.59 -2.19 7.34
C LEU A 62 9.35 -3.08 7.47
N GLU A 63 8.26 -2.52 8.01
CA GLU A 63 7.09 -3.31 8.32
C GLU A 63 6.50 -3.83 6.99
N GLU A 64 6.34 -2.92 6.04
CA GLU A 64 5.69 -3.24 4.78
C GLU A 64 6.55 -4.25 4.01
N THR A 65 7.88 -4.11 4.06
CA THR A 65 8.75 -5.06 3.36
C THR A 65 8.74 -6.42 4.07
N ALA A 66 8.73 -6.40 5.41
CA ALA A 66 8.63 -7.65 6.14
C ALA A 66 7.35 -8.40 5.77
N ARG A 67 6.22 -7.70 5.62
CA ARG A 67 4.96 -8.34 5.27
C ARG A 67 5.07 -8.97 3.88
N GLU A 68 5.70 -8.25 2.95
CA GLU A 68 5.91 -8.75 1.60
C GLU A 68 6.74 -10.03 1.65
N ILE A 69 7.80 -10.06 2.46
CA ILE A 69 8.65 -11.24 2.53
C ILE A 69 7.87 -12.43 3.07
N GLY A 70 7.07 -12.20 4.13
CA GLY A 70 6.14 -13.20 4.62
C GLY A 70 6.78 -14.29 5.50
N TYR A 71 7.96 -14.02 6.06
CA TYR A 71 8.65 -14.94 6.95
C TYR A 71 9.61 -14.08 7.76
N ASP A 72 10.11 -14.61 8.86
CA ASP A 72 10.77 -13.77 9.85
C ASP A 72 12.14 -13.37 9.30
N VAL A 73 12.46 -12.08 9.46
CA VAL A 73 13.76 -11.55 9.13
C VAL A 73 14.21 -10.66 10.27
N GLN A 74 15.50 -10.42 10.36
CA GLN A 74 16.03 -9.43 11.27
C GLN A 74 15.98 -8.07 10.58
N THR A 75 15.55 -7.03 11.30
CA THR A 75 15.47 -5.70 10.72
C THR A 75 16.44 -4.78 11.44
N PHE A 76 16.91 -3.74 10.75
CA PHE A 76 17.87 -2.79 11.29
C PHE A 76 17.51 -1.40 10.79
N SER A 77 17.85 -0.37 11.58
CA SER A 77 17.58 0.98 11.11
C SER A 77 18.79 1.54 10.36
N ALA A 78 19.96 0.92 10.55
CA ALA A 78 21.21 1.42 9.98
C ALA A 78 21.92 0.30 9.22
N HIS A 79 22.45 0.62 8.03
CA HIS A 79 23.05 -0.42 7.19
C HIS A 79 24.34 -0.96 7.80
N LYS A 80 25.11 -0.11 8.51
CA LYS A 80 26.32 -0.57 9.18
C LYS A 80 26.04 -1.77 10.10
N ASP A 81 24.90 -1.78 10.82
CA ASP A 81 24.58 -2.89 11.69
C ASP A 81 24.25 -4.15 10.88
N LEU A 82 23.62 -3.97 9.71
CA LEU A 82 23.32 -5.10 8.85
C LEU A 82 24.64 -5.73 8.37
N LEU A 83 25.62 -4.89 8.01
CA LEU A 83 26.91 -5.35 7.50
C LEU A 83 27.70 -6.12 8.56
N ALA A 84 27.59 -5.69 9.82
CA ALA A 84 28.24 -6.36 10.94
C ALA A 84 27.46 -7.57 11.44
N SER A 85 26.30 -7.91 10.83
CA SER A 85 25.39 -8.86 11.46
C SER A 85 25.86 -10.29 11.32
N GLY A 86 26.69 -10.57 10.31
CA GLY A 86 27.02 -11.95 9.98
C GLY A 86 25.81 -12.73 9.46
N LEU A 87 24.78 -12.02 8.99
CA LEU A 87 23.56 -12.68 8.56
C LEU A 87 23.50 -12.91 7.06
N VAL A 88 24.45 -12.37 6.29
CA VAL A 88 24.23 -12.20 4.85
C VAL A 88 25.40 -12.72 4.02
N ASP A 89 25.07 -13.25 2.84
CA ASP A 89 26.02 -13.64 1.80
C ASP A 89 26.06 -12.64 0.64
N ALA A 90 25.00 -11.84 0.47
CA ALA A 90 24.90 -10.89 -0.63
C ALA A 90 23.96 -9.74 -0.25
N LEU A 91 24.20 -8.57 -0.87
CA LEU A 91 23.42 -7.36 -0.61
C LEU A 91 22.63 -6.93 -1.86
N VAL A 92 21.48 -6.28 -1.61
CA VAL A 92 20.78 -5.49 -2.60
C VAL A 92 20.58 -4.08 -2.05
N ILE A 93 21.00 -3.04 -2.80
CA ILE A 93 20.79 -1.67 -2.39
C ILE A 93 19.63 -1.09 -3.20
N ALA A 94 18.56 -0.69 -2.51
CA ALA A 94 17.40 -0.08 -3.15
C ALA A 94 16.97 1.14 -2.34
N SER A 95 17.96 1.94 -1.95
CA SER A 95 17.71 3.19 -1.25
C SER A 95 17.65 4.31 -2.28
N PRO A 96 17.35 5.56 -1.89
CA PRO A 96 17.34 6.68 -2.83
C PRO A 96 18.69 6.88 -3.51
N ASN A 97 18.61 7.38 -4.75
CA ASN A 97 19.75 7.45 -5.66
C ASN A 97 20.96 8.11 -5.01
N ASP A 98 20.75 9.22 -4.28
CA ASP A 98 21.84 10.02 -3.77
C ASP A 98 22.54 9.35 -2.60
N THR A 99 22.03 8.21 -2.14
CA THR A 99 22.62 7.48 -1.03
C THR A 99 23.46 6.31 -1.53
N HIS A 100 23.38 5.98 -2.82
CA HIS A 100 24.04 4.76 -3.30
C HIS A 100 25.55 4.80 -3.03
N LEU A 101 26.19 5.95 -3.26
CA LEU A 101 27.63 5.98 -3.17
C LEU A 101 28.08 5.76 -1.73
N GLU A 102 27.45 6.44 -0.75
CA GLU A 102 27.90 6.36 0.63
C GLU A 102 27.71 4.94 1.15
N ILE A 103 26.60 4.27 0.80
CA ILE A 103 26.39 2.89 1.20
C ILE A 103 27.48 2.02 0.60
N LEU A 104 27.74 2.18 -0.70
CA LEU A 104 28.78 1.38 -1.37
C LEU A 104 30.15 1.60 -0.69
N LYS A 105 30.49 2.85 -0.32
CA LYS A 105 31.75 3.14 0.35
C LYS A 105 31.87 2.37 1.67
N ASP A 106 30.79 2.33 2.46
CA ASP A 106 30.78 1.59 3.71
C ASP A 106 30.94 0.09 3.44
N ILE A 107 30.30 -0.46 2.40
CA ILE A 107 30.50 -1.85 2.05
C ILE A 107 31.99 -2.08 1.71
N PHE A 108 32.56 -1.23 0.87
CA PHE A 108 33.95 -1.40 0.45
C PHE A 108 34.89 -1.38 1.66
N ALA A 109 34.62 -0.50 2.63
CA ALA A 109 35.49 -0.33 3.79
C ALA A 109 35.13 -1.30 4.92
N SER A 110 34.08 -2.11 4.76
CA SER A 110 33.58 -2.95 5.84
C SER A 110 34.51 -4.13 6.06
N GLY A 111 35.20 -4.56 4.99
CA GLY A 111 36.01 -5.77 5.06
C GLY A 111 35.18 -7.04 5.01
N THR A 112 33.89 -6.96 4.66
CA THR A 112 33.03 -8.13 4.54
C THR A 112 33.15 -8.78 3.15
N ASN A 113 33.53 -7.99 2.15
CA ASN A 113 33.75 -8.52 0.81
C ASN A 113 32.47 -9.13 0.24
N LEU A 114 31.35 -8.47 0.52
CA LEU A 114 30.06 -8.97 0.10
C LEU A 114 29.78 -8.55 -1.34
N PRO A 115 29.17 -9.43 -2.14
CA PRO A 115 28.57 -9.04 -3.41
C PRO A 115 27.48 -8.00 -3.18
N VAL A 116 27.27 -7.14 -4.18
CA VAL A 116 26.29 -6.06 -4.15
C VAL A 116 25.59 -5.98 -5.51
N LEU A 117 24.26 -6.00 -5.47
CA LEU A 117 23.41 -5.52 -6.55
C LEU A 117 22.91 -4.15 -6.13
N VAL A 118 23.39 -3.11 -6.80
CA VAL A 118 23.10 -1.72 -6.44
C VAL A 118 22.15 -1.16 -7.49
N GLU A 119 21.01 -0.66 -7.04
CA GLU A 119 20.01 -0.16 -7.97
C GLU A 119 20.59 1.00 -8.78
N LYS A 120 20.02 1.16 -9.98
CA LYS A 120 20.31 2.31 -10.79
C LYS A 120 19.62 3.53 -10.19
N PRO A 121 20.10 4.74 -10.49
CA PRO A 121 21.39 4.95 -11.13
C PRO A 121 22.43 4.71 -10.07
N VAL A 122 23.60 4.27 -10.51
CA VAL A 122 24.63 3.90 -9.56
C VAL A 122 25.04 5.14 -8.75
N CYS A 123 25.00 6.33 -9.35
CA CYS A 123 25.24 7.53 -8.56
C CYS A 123 24.55 8.72 -9.24
N THR A 124 24.69 9.92 -8.66
CA THR A 124 23.85 11.04 -9.02
C THR A 124 24.62 12.32 -9.42
N SER A 125 25.95 12.31 -9.47
CA SER A 125 26.67 13.50 -9.89
C SER A 125 28.01 13.11 -10.47
N ALA A 126 28.67 14.09 -11.13
CA ALA A 126 29.98 13.89 -11.71
C ALA A 126 31.05 13.60 -10.65
N GLU A 127 30.95 14.22 -9.48
CA GLU A 127 31.91 14.01 -8.40
C GLU A 127 31.76 12.59 -7.85
N GLN A 128 30.52 12.20 -7.58
CA GLN A 128 30.23 10.86 -7.13
C GLN A 128 30.78 9.85 -8.13
N ALA A 129 30.53 10.09 -9.41
CA ALA A 129 30.96 9.15 -10.42
C ALA A 129 32.49 8.99 -10.41
N ASP A 130 33.24 10.10 -10.28
CA ASP A 130 34.69 10.07 -10.28
C ASP A 130 35.20 9.29 -9.06
N GLU A 131 34.57 9.51 -7.91
CA GLU A 131 35.00 8.84 -6.69
C GLU A 131 34.70 7.35 -6.79
N LEU A 132 33.46 6.99 -7.16
CA LEU A 132 33.10 5.58 -7.31
C LEU A 132 34.03 4.86 -8.27
N GLU A 133 34.47 5.52 -9.34
CA GLU A 133 35.38 4.92 -10.31
C GLU A 133 36.69 4.47 -9.64
N GLU A 134 37.26 5.34 -8.78
CA GLU A 134 38.50 5.02 -8.07
C GLU A 134 38.26 3.89 -7.07
N LEU A 135 37.21 4.03 -6.26
CA LEU A 135 36.92 3.09 -5.18
C LEU A 135 36.62 1.71 -5.74
N ALA A 136 35.80 1.61 -6.78
CA ALA A 136 35.32 0.32 -7.24
C ALA A 136 36.47 -0.52 -7.80
N ALA A 137 37.51 0.16 -8.34
CA ALA A 137 38.66 -0.50 -8.94
C ALA A 137 39.35 -1.44 -7.95
N THR A 138 39.44 -1.06 -6.69
CA THR A 138 40.10 -1.84 -5.65
C THR A 138 39.16 -2.83 -4.97
N TYR A 139 37.87 -2.91 -5.31
CA TYR A 139 36.97 -3.84 -4.62
C TYR A 139 36.81 -5.08 -5.50
N THR A 140 36.86 -6.27 -4.90
CA THR A 140 37.02 -7.49 -5.67
C THR A 140 35.73 -8.31 -5.72
N ALA A 141 34.78 -8.06 -4.83
CA ALA A 141 33.54 -8.84 -4.87
C ALA A 141 32.66 -8.31 -5.98
N PRO A 142 31.75 -9.14 -6.57
CA PRO A 142 30.77 -8.66 -7.55
C PRO A 142 30.04 -7.37 -7.14
N VAL A 143 30.09 -6.37 -8.03
CA VAL A 143 29.27 -5.19 -7.93
C VAL A 143 28.54 -5.07 -9.27
N TRP A 144 27.24 -5.31 -9.19
CA TRP A 144 26.35 -5.37 -10.34
C TRP A 144 25.37 -4.21 -10.22
N VAL A 145 25.23 -3.40 -11.28
CA VAL A 145 24.32 -2.28 -11.30
C VAL A 145 23.01 -2.75 -11.91
N ALA A 146 21.91 -2.51 -11.19
CA ALA A 146 20.67 -3.21 -11.44
C ALA A 146 19.85 -2.52 -12.53
N MET A 147 20.46 -2.38 -13.73
CA MET A 147 19.73 -1.96 -14.92
C MET A 147 19.26 -3.22 -15.65
N GLU A 148 18.01 -3.59 -15.43
CA GLU A 148 17.49 -4.91 -15.77
C GLU A 148 16.79 -4.95 -17.13
N TYR A 149 16.63 -3.80 -17.82
CA TYR A 149 15.71 -3.75 -18.94
C TYR A 149 16.15 -4.70 -20.05
N ARG A 150 17.46 -4.90 -20.21
CA ARG A 150 17.95 -5.77 -21.26
C ARG A 150 17.39 -7.20 -21.18
N TYR A 151 16.86 -7.62 -20.02
CA TYR A 151 16.44 -8.99 -19.81
C TYR A 151 14.95 -9.12 -20.03
N MET A 152 14.26 -8.02 -20.38
CA MET A 152 12.87 -8.15 -20.79
C MET A 152 12.88 -9.05 -22.01
N PRO A 153 12.14 -10.17 -22.04
CA PRO A 153 12.20 -11.11 -23.17
C PRO A 153 12.11 -10.45 -24.54
N PRO A 154 11.17 -9.52 -24.80
CA PRO A 154 11.13 -8.84 -26.10
C PRO A 154 12.36 -7.96 -26.35
N VAL A 155 12.90 -7.29 -25.31
CA VAL A 155 14.14 -6.53 -25.52
C VAL A 155 15.29 -7.48 -25.86
N GLN A 156 15.37 -8.64 -25.16
CA GLN A 156 16.41 -9.64 -25.46
C GLN A 156 16.36 -10.06 -26.93
N GLU A 157 15.15 -10.26 -27.48
CA GLU A 157 15.06 -10.66 -28.89
C GLU A 157 15.70 -9.61 -29.79
N ILE A 158 15.42 -8.32 -29.55
CA ILE A 158 15.92 -7.33 -30.50
C ILE A 158 17.42 -7.16 -30.32
N ILE A 159 17.95 -7.38 -29.10
CA ILE A 159 19.39 -7.29 -28.91
C ILE A 159 20.07 -8.44 -29.64
N GLN A 160 19.51 -9.65 -29.51
CA GLN A 160 20.01 -10.83 -30.22
C GLN A 160 19.98 -10.59 -31.74
N ALA A 161 18.86 -10.06 -32.23
CA ALA A 161 18.76 -9.72 -33.64
C ALA A 161 19.88 -8.76 -34.05
N ALA A 162 20.01 -7.63 -33.35
CA ALA A 162 21.03 -6.65 -33.66
C ALA A 162 22.43 -7.26 -33.67
N HIS A 163 22.79 -7.98 -32.58
CA HIS A 163 24.14 -8.50 -32.42
C HIS A 163 24.46 -9.61 -33.41
N SER A 164 23.44 -10.38 -33.82
CA SER A 164 23.65 -11.53 -34.71
C SER A 164 23.89 -11.08 -36.15
N GLY A 165 23.55 -9.83 -36.48
CA GLY A 165 23.71 -9.32 -37.83
C GLY A 165 22.45 -9.42 -38.69
N LYS A 166 21.31 -9.87 -38.14
CA LYS A 166 20.07 -9.98 -38.90
C LYS A 166 19.63 -8.61 -39.42
N LEU A 167 20.14 -7.51 -38.86
CA LEU A 167 19.72 -6.18 -39.29
C LEU A 167 20.72 -5.57 -40.26
N GLY A 168 21.85 -6.24 -40.50
CA GLY A 168 22.95 -5.62 -41.21
C GLY A 168 23.75 -4.73 -40.27
N ASN A 169 24.49 -3.77 -40.82
CA ASN A 169 25.15 -2.77 -40.01
C ASN A 169 24.10 -1.84 -39.41
N ILE A 170 24.23 -1.53 -38.12
CA ILE A 170 23.25 -0.73 -37.40
C ILE A 170 23.59 0.74 -37.52
N HIS A 171 22.57 1.58 -37.78
CA HIS A 171 22.79 3.01 -37.89
C HIS A 171 21.95 3.77 -36.88
N MET A 172 20.74 3.30 -36.54
CA MET A 172 19.81 4.11 -35.79
C MET A 172 19.13 3.28 -34.72
N LEU A 173 18.93 3.96 -33.58
CA LEU A 173 18.21 3.38 -32.47
C LEU A 173 17.34 4.44 -31.82
N SER A 174 16.03 4.16 -31.82
CA SER A 174 15.03 5.03 -31.25
C SER A 174 14.35 4.34 -30.07
N ILE A 175 14.22 5.09 -28.97
CA ILE A 175 13.56 4.60 -27.78
C ILE A 175 12.54 5.66 -27.37
N VAL A 176 11.29 5.21 -27.24
CA VAL A 176 10.20 6.08 -26.86
C VAL A 176 9.59 5.51 -25.60
N GLU A 177 9.59 6.32 -24.54
CA GLU A 177 8.88 5.96 -23.34
C GLU A 177 7.77 6.96 -23.06
N HIS A 178 6.55 6.42 -23.00
CA HIS A 178 5.35 7.20 -22.72
C HIS A 178 4.61 6.59 -21.54
N ARG A 179 4.61 7.32 -20.41
CA ARG A 179 4.17 6.76 -19.15
C ARG A 179 3.56 7.82 -18.23
N PHE A 180 3.18 7.33 -17.03
CA PHE A 180 2.54 8.12 -16.00
C PHE A 180 3.59 8.95 -15.24
N PRO A 181 3.16 9.95 -14.44
CA PRO A 181 4.10 10.75 -13.65
C PRO A 181 4.78 9.87 -12.61
N PHE A 182 5.97 10.30 -12.17
CA PHE A 182 6.70 9.64 -11.10
C PHE A 182 5.76 9.33 -9.96
N LEU A 183 5.94 8.14 -9.37
CA LEU A 183 5.14 7.67 -8.25
C LEU A 183 5.62 8.35 -6.98
N HIS A 184 4.78 8.26 -5.94
CA HIS A 184 5.08 8.84 -4.65
C HIS A 184 6.02 7.91 -3.91
N LYS A 185 7.07 8.51 -3.35
CA LYS A 185 8.12 7.79 -2.63
C LYS A 185 8.24 8.28 -1.20
N VAL A 186 9.00 7.54 -0.38
CA VAL A 186 9.18 7.99 1.00
C VAL A 186 10.08 9.24 1.03
N ASP A 187 9.60 10.24 1.78
CA ASP A 187 10.25 11.54 1.88
C ASP A 187 10.20 12.30 0.56
N ALA A 188 9.40 11.81 -0.41
CA ALA A 188 9.30 12.45 -1.71
C ALA A 188 10.65 12.68 -2.39
N TRP A 189 11.59 11.74 -2.18
CA TRP A 189 12.98 11.90 -2.64
C TRP A 189 13.06 12.10 -4.15
N ASN A 190 12.14 11.49 -4.91
CA ASN A 190 12.25 11.43 -6.34
C ASN A 190 11.69 12.68 -6.98
N ARG A 191 11.25 13.66 -6.18
CA ARG A 191 10.69 14.87 -6.74
C ARG A 191 11.77 15.92 -6.92
N PHE A 192 13.04 15.62 -6.56
CA PHE A 192 14.09 16.66 -6.61
C PHE A 192 15.36 16.18 -7.32
N ALA A 193 15.86 17.02 -8.22
CA ALA A 193 17.02 16.73 -9.03
C ALA A 193 18.25 16.42 -8.16
N GLU A 194 18.45 17.16 -7.07
CA GLU A 194 19.62 16.94 -6.23
C GLU A 194 19.67 15.50 -5.71
N ARG A 195 18.49 14.95 -5.41
CA ARG A 195 18.37 13.64 -4.81
C ARG A 195 18.37 12.53 -5.85
N THR A 196 18.04 12.86 -7.12
CA THR A 196 17.80 11.86 -8.15
C THR A 196 18.90 11.79 -9.21
N GLY A 197 19.59 12.93 -9.44
CA GLY A 197 20.44 13.13 -10.61
C GLY A 197 19.70 13.85 -11.75
N GLY A 198 18.42 14.14 -11.53
CA GLY A 198 17.55 14.63 -12.58
C GLY A 198 16.89 13.47 -13.31
N THR A 199 15.81 13.76 -14.06
CA THR A 199 14.98 12.77 -14.73
C THR A 199 15.80 11.91 -15.69
N LEU A 200 16.75 12.55 -16.40
CA LEU A 200 17.49 11.91 -17.47
C LEU A 200 18.51 10.92 -16.89
N VAL A 201 18.85 11.06 -15.62
CA VAL A 201 19.62 10.08 -14.87
C VAL A 201 18.70 9.06 -14.20
N GLU A 202 17.72 9.53 -13.43
CA GLU A 202 16.92 8.64 -12.60
C GLU A 202 16.14 7.69 -13.50
N LYS A 203 15.48 8.22 -14.53
CA LYS A 203 14.54 7.43 -15.29
C LYS A 203 15.24 6.87 -16.54
N CYS A 204 16.28 7.55 -17.03
CA CYS A 204 16.73 7.32 -18.40
C CYS A 204 18.09 6.67 -18.46
N CYS A 205 18.77 6.47 -17.33
CA CYS A 205 20.02 5.73 -17.37
C CYS A 205 19.81 4.37 -18.05
N HIS A 206 18.64 3.74 -17.85
CA HIS A 206 18.33 2.43 -18.43
C HIS A 206 18.51 2.48 -19.93
N PHE A 207 17.98 3.55 -20.53
CA PHE A 207 17.90 3.71 -21.97
C PHE A 207 19.28 4.03 -22.56
N PHE A 208 20.03 4.92 -21.89
CA PHE A 208 21.37 5.23 -22.36
C PHE A 208 22.26 3.98 -22.31
N ASP A 209 22.02 3.10 -21.32
CA ASP A 209 22.78 1.87 -21.21
C ASP A 209 22.39 0.95 -22.36
N LEU A 210 21.09 0.84 -22.66
CA LEU A 210 20.63 0.02 -23.79
C LEU A 210 21.25 0.51 -25.10
N MET A 211 21.48 1.83 -25.20
CA MET A 211 22.08 2.38 -26.41
C MET A 211 23.47 1.78 -26.54
N ARG A 212 24.28 1.83 -25.48
CA ARG A 212 25.63 1.30 -25.53
C ARG A 212 25.59 -0.20 -25.87
N LEU A 213 24.66 -0.93 -25.26
CA LEU A 213 24.61 -2.37 -25.41
C LEU A 213 24.23 -2.74 -26.85
N ILE A 214 23.19 -2.12 -27.35
CA ILE A 214 22.65 -2.46 -28.65
C ILE A 214 23.61 -2.03 -29.76
N LEU A 215 24.14 -0.81 -29.67
CA LEU A 215 24.99 -0.27 -30.71
C LEU A 215 26.40 -0.81 -30.58
N GLN A 216 26.76 -1.31 -29.39
CA GLN A 216 28.11 -1.79 -29.14
C GLN A 216 29.07 -0.65 -29.46
N ASP A 217 28.82 0.52 -28.90
CA ASP A 217 29.54 1.72 -29.27
C ASP A 217 29.51 2.70 -28.09
N GLU A 218 30.38 3.71 -28.12
CA GLU A 218 30.49 4.68 -27.04
C GLU A 218 30.01 6.03 -27.53
N PRO A 219 29.31 6.80 -26.67
CA PRO A 219 28.81 8.11 -27.06
C PRO A 219 29.91 9.18 -27.09
N THR A 220 29.78 10.14 -28.00
CA THR A 220 30.73 11.24 -28.15
C THR A 220 30.06 12.58 -27.89
N ARG A 221 28.77 12.70 -28.19
CA ARG A 221 28.06 13.96 -28.06
C ARG A 221 26.59 13.70 -27.72
N ILE A 222 26.03 14.54 -26.85
CA ILE A 222 24.62 14.46 -26.49
C ILE A 222 23.99 15.84 -26.56
N TYR A 223 22.78 15.87 -27.12
CA TYR A 223 21.91 17.03 -27.04
C TYR A 223 20.52 16.59 -26.60
N ALA A 224 19.95 17.39 -25.69
CA ALA A 224 18.62 17.14 -25.20
C ALA A 224 17.85 18.45 -25.06
N SER A 225 16.56 18.39 -25.42
CA SER A 225 15.61 19.42 -25.10
C SER A 225 14.51 18.83 -24.22
N GLY A 226 14.17 19.54 -23.13
CA GLY A 226 13.20 19.03 -22.19
C GLY A 226 12.72 20.13 -21.27
N GLY A 227 11.66 19.81 -20.50
CA GLY A 227 11.15 20.76 -19.53
C GLY A 227 10.34 20.08 -18.45
N HIS A 228 10.05 20.87 -17.41
CA HIS A 228 9.07 20.56 -16.39
C HIS A 228 7.79 21.31 -16.73
N ASP A 229 6.89 20.65 -17.47
CA ASP A 229 5.82 21.34 -18.16
C ASP A 229 4.44 21.01 -17.60
N VAL A 230 4.30 19.88 -16.90
CA VAL A 230 2.96 19.36 -16.64
C VAL A 230 2.83 18.88 -15.19
N ASN A 231 3.77 18.05 -14.70
CA ASN A 231 3.53 17.17 -13.57
C ASN A 231 3.80 17.83 -12.21
N HIS A 232 3.02 17.39 -11.19
CA HIS A 232 3.32 17.64 -9.79
C HIS A 232 3.27 19.14 -9.45
N MET A 233 2.42 19.92 -10.14
CA MET A 233 2.46 21.39 -10.01
C MET A 233 1.77 21.84 -8.71
N ASP A 234 0.77 21.08 -8.27
CA ASP A 234 0.04 21.31 -7.03
C ASP A 234 0.60 20.55 -5.83
N GLU A 235 1.72 19.83 -5.95
CA GLU A 235 2.32 19.13 -4.81
C GLU A 235 3.39 20.03 -4.17
N VAL A 236 3.15 20.42 -2.92
CA VAL A 236 4.05 21.32 -2.21
C VAL A 236 4.63 20.59 -1.01
N TYR A 237 5.94 20.73 -0.82
CA TYR A 237 6.70 19.97 0.18
C TYR A 237 7.51 20.97 0.99
N ASP A 238 6.93 21.42 2.11
CA ASP A 238 7.50 22.48 2.94
C ASP A 238 7.84 23.67 2.07
N GLY A 239 6.87 24.01 1.23
CA GLY A 239 6.94 25.20 0.39
C GLY A 239 7.77 25.02 -0.88
N LEU A 240 8.26 23.79 -1.17
CA LEU A 240 9.02 23.52 -2.40
C LEU A 240 8.20 22.67 -3.37
N ILE A 241 8.40 22.94 -4.67
CA ILE A 241 7.80 22.21 -5.77
C ILE A 241 8.89 21.33 -6.41
N SER A 242 8.48 20.24 -7.10
CA SER A 242 9.38 19.42 -7.89
C SER A 242 10.09 20.26 -8.96
N ASP A 243 11.37 19.99 -9.21
CA ASP A 243 12.14 20.63 -10.26
C ASP A 243 12.56 19.62 -11.33
N MET A 244 11.89 18.48 -11.40
CA MET A 244 12.26 17.38 -12.29
C MET A 244 11.58 17.58 -13.65
N VAL A 245 12.36 17.33 -14.71
CA VAL A 245 11.86 17.27 -16.07
C VAL A 245 10.79 16.19 -16.20
N ASP A 246 9.72 16.47 -16.98
CA ASP A 246 8.67 15.47 -17.20
C ASP A 246 8.49 15.15 -18.69
N ASN A 247 9.25 15.79 -19.58
CA ASN A 247 9.29 15.40 -20.97
C ASN A 247 10.59 15.87 -21.59
N ALA A 248 11.12 15.07 -22.51
CA ALA A 248 12.36 15.40 -23.18
C ALA A 248 12.53 14.57 -24.45
N TYR A 249 13.37 15.14 -25.33
CA TYR A 249 13.96 14.48 -26.47
C TYR A 249 15.48 14.57 -26.33
N VAL A 250 16.15 13.50 -26.74
CA VAL A 250 17.60 13.39 -26.66
C VAL A 250 18.11 12.76 -27.94
N ILE A 251 19.21 13.33 -28.45
CA ILE A 251 19.95 12.73 -29.56
C ILE A 251 21.36 12.47 -29.06
N VAL A 252 21.82 11.24 -29.32
CA VAL A 252 23.16 10.79 -28.94
C VAL A 252 23.89 10.34 -30.19
N ASP A 253 25.06 10.93 -30.42
CA ASP A 253 26.01 10.47 -31.43
C ASP A 253 27.04 9.55 -30.79
N PHE A 254 27.52 8.60 -31.59
CA PHE A 254 28.44 7.56 -31.14
C PHE A 254 29.70 7.58 -32.00
N LYS A 255 30.80 7.06 -31.41
CA LYS A 255 32.13 7.07 -31.98
C LYS A 255 32.08 6.51 -33.41
N GLY A 256 31.32 5.44 -33.63
CA GLY A 256 31.30 4.75 -34.92
C GLY A 256 30.30 5.30 -35.93
N GLY A 257 29.76 6.50 -35.70
CA GLY A 257 28.88 7.13 -36.69
C GLY A 257 27.47 6.55 -36.69
N ARG A 258 27.06 5.96 -35.58
CA ARG A 258 25.67 5.64 -35.35
C ARG A 258 25.06 6.72 -34.46
N ARG A 259 23.74 6.73 -34.39
CA ARG A 259 23.04 7.76 -33.66
C ARG A 259 21.80 7.15 -33.04
N ALA A 260 21.41 7.68 -31.87
CA ALA A 260 20.21 7.23 -31.20
C ALA A 260 19.41 8.42 -30.74
N MET A 261 18.13 8.13 -30.52
CA MET A 261 17.20 9.13 -30.06
C MET A 261 16.35 8.54 -28.95
N LEU A 262 16.17 9.34 -27.89
CA LEU A 262 15.27 9.03 -26.79
C LEU A 262 14.18 10.08 -26.69
N GLU A 263 12.95 9.56 -26.59
CA GLU A 263 11.78 10.38 -26.32
C GLU A 263 11.18 9.93 -25.01
N LEU A 264 10.99 10.90 -24.08
CA LEU A 264 10.33 10.64 -22.81
C LEU A 264 9.16 11.60 -22.61
N SER A 265 7.99 11.04 -22.26
CA SER A 265 6.88 11.78 -21.69
C SER A 265 6.39 11.06 -20.44
N MET A 266 6.35 11.81 -19.34
CA MET A 266 5.84 11.31 -18.08
C MET A 266 4.36 11.65 -17.95
N PHE A 267 3.70 12.08 -19.04
CA PHE A 267 2.28 12.39 -18.96
C PHE A 267 1.59 11.84 -20.19
N ALA A 268 1.98 10.64 -20.58
CA ALA A 268 1.42 10.00 -21.75
C ALA A 268 0.90 8.62 -21.40
N GLU A 269 0.25 8.51 -20.24
CA GLU A 269 -0.04 7.21 -19.63
C GLU A 269 -1.23 6.53 -20.29
N GLY A 270 -1.95 7.25 -21.18
CA GLY A 270 -3.01 6.68 -21.99
C GLY A 270 -2.51 5.67 -23.00
N SER A 271 -1.21 5.73 -23.32
CA SER A 271 -0.63 4.91 -24.35
C SER A 271 -0.65 3.44 -23.94
N LYS A 272 -1.30 2.61 -24.76
CA LYS A 272 -1.34 1.16 -24.53
C LYS A 272 0.06 0.59 -24.41
N PHE A 273 0.97 1.08 -25.25
CA PHE A 273 2.35 0.62 -25.20
C PHE A 273 3.19 1.70 -24.56
N GLN A 274 3.94 1.32 -23.52
CA GLN A 274 4.71 2.25 -22.71
C GLN A 274 6.08 2.49 -23.36
N GLU A 275 6.68 1.44 -23.92
CA GLU A 275 7.98 1.54 -24.56
C GLU A 275 7.85 1.09 -26.01
N ARG A 276 8.51 1.85 -26.89
CA ARG A 276 8.79 1.43 -28.23
C ARG A 276 10.28 1.56 -28.44
N ILE A 277 10.91 0.51 -28.97
CA ILE A 277 12.31 0.54 -29.34
C ILE A 277 12.42 0.05 -30.78
N SER A 278 13.04 0.86 -31.63
CA SER A 278 13.26 0.48 -33.01
C SER A 278 14.75 0.60 -33.31
N ILE A 279 15.24 -0.44 -33.99
CA ILE A 279 16.60 -0.46 -34.49
C ILE A 279 16.57 -0.54 -36.01
N VAL A 280 17.31 0.36 -36.65
CA VAL A 280 17.34 0.39 -38.09
C VAL A 280 18.76 0.10 -38.52
N GLY A 281 18.89 -0.96 -39.31
CA GLY A 281 20.15 -1.34 -39.94
C GLY A 281 20.00 -1.29 -41.45
N ASP A 282 21.12 -1.49 -42.16
CA ASP A 282 21.14 -1.33 -43.60
C ASP A 282 20.61 -2.57 -44.33
N ALA A 283 20.17 -3.59 -43.59
CA ALA A 283 19.47 -4.71 -44.21
C ALA A 283 18.05 -4.86 -43.67
N ALA A 284 17.78 -4.37 -42.47
CA ALA A 284 16.45 -4.52 -41.91
C ALA A 284 16.23 -3.59 -40.72
N LYS A 285 14.97 -3.59 -40.29
CA LYS A 285 14.49 -2.87 -39.13
C LYS A 285 13.83 -3.87 -38.19
N ILE A 286 13.96 -3.61 -36.89
CA ILE A 286 13.20 -4.38 -35.92
C ILE A 286 12.65 -3.42 -34.86
N GLU A 287 11.48 -3.77 -34.34
CA GLU A 287 10.76 -2.89 -33.43
C GLU A 287 10.03 -3.72 -32.38
N THR A 288 10.21 -3.33 -31.10
CA THR A 288 9.46 -3.95 -30.02
C THR A 288 8.55 -2.92 -29.41
N LEU A 289 7.35 -3.39 -29.05
CA LEU A 289 6.35 -2.64 -28.30
C LEU A 289 6.08 -3.38 -26.98
N ILE A 290 6.13 -2.64 -25.88
CA ILE A 290 6.00 -3.19 -24.53
C ILE A 290 4.80 -2.55 -23.84
N PRO A 291 3.79 -3.33 -23.39
CA PRO A 291 2.61 -2.77 -22.76
C PRO A 291 2.91 -2.24 -21.36
N VAL A 292 2.04 -1.33 -20.90
CA VAL A 292 2.02 -0.88 -19.53
C VAL A 292 1.88 -2.12 -18.64
N ALA A 293 2.57 -2.14 -17.49
CA ALA A 293 2.43 -3.18 -16.48
C ALA A 293 0.97 -3.31 -16.03
N ALA A 294 0.52 -4.55 -15.80
CA ALA A 294 -0.89 -4.83 -15.57
C ALA A 294 -1.46 -4.04 -14.39
N ASN A 295 -0.67 -3.81 -13.33
CA ASN A 295 -1.21 -3.12 -12.17
C ASN A 295 -1.32 -1.62 -12.40
N HIS A 296 -0.78 -1.09 -13.53
CA HIS A 296 -1.02 0.31 -13.89
C HIS A 296 -2.06 0.45 -15.01
N TRP A 297 -2.34 -0.64 -15.73
CA TRP A 297 -3.21 -0.56 -16.91
C TRP A 297 -4.65 -0.85 -16.52
N ILE A 298 -5.55 -0.88 -17.50
CA ILE A 298 -6.93 -1.31 -17.30
C ILE A 298 -6.95 -2.76 -16.82
N GLU A 299 -7.64 -3.01 -15.69
CA GLU A 299 -7.86 -4.37 -15.22
C GLU A 299 -8.84 -5.01 -16.20
N GLY A 300 -8.42 -6.08 -16.86
CA GLY A 300 -9.15 -6.53 -18.03
C GLY A 300 -8.18 -6.94 -19.15
N ASP A 301 -7.83 -5.99 -20.03
CA ASP A 301 -7.14 -6.34 -21.26
C ASP A 301 -5.64 -6.50 -21.00
N GLU A 302 -5.23 -7.76 -20.83
CA GLU A 302 -3.85 -8.16 -20.98
C GLU A 302 -3.48 -7.99 -22.45
N THR A 303 -2.54 -7.06 -22.72
CA THR A 303 -1.89 -6.96 -24.01
C THR A 303 -0.53 -7.62 -23.86
N GLU A 304 -0.09 -8.37 -24.88
CA GLU A 304 1.25 -8.93 -24.96
C GLU A 304 2.22 -7.93 -25.61
N ALA A 305 3.51 -8.10 -25.33
CA ALA A 305 4.56 -7.38 -26.05
C ALA A 305 4.73 -8.01 -27.44
N THR A 306 5.12 -7.19 -28.43
CA THR A 306 5.38 -7.66 -29.78
C THR A 306 6.80 -7.31 -30.23
N VAL A 307 7.28 -8.12 -31.18
CA VAL A 307 8.49 -7.87 -31.94
C VAL A 307 8.14 -8.04 -33.42
N GLU A 308 8.49 -7.02 -34.22
CA GLU A 308 8.21 -6.98 -35.65
C GLU A 308 9.54 -6.78 -36.38
N PHE A 309 9.82 -7.71 -37.28
CA PHE A 309 11.03 -7.72 -38.07
C PHE A 309 10.67 -7.29 -39.49
N SER A 310 11.35 -6.25 -39.99
CA SER A 310 10.97 -5.62 -41.24
C SER A 310 12.20 -5.58 -42.15
N PRO A 311 12.46 -6.64 -42.96
CA PRO A 311 13.61 -6.64 -43.87
C PRO A 311 13.38 -5.63 -44.99
N ARG A 312 14.46 -5.02 -45.48
CA ARG A 312 14.37 -4.07 -46.60
C ARG A 312 13.95 -4.81 -47.87
N SER A 313 14.52 -6.00 -48.05
CA SER A 313 14.33 -6.77 -49.26
C SER A 313 14.46 -8.25 -48.93
N PRO A 314 13.51 -9.12 -49.35
CA PRO A 314 12.25 -8.69 -49.93
C PRO A 314 11.36 -8.08 -48.85
N LEU A 315 10.45 -7.19 -49.26
CA LEU A 315 9.46 -6.66 -48.35
C LEU A 315 8.67 -7.81 -47.75
N GLY A 316 8.28 -7.66 -46.47
CA GLY A 316 7.50 -8.67 -45.80
C GLY A 316 7.80 -8.67 -44.31
N PRO A 317 7.17 -7.77 -43.54
CA PRO A 317 7.40 -7.71 -42.10
C PRO A 317 6.76 -8.92 -41.44
N GLU A 318 7.43 -9.40 -40.37
CA GLU A 318 6.97 -10.50 -39.55
C GLU A 318 6.80 -9.96 -38.13
N LYS A 319 5.59 -10.08 -37.58
CA LYS A 319 5.31 -9.66 -36.22
C LYS A 319 4.86 -10.87 -35.39
N HIS A 320 5.41 -11.00 -34.17
CA HIS A 320 4.95 -12.02 -33.23
C HIS A 320 4.90 -11.45 -31.81
N GLU A 321 4.10 -12.11 -30.97
CA GLU A 321 4.05 -11.81 -29.54
C GLU A 321 5.22 -12.47 -28.83
N VAL A 322 5.73 -11.82 -27.79
CA VAL A 322 6.72 -12.43 -26.93
C VAL A 322 6.09 -12.61 -25.55
N PRO A 323 5.67 -13.86 -25.22
CA PRO A 323 4.99 -14.12 -23.95
C PRO A 323 6.05 -14.21 -22.86
N VAL A 324 5.64 -13.78 -21.67
CA VAL A 324 6.44 -13.89 -20.47
C VAL A 324 5.71 -14.85 -19.54
N ASP A 325 6.48 -15.67 -18.80
CA ASP A 325 5.90 -16.52 -17.79
C ASP A 325 5.05 -15.68 -16.84
N GLU A 326 3.86 -16.18 -16.50
CA GLU A 326 2.83 -15.44 -15.81
C GLU A 326 3.29 -15.02 -14.41
N ALA A 327 4.07 -15.90 -13.76
CA ALA A 327 4.55 -15.64 -12.40
C ALA A 327 5.68 -14.62 -12.43
N VAL A 328 6.59 -14.77 -13.40
CA VAL A 328 7.68 -13.83 -13.62
C VAL A 328 7.10 -12.44 -13.88
N LEU A 329 6.04 -12.41 -14.70
CA LEU A 329 5.38 -11.17 -15.09
C LEU A 329 4.68 -10.55 -13.89
N ALA A 330 4.01 -11.36 -13.07
CA ALA A 330 3.23 -10.85 -11.96
C ALA A 330 4.12 -10.28 -10.85
N ALA A 331 5.38 -10.74 -10.79
CA ALA A 331 6.26 -10.41 -9.67
C ALA A 331 6.83 -8.98 -9.80
N GLY A 332 6.76 -8.35 -10.97
CA GLY A 332 7.38 -7.04 -11.16
C GLY A 332 6.65 -6.17 -12.18
N ALA A 333 7.05 -4.90 -12.25
CA ALA A 333 6.47 -3.95 -13.20
C ALA A 333 7.42 -3.64 -14.35
N HIS A 334 8.41 -4.52 -14.61
CA HIS A 334 9.41 -4.33 -15.64
C HIS A 334 9.44 -5.57 -16.54
N HIS A 335 8.26 -6.14 -16.78
CA HIS A 335 8.03 -7.11 -17.84
C HIS A 335 8.95 -8.33 -17.73
N GLY A 336 9.09 -8.88 -16.52
CA GLY A 336 9.82 -10.13 -16.28
C GLY A 336 11.33 -9.95 -16.03
N SER A 337 11.82 -8.71 -16.18
CA SER A 337 13.26 -8.47 -16.31
C SER A 337 14.00 -8.67 -14.98
N THR A 338 13.35 -8.30 -13.86
CA THR A 338 13.97 -8.36 -12.54
C THR A 338 14.31 -9.81 -12.15
N TYR A 339 13.47 -10.76 -12.58
CA TYR A 339 13.70 -12.17 -12.33
C TYR A 339 14.98 -12.66 -13.01
N TYR A 340 15.17 -12.33 -14.28
CA TYR A 340 16.36 -12.77 -14.99
C TYR A 340 17.59 -12.06 -14.43
N GLU A 341 17.41 -10.84 -13.92
CA GLU A 341 18.51 -10.11 -13.27
C GLU A 341 18.99 -10.93 -12.07
N HIS A 342 18.05 -11.48 -11.29
CA HIS A 342 18.37 -12.22 -10.07
C HIS A 342 19.06 -13.55 -10.39
N LEU A 343 18.63 -14.26 -11.43
CA LEU A 343 19.33 -15.45 -11.89
C LEU A 343 20.78 -15.10 -12.20
N GLY A 344 20.99 -13.98 -12.87
CA GLY A 344 22.33 -13.56 -13.23
C GLY A 344 23.17 -13.21 -12.01
N TYR A 345 22.56 -12.52 -11.04
CA TYR A 345 23.28 -12.08 -9.87
C TYR A 345 23.60 -13.28 -8.99
N ARG A 346 22.65 -14.23 -8.87
CA ARG A 346 22.85 -15.50 -8.16
C ARG A 346 24.11 -16.19 -8.67
N LYS A 347 24.21 -16.37 -9.98
CA LYS A 347 25.39 -17.02 -10.57
C LYS A 347 26.67 -16.25 -10.21
N ALA A 348 26.63 -14.91 -10.24
CA ALA A 348 27.77 -14.11 -9.82
C ALA A 348 28.12 -14.40 -8.35
N ILE A 349 27.13 -14.47 -7.48
CA ILE A 349 27.39 -14.67 -6.06
C ILE A 349 28.05 -16.04 -5.85
N LEU A 350 27.51 -17.06 -6.53
CA LEU A 350 28.01 -18.42 -6.46
C LEU A 350 29.34 -18.59 -7.22
N GLY A 351 29.88 -17.52 -7.82
CA GLY A 351 31.18 -17.56 -8.48
C GLY A 351 31.18 -18.33 -9.79
N GLU A 352 30.00 -18.59 -10.37
CA GLU A 352 29.85 -19.40 -11.55
C GLU A 352 29.52 -18.58 -12.80
N GLY A 353 29.29 -17.26 -12.63
CA GLY A 353 28.88 -16.39 -13.73
C GLY A 353 29.48 -15.00 -13.59
N PRO A 354 29.54 -14.20 -14.68
CA PRO A 354 30.10 -12.86 -14.59
C PRO A 354 29.07 -11.82 -14.15
N VAL A 355 29.56 -10.62 -13.79
CA VAL A 355 28.69 -9.48 -13.65
C VAL A 355 28.37 -8.93 -15.05
N ASP A 356 27.11 -9.06 -15.51
CA ASP A 356 26.72 -8.51 -16.80
C ASP A 356 26.69 -6.99 -16.87
N VAL A 357 26.23 -6.34 -15.80
CA VAL A 357 26.12 -4.90 -15.81
C VAL A 357 27.05 -4.32 -14.75
N THR A 358 28.17 -3.79 -15.19
CA THR A 358 29.26 -3.42 -14.30
C THR A 358 29.12 -2.00 -13.78
N VAL A 359 29.97 -1.65 -12.82
CA VAL A 359 30.05 -0.29 -12.34
C VAL A 359 30.27 0.65 -13.52
N ALA A 360 31.11 0.22 -14.47
CA ALA A 360 31.51 1.10 -15.55
C ALA A 360 30.30 1.36 -16.45
N ASP A 361 29.49 0.33 -16.73
CA ASP A 361 28.19 0.53 -17.36
C ASP A 361 27.35 1.55 -16.58
N GLY A 362 27.29 1.40 -15.26
CA GLY A 362 26.54 2.34 -14.43
C GLY A 362 27.05 3.76 -14.58
N LEU A 363 28.37 3.93 -14.60
CA LEU A 363 28.97 5.26 -14.64
C LEU A 363 28.74 5.93 -16.01
N GLN A 364 28.86 5.15 -17.08
CA GLN A 364 28.62 5.67 -18.43
C GLN A 364 27.17 6.12 -18.57
N SER A 365 26.20 5.29 -18.17
CA SER A 365 24.81 5.67 -18.28
C SER A 365 24.51 6.93 -17.46
N VAL A 366 25.13 7.07 -16.30
CA VAL A 366 24.93 8.24 -15.47
C VAL A 366 25.51 9.48 -16.16
N ARG A 367 26.73 9.37 -16.72
CA ARG A 367 27.41 10.52 -17.31
C ARG A 367 26.67 10.99 -18.56
N MET A 368 26.10 10.03 -19.28
CA MET A 368 25.23 10.31 -20.41
C MET A 368 24.01 11.11 -19.95
N GLY A 369 23.35 10.64 -18.88
CA GLY A 369 22.19 11.35 -18.33
C GLY A 369 22.54 12.74 -17.79
N LEU A 370 23.68 12.89 -17.11
CA LEU A 370 24.10 14.19 -16.59
C LEU A 370 24.34 15.15 -17.74
N ALA A 371 24.92 14.64 -18.82
CA ALA A 371 25.24 15.48 -19.97
C ALA A 371 23.94 15.96 -20.61
N ALA A 372 22.95 15.08 -20.67
CA ALA A 372 21.62 15.41 -21.16
C ALA A 372 20.98 16.48 -20.25
N GLU A 373 21.02 16.30 -18.93
CA GLU A 373 20.47 17.30 -18.03
C GLU A 373 21.16 18.65 -18.24
N GLN A 374 22.47 18.64 -18.49
CA GLN A 374 23.21 19.89 -18.71
C GLN A 374 22.79 20.53 -20.04
N SER A 375 22.59 19.69 -21.06
CA SER A 375 22.17 20.15 -22.38
C SER A 375 20.80 20.83 -22.31
N ILE A 376 19.88 20.24 -21.55
CA ILE A 376 18.55 20.80 -21.36
C ILE A 376 18.67 22.20 -20.80
N ILE A 377 19.54 22.37 -19.81
CA ILE A 377 19.67 23.65 -19.16
C ILE A 377 20.27 24.66 -20.14
N GLU A 378 21.34 24.28 -20.86
CA GLU A 378 22.19 25.26 -21.53
C GLU A 378 21.78 25.45 -22.98
N GLY A 379 20.90 24.59 -23.48
CA GLY A 379 20.49 24.66 -24.88
C GLY A 379 21.65 24.42 -25.85
N ARG A 380 22.69 23.68 -25.40
CA ARG A 380 23.81 23.35 -26.26
C ARG A 380 24.11 21.86 -26.15
N ALA A 381 24.74 21.30 -27.19
CA ALA A 381 25.19 19.92 -27.14
C ALA A 381 26.37 19.78 -26.18
N VAL A 382 26.49 18.61 -25.55
CA VAL A 382 27.55 18.35 -24.60
C VAL A 382 28.44 17.21 -25.09
N GLU A 383 29.77 17.40 -25.00
CA GLU A 383 30.76 16.40 -25.38
C GLU A 383 30.95 15.36 -24.28
N LEU A 384 31.41 14.16 -24.63
CA LEU A 384 31.60 13.08 -23.66
C LEU A 384 33.03 12.53 -23.72
N ALA B 22 -32.16 7.39 -7.16
CA ALA B 22 -31.34 7.46 -5.91
C ALA B 22 -30.85 8.89 -5.68
N GLN B 23 -31.23 9.49 -4.55
CA GLN B 23 -30.75 10.82 -4.22
C GLN B 23 -29.23 10.80 -4.07
N THR B 24 -28.54 11.61 -4.86
CA THR B 24 -27.11 11.72 -4.79
C THR B 24 -26.72 12.58 -3.60
N ILE B 25 -25.82 12.07 -2.76
CA ILE B 25 -25.05 12.87 -1.82
C ILE B 25 -23.60 12.95 -2.31
N ARG B 26 -23.09 14.18 -2.37
CA ARG B 26 -21.71 14.46 -2.75
C ARG B 26 -20.91 14.54 -1.45
N TYR B 27 -19.92 13.66 -1.29
CA TYR B 27 -19.12 13.61 -0.08
C TYR B 27 -17.79 14.34 -0.28
N GLY B 28 -17.40 15.14 0.70
CA GLY B 28 -16.04 15.64 0.79
C GLY B 28 -15.28 14.91 1.91
N LEU B 29 -14.08 14.39 1.62
CA LEU B 29 -13.21 13.76 2.61
C LEU B 29 -12.13 14.76 3.03
N ILE B 30 -12.06 15.05 4.34
CA ILE B 30 -10.97 15.82 4.91
C ILE B 30 -10.13 14.85 5.71
N GLY B 31 -8.93 14.58 5.19
CA GLY B 31 -8.08 13.49 5.64
C GLY B 31 -8.24 12.29 4.73
N ALA B 32 -7.20 11.90 4.01
CA ALA B 32 -7.34 10.89 2.96
C ALA B 32 -6.30 9.79 3.12
N GLY B 33 -6.25 9.22 4.33
CA GLY B 33 -5.34 8.13 4.66
C GLY B 33 -6.09 6.80 4.77
N HIS B 34 -5.60 5.96 5.67
CA HIS B 34 -6.00 4.57 5.82
C HIS B 34 -7.52 4.49 6.05
N MET B 35 -8.05 5.18 7.08
CA MET B 35 -9.47 5.07 7.40
C MET B 35 -10.33 5.74 6.32
N ALA B 36 -9.85 6.85 5.72
CA ALA B 36 -10.60 7.45 4.61
C ALA B 36 -10.85 6.41 3.52
N ARG B 37 -9.87 5.57 3.21
CA ARG B 37 -10.05 4.61 2.13
C ARG B 37 -11.09 3.55 2.49
N GLU B 38 -11.20 3.21 3.77
CA GLU B 38 -12.27 2.35 4.24
C GLU B 38 -13.62 3.05 4.08
N HIS B 39 -13.68 4.34 4.34
CA HIS B 39 -14.90 5.11 4.08
C HIS B 39 -15.29 5.04 2.61
N VAL B 40 -14.32 5.19 1.72
CA VAL B 40 -14.53 5.16 0.28
C VAL B 40 -15.16 3.83 -0.14
N ARG B 41 -14.54 2.72 0.32
CA ARG B 41 -14.97 1.38 -0.04
C ARG B 41 -16.40 1.13 0.43
N ASN B 42 -16.78 1.71 1.56
CA ASN B 42 -18.12 1.47 2.10
C ASN B 42 -19.13 2.34 1.37
N LEU B 43 -18.79 3.59 1.07
CA LEU B 43 -19.68 4.46 0.32
C LEU B 43 -19.95 3.88 -1.07
N ALA B 44 -18.98 3.14 -1.65
CA ALA B 44 -19.14 2.48 -2.93
C ALA B 44 -20.23 1.42 -2.92
N LEU B 45 -20.65 0.95 -1.74
CA LEU B 45 -21.68 -0.08 -1.64
C LEU B 45 -23.06 0.56 -1.52
N ILE B 46 -23.11 1.90 -1.45
CA ILE B 46 -24.36 2.58 -1.11
C ILE B 46 -24.78 3.45 -2.29
N PRO B 47 -25.83 3.05 -3.06
CA PRO B 47 -26.31 3.87 -4.16
C PRO B 47 -26.56 5.31 -3.72
N GLY B 48 -26.13 6.25 -4.56
CA GLY B 48 -26.34 7.66 -4.30
C GLY B 48 -25.12 8.37 -3.70
N SER B 49 -24.06 7.61 -3.43
CA SER B 49 -22.88 8.16 -2.80
C SER B 49 -21.85 8.53 -3.86
N LEU B 50 -21.44 9.79 -3.87
CA LEU B 50 -20.46 10.28 -4.83
C LEU B 50 -19.43 11.09 -4.06
N ILE B 51 -18.16 10.69 -4.18
CA ILE B 51 -17.08 11.50 -3.63
C ILE B 51 -16.78 12.56 -4.67
N THR B 52 -16.76 13.84 -4.27
CA THR B 52 -16.45 14.91 -5.20
C THR B 52 -15.16 15.63 -4.83
N ALA B 53 -14.76 15.57 -3.57
CA ALA B 53 -13.69 16.44 -3.07
C ALA B 53 -12.91 15.73 -1.95
N VAL B 54 -11.58 15.84 -2.03
CA VAL B 54 -10.70 15.23 -1.05
C VAL B 54 -9.62 16.25 -0.70
N ALA B 55 -9.45 16.54 0.59
CA ALA B 55 -8.43 17.46 1.07
C ALA B 55 -7.48 16.72 2.00
N ASP B 56 -6.18 16.87 1.73
CA ASP B 56 -5.14 16.24 2.52
C ASP B 56 -3.84 16.97 2.21
N PRO B 57 -3.05 17.41 3.21
CA PRO B 57 -1.79 18.12 2.94
C PRO B 57 -0.63 17.23 2.50
N THR B 58 -0.87 15.92 2.38
CA THR B 58 0.15 14.97 1.99
C THR B 58 -0.22 14.44 0.60
N PRO B 59 0.54 14.86 -0.43
CA PRO B 59 0.26 14.44 -1.80
C PRO B 59 0.09 12.95 -2.02
N SER B 60 0.89 12.11 -1.34
CA SER B 60 0.83 10.68 -1.56
C SER B 60 -0.49 10.12 -1.05
N SER B 61 -1.05 10.74 -0.01
CA SER B 61 -2.35 10.33 0.49
C SER B 61 -3.44 10.65 -0.52
N LEU B 62 -3.40 11.86 -1.11
CA LEU B 62 -4.37 12.18 -2.16
C LEU B 62 -4.32 11.16 -3.29
N GLU B 63 -3.11 10.78 -3.73
CA GLU B 63 -2.97 9.92 -4.87
C GLU B 63 -3.57 8.56 -4.54
N GLU B 64 -3.18 8.03 -3.38
CA GLU B 64 -3.58 6.70 -2.99
C GLU B 64 -5.10 6.66 -2.78
N THR B 65 -5.67 7.72 -2.20
CA THR B 65 -7.10 7.75 -1.96
C THR B 65 -7.85 7.91 -3.30
N ALA B 66 -7.31 8.74 -4.20
CA ALA B 66 -7.90 8.88 -5.52
C ALA B 66 -7.95 7.53 -6.25
N ARG B 67 -6.88 6.73 -6.15
CA ARG B 67 -6.85 5.44 -6.81
C ARG B 67 -7.92 4.52 -6.23
N GLU B 68 -8.08 4.56 -4.90
CA GLU B 68 -9.10 3.77 -4.21
C GLU B 68 -10.49 4.16 -4.71
N ILE B 69 -10.75 5.45 -4.87
CA ILE B 69 -12.05 5.92 -5.31
C ILE B 69 -12.32 5.40 -6.73
N GLY B 70 -11.32 5.53 -7.62
CA GLY B 70 -11.38 4.93 -8.95
C GLY B 70 -12.21 5.71 -9.96
N TYR B 71 -12.43 6.99 -9.71
CA TYR B 71 -13.14 7.88 -10.62
C TYR B 71 -12.70 9.29 -10.27
N ASP B 72 -12.94 10.24 -11.15
CA ASP B 72 -12.27 11.53 -11.04
C ASP B 72 -12.88 12.29 -9.88
N VAL B 73 -12.00 12.89 -9.05
CA VAL B 73 -12.42 13.77 -7.97
C VAL B 73 -11.52 14.99 -8.00
N GLN B 74 -11.99 16.07 -7.40
CA GLN B 74 -11.16 17.24 -7.20
C GLN B 74 -10.38 17.04 -5.91
N THR B 75 -9.09 17.37 -5.91
CA THR B 75 -8.27 17.22 -4.72
C THR B 75 -7.80 18.59 -4.26
N PHE B 76 -7.53 18.74 -2.97
CA PHE B 76 -7.11 19.99 -2.37
C PHE B 76 -6.07 19.70 -1.31
N SER B 77 -5.19 20.66 -1.05
CA SER B 77 -4.19 20.48 -0.02
C SER B 77 -4.71 21.01 1.31
N ALA B 78 -5.74 21.85 1.28
CA ALA B 78 -6.23 22.54 2.47
C ALA B 78 -7.74 22.39 2.57
N HIS B 79 -8.26 22.15 3.78
CA HIS B 79 -9.68 21.85 3.94
C HIS B 79 -10.52 23.10 3.69
N LYS B 80 -10.01 24.28 4.04
CA LYS B 80 -10.77 25.52 3.79
C LYS B 80 -11.11 25.66 2.29
N ASP B 81 -10.24 25.25 1.37
CA ASP B 81 -10.56 25.33 -0.06
C ASP B 81 -11.66 24.34 -0.42
N LEU B 82 -11.65 23.16 0.22
CA LEU B 82 -12.70 22.18 -0.03
C LEU B 82 -14.05 22.77 0.43
N LEU B 83 -14.06 23.45 1.58
CA LEU B 83 -15.28 24.02 2.14
C LEU B 83 -15.84 25.16 1.28
N ALA B 84 -14.95 25.93 0.64
CA ALA B 84 -15.35 26.98 -0.30
C ALA B 84 -15.69 26.44 -1.70
N SER B 85 -15.60 25.13 -1.94
CA SER B 85 -15.58 24.64 -3.32
C SER B 85 -16.97 24.61 -3.92
N GLY B 86 -18.01 24.57 -3.09
CA GLY B 86 -19.34 24.31 -3.59
C GLY B 86 -19.49 22.90 -4.17
N LEU B 87 -18.61 21.97 -3.81
CA LEU B 87 -18.63 20.64 -4.41
C LEU B 87 -19.35 19.60 -3.56
N VAL B 88 -19.76 19.94 -2.33
CA VAL B 88 -20.10 18.87 -1.37
C VAL B 88 -21.42 19.13 -0.66
N ASP B 89 -22.13 18.04 -0.34
CA ASP B 89 -23.33 18.04 0.50
C ASP B 89 -23.07 17.53 1.92
N ALA B 90 -21.96 16.78 2.12
CA ALA B 90 -21.62 16.20 3.40
C ALA B 90 -20.11 15.97 3.51
N LEU B 91 -19.60 16.00 4.73
CA LEU B 91 -18.17 15.83 5.01
C LEU B 91 -17.91 14.54 5.81
N VAL B 92 -16.72 13.98 5.60
CA VAL B 92 -16.15 12.97 6.48
C VAL B 92 -14.76 13.45 6.92
N ILE B 93 -14.49 13.50 8.23
CA ILE B 93 -13.20 13.90 8.74
C ILE B 93 -12.45 12.63 9.18
N ALA B 94 -11.33 12.32 8.54
CA ALA B 94 -10.50 11.19 8.90
C ALA B 94 -9.03 11.62 8.94
N SER B 95 -8.79 12.77 9.56
CA SER B 95 -7.46 13.27 9.78
C SER B 95 -6.99 12.80 11.15
N PRO B 96 -5.72 13.06 11.55
CA PRO B 96 -5.24 12.70 12.88
C PRO B 96 -6.06 13.35 13.99
N ASN B 97 -6.16 12.60 15.11
CA ASN B 97 -7.04 12.90 16.23
C ASN B 97 -6.90 14.36 16.67
N ASP B 98 -5.67 14.87 16.77
CA ASP B 98 -5.44 16.16 17.37
C ASP B 98 -5.86 17.30 16.44
N THR B 99 -6.27 16.98 15.21
CA THR B 99 -6.72 17.97 14.24
C THR B 99 -8.24 18.05 14.19
N HIS B 100 -8.95 17.11 14.83
CA HIS B 100 -10.40 17.06 14.62
C HIS B 100 -11.08 18.38 15.05
N LEU B 101 -10.66 18.94 16.19
CA LEU B 101 -11.37 20.09 16.71
C LEU B 101 -11.19 21.30 15.79
N GLU B 102 -9.95 21.55 15.30
CA GLU B 102 -9.71 22.73 14.49
C GLU B 102 -10.49 22.64 13.19
N ILE B 103 -10.54 21.45 12.55
CA ILE B 103 -11.32 21.28 11.35
C ILE B 103 -12.79 21.54 11.65
N LEU B 104 -13.33 20.95 12.71
CA LEU B 104 -14.73 21.16 13.07
C LEU B 104 -15.00 22.66 13.31
N LYS B 105 -14.08 23.40 13.97
CA LYS B 105 -14.28 24.83 14.20
C LYS B 105 -14.41 25.59 12.88
N ASP B 106 -13.57 25.25 11.89
CA ASP B 106 -13.64 25.85 10.58
C ASP B 106 -14.96 25.52 9.89
N ILE B 107 -15.44 24.28 10.00
CA ILE B 107 -16.74 23.93 9.45
C ILE B 107 -17.83 24.79 10.11
N PHE B 108 -17.82 24.89 11.44
CA PHE B 108 -18.83 25.65 12.16
C PHE B 108 -18.83 27.12 11.71
N ALA B 109 -17.65 27.69 11.48
CA ALA B 109 -17.53 29.10 11.14
C ALA B 109 -17.62 29.34 9.63
N SER B 110 -17.75 28.29 8.82
CA SER B 110 -17.68 28.40 7.38
C SER B 110 -18.98 29.01 6.84
N GLY B 111 -20.08 28.79 7.56
CA GLY B 111 -21.39 29.19 7.08
C GLY B 111 -21.96 28.26 6.01
N THR B 112 -21.34 27.08 5.79
CA THR B 112 -21.82 26.13 4.81
C THR B 112 -22.88 25.22 5.41
N ASN B 113 -22.87 25.04 6.73
CA ASN B 113 -23.93 24.29 7.40
C ASN B 113 -23.96 22.84 6.91
N LEU B 114 -22.76 22.30 6.68
CA LEU B 114 -22.65 20.96 6.14
C LEU B 114 -22.75 19.94 7.27
N PRO B 115 -23.41 18.79 7.00
CA PRO B 115 -23.29 17.62 7.87
C PRO B 115 -21.84 17.16 7.93
N VAL B 116 -21.47 16.53 9.06
CA VAL B 116 -20.12 16.05 9.33
C VAL B 116 -20.22 14.69 10.02
N LEU B 117 -19.52 13.70 9.46
CA LEU B 117 -19.11 12.49 10.16
C LEU B 117 -17.64 12.66 10.53
N VAL B 118 -17.37 12.82 11.84
CA VAL B 118 -16.04 13.10 12.34
C VAL B 118 -15.52 11.84 13.04
N GLU B 119 -14.36 11.36 12.59
CA GLU B 119 -13.80 10.13 13.13
C GLU B 119 -13.55 10.29 14.62
N LYS B 120 -13.64 9.13 15.31
CA LYS B 120 -13.24 9.09 16.70
C LYS B 120 -11.70 9.18 16.78
N PRO B 121 -11.15 9.58 17.94
CA PRO B 121 -11.92 10.19 19.01
C PRO B 121 -12.25 11.60 18.55
N VAL B 122 -13.36 12.13 19.03
CA VAL B 122 -13.81 13.41 18.57
C VAL B 122 -12.78 14.48 18.95
N CYS B 123 -12.08 14.31 20.07
CA CYS B 123 -10.99 15.22 20.40
C CYS B 123 -10.00 14.52 21.32
N THR B 124 -8.95 15.23 21.74
CA THR B 124 -7.80 14.59 22.37
C THR B 124 -7.42 15.19 23.73
N SER B 125 -8.16 16.16 24.26
CA SER B 125 -7.82 16.67 25.59
C SER B 125 -9.05 17.23 26.26
N ALA B 126 -8.92 17.51 27.57
CA ALA B 126 -10.00 18.07 28.37
C ALA B 126 -10.36 19.49 27.90
N GLU B 127 -9.36 20.28 27.47
CA GLU B 127 -9.61 21.63 26.98
C GLU B 127 -10.38 21.60 25.67
N GLN B 128 -9.92 20.75 24.76
CA GLN B 128 -10.59 20.54 23.49
C GLN B 128 -12.04 20.14 23.75
N ALA B 129 -12.23 19.19 24.65
CA ALA B 129 -13.57 18.70 24.91
C ALA B 129 -14.49 19.82 25.42
N ASP B 130 -14.00 20.69 26.32
CA ASP B 130 -14.79 21.78 26.87
C ASP B 130 -15.17 22.77 25.78
N GLU B 131 -14.23 23.08 24.89
CA GLU B 131 -14.48 24.03 23.83
C GLU B 131 -15.48 23.43 22.84
N LEU B 132 -15.25 22.20 22.38
CA LEU B 132 -16.16 21.57 21.45
C LEU B 132 -17.59 21.51 22.00
N GLU B 133 -17.73 21.29 23.31
CA GLU B 133 -19.04 21.24 23.94
C GLU B 133 -19.81 22.54 23.73
N GLU B 134 -19.13 23.69 23.93
CA GLU B 134 -19.76 25.00 23.75
C GLU B 134 -20.09 25.24 22.28
N LEU B 135 -19.09 25.02 21.40
CA LEU B 135 -19.25 25.29 19.98
C LEU B 135 -20.35 24.42 19.36
N ALA B 136 -20.36 23.12 19.67
CA ALA B 136 -21.23 22.21 18.95
C ALA B 136 -22.70 22.51 19.28
N ALA B 137 -22.95 23.09 20.47
CA ALA B 137 -24.29 23.42 20.92
C ALA B 137 -25.00 24.36 19.94
N THR B 138 -24.27 25.32 19.38
CA THR B 138 -24.80 26.30 18.45
C THR B 138 -24.81 25.83 16.99
N TYR B 139 -24.31 24.63 16.66
CA TYR B 139 -24.28 24.22 15.27
C TYR B 139 -25.47 23.30 15.02
N THR B 140 -26.16 23.48 13.88
CA THR B 140 -27.46 22.85 13.69
C THR B 140 -27.41 21.68 12.71
N ALA B 141 -26.38 21.60 11.86
CA ALA B 141 -26.32 20.48 10.94
C ALA B 141 -25.88 19.20 11.66
N PRO B 142 -26.27 18.00 11.18
CA PRO B 142 -25.79 16.73 11.75
C PRO B 142 -24.28 16.67 12.00
N VAL B 143 -23.90 16.36 13.24
CA VAL B 143 -22.51 16.07 13.61
C VAL B 143 -22.53 14.72 14.29
N TRP B 144 -21.99 13.74 13.58
CA TRP B 144 -22.01 12.35 13.96
C TRP B 144 -20.57 11.92 14.23
N VAL B 145 -20.32 11.32 15.42
CA VAL B 145 -18.99 10.85 15.77
C VAL B 145 -18.89 9.40 15.38
N ALA B 146 -17.84 9.07 14.62
CA ALA B 146 -17.83 7.83 13.83
C ALA B 146 -17.31 6.66 14.68
N MET B 147 -17.99 6.41 15.81
CA MET B 147 -17.75 5.21 16.60
C MET B 147 -18.72 4.12 16.14
N GLU B 148 -18.26 3.23 15.26
CA GLU B 148 -19.11 2.35 14.48
C GLU B 148 -19.30 0.95 15.08
N TYR B 149 -18.62 0.63 16.18
CA TYR B 149 -18.53 -0.75 16.62
C TYR B 149 -19.91 -1.31 16.94
N ARG B 150 -20.81 -0.46 17.44
CA ARG B 150 -22.13 -0.93 17.81
C ARG B 150 -22.88 -1.58 16.64
N TYR B 151 -22.47 -1.33 15.38
CA TYR B 151 -23.21 -1.81 14.23
C TYR B 151 -22.62 -3.12 13.71
N MET B 152 -21.55 -3.61 14.33
CA MET B 152 -21.08 -4.94 13.99
C MET B 152 -22.23 -5.90 14.28
N PRO B 153 -22.70 -6.70 13.30
CA PRO B 153 -23.88 -7.56 13.51
C PRO B 153 -23.87 -8.33 14.83
N PRO B 154 -22.77 -9.01 15.21
CA PRO B 154 -22.74 -9.71 16.50
C PRO B 154 -22.84 -8.75 17.68
N VAL B 155 -22.23 -7.57 17.61
CA VAL B 155 -22.36 -6.61 18.70
C VAL B 155 -23.83 -6.14 18.80
N GLN B 156 -24.47 -5.88 17.64
CA GLN B 156 -25.88 -5.50 17.60
C GLN B 156 -26.74 -6.54 18.33
N GLU B 157 -26.46 -7.83 18.11
CA GLU B 157 -27.25 -8.87 18.77
C GLU B 157 -27.16 -8.73 20.28
N ILE B 158 -25.94 -8.53 20.83
CA ILE B 158 -25.82 -8.55 22.27
C ILE B 158 -26.44 -7.28 22.85
N ILE B 159 -26.42 -6.17 22.10
CA ILE B 159 -27.03 -4.95 22.60
C ILE B 159 -28.53 -5.14 22.65
N GLN B 160 -29.09 -5.71 21.58
CA GLN B 160 -30.53 -6.01 21.52
C GLN B 160 -30.92 -6.96 22.65
N ALA B 161 -30.11 -8.00 22.88
CA ALA B 161 -30.33 -8.90 24.00
C ALA B 161 -30.37 -8.12 25.32
N ALA B 162 -29.33 -7.35 25.61
CA ALA B 162 -29.27 -6.59 26.85
C ALA B 162 -30.50 -5.68 26.99
N HIS B 163 -30.80 -4.87 25.97
CA HIS B 163 -31.85 -3.87 26.07
C HIS B 163 -33.24 -4.49 26.14
N SER B 164 -33.43 -5.66 25.53
CA SER B 164 -34.73 -6.31 25.50
C SER B 164 -35.08 -6.94 26.85
N GLY B 165 -34.09 -7.14 27.73
CA GLY B 165 -34.32 -7.78 29.01
C GLY B 165 -34.04 -9.29 29.03
N LYS B 166 -33.57 -9.88 27.92
CA LYS B 166 -33.25 -11.31 27.87
C LYS B 166 -32.19 -11.69 28.92
N LEU B 167 -31.42 -10.71 29.44
CA LEU B 167 -30.37 -11.00 30.40
C LEU B 167 -30.83 -10.75 31.83
N GLY B 168 -32.02 -10.19 32.00
CA GLY B 168 -32.42 -9.69 33.30
C GLY B 168 -31.82 -8.32 33.54
N ASN B 169 -31.71 -7.93 34.82
CA ASN B 169 -31.02 -6.70 35.16
C ASN B 169 -29.53 -6.91 34.93
N ILE B 170 -28.87 -5.92 34.31
CA ILE B 170 -27.46 -6.06 33.93
C ILE B 170 -26.58 -5.56 35.07
N HIS B 171 -25.51 -6.30 35.38
CA HIS B 171 -24.59 -5.90 36.43
C HIS B 171 -23.17 -5.72 35.89
N MET B 172 -22.77 -6.52 34.88
CA MET B 172 -21.36 -6.58 34.53
C MET B 172 -21.18 -6.59 33.02
N LEU B 173 -20.13 -5.89 32.58
CA LEU B 173 -19.75 -5.85 31.18
C LEU B 173 -18.23 -5.91 31.08
N SER B 174 -17.75 -6.92 30.37
CA SER B 174 -16.34 -7.12 30.13
C SER B 174 -16.06 -7.01 28.65
N ILE B 175 -15.00 -6.26 28.33
CA ILE B 175 -14.54 -6.12 26.95
C ILE B 175 -13.06 -6.40 26.94
N VAL B 176 -12.66 -7.35 26.09
CA VAL B 176 -11.29 -7.77 25.97
C VAL B 176 -10.91 -7.59 24.53
N GLU B 177 -9.88 -6.78 24.32
CA GLU B 177 -9.28 -6.65 23.02
C GLU B 177 -7.84 -7.12 23.05
N HIS B 178 -7.58 -8.13 22.21
CA HIS B 178 -6.25 -8.71 22.03
C HIS B 178 -5.86 -8.63 20.55
N ARG B 179 -4.87 -7.76 20.26
CA ARG B 179 -4.58 -7.41 18.88
C ARG B 179 -3.10 -7.07 18.66
N PHE B 180 -2.81 -6.71 17.40
CA PHE B 180 -1.47 -6.38 16.93
C PHE B 180 -1.10 -4.96 17.33
N PRO B 181 0.19 -4.59 17.24
CA PRO B 181 0.60 -3.22 17.56
C PRO B 181 -0.03 -2.24 16.57
N PHE B 182 -0.16 -0.98 17.01
CA PHE B 182 -0.62 0.10 16.17
C PHE B 182 0.09 0.05 14.83
N LEU B 183 -0.68 0.30 13.77
CA LEU B 183 -0.17 0.29 12.41
C LEU B 183 0.58 1.58 12.16
N HIS B 184 1.36 1.58 11.07
CA HIS B 184 2.13 2.73 10.66
C HIS B 184 1.20 3.71 9.94
N LYS B 185 1.30 4.98 10.35
CA LYS B 185 0.48 6.07 9.85
C LYS B 185 1.36 7.16 9.24
N VAL B 186 0.73 8.11 8.54
CA VAL B 186 1.53 9.17 7.93
C VAL B 186 2.03 10.11 9.03
N ASP B 187 3.34 10.43 8.96
CA ASP B 187 4.03 11.24 9.96
C ASP B 187 4.09 10.54 11.30
N ALA B 188 3.77 9.23 11.34
CA ALA B 188 3.81 8.49 12.58
C ALA B 188 2.99 9.13 13.70
N TRP B 189 1.87 9.78 13.37
CA TRP B 189 1.09 10.57 14.31
C TRP B 189 0.59 9.72 15.48
N ASN B 190 0.31 8.43 15.23
CA ASN B 190 -0.35 7.61 16.23
C ASN B 190 0.65 7.04 17.23
N ARG B 191 1.93 7.41 17.13
CA ARG B 191 2.92 6.90 18.04
C ARG B 191 3.05 7.81 19.24
N PHE B 192 2.32 8.93 19.32
CA PHE B 192 2.50 9.91 20.39
C PHE B 192 1.19 10.32 21.07
N ALA B 193 1.23 10.30 22.40
CA ALA B 193 0.08 10.62 23.22
C ALA B 193 -0.46 12.01 22.93
N GLU B 194 0.42 13.00 22.74
CA GLU B 194 -0.02 14.37 22.47
C GLU B 194 -0.93 14.43 21.24
N ARG B 195 -0.61 13.61 20.24
CA ARG B 195 -1.31 13.63 18.97
C ARG B 195 -2.57 12.76 19.00
N THR B 196 -2.64 11.81 19.93
CA THR B 196 -3.67 10.77 19.90
C THR B 196 -4.70 10.92 21.02
N GLY B 197 -4.30 11.51 22.17
CA GLY B 197 -5.06 11.45 23.41
C GLY B 197 -4.56 10.34 24.34
N GLY B 198 -3.58 9.58 23.86
CA GLY B 198 -3.18 8.37 24.54
C GLY B 198 -3.99 7.17 24.03
N THR B 199 -3.49 5.96 24.29
CA THR B 199 -4.06 4.72 23.81
C THR B 199 -5.51 4.56 24.28
N LEU B 200 -5.81 4.97 25.53
CA LEU B 200 -7.11 4.73 26.13
C LEU B 200 -8.17 5.66 25.52
N VAL B 201 -7.74 6.75 24.88
CA VAL B 201 -8.60 7.58 24.06
C VAL B 201 -8.60 7.10 22.61
N GLU B 202 -7.44 6.93 21.99
CA GLU B 202 -7.35 6.66 20.56
C GLU B 202 -8.00 5.32 20.28
N LYS B 203 -7.64 4.28 21.03
CA LYS B 203 -8.05 2.94 20.69
C LYS B 203 -9.33 2.57 21.45
N CYS B 204 -9.56 3.19 22.63
CA CYS B 204 -10.51 2.61 23.57
C CYS B 204 -11.76 3.47 23.72
N CYS B 205 -11.82 4.67 23.12
CA CYS B 205 -13.05 5.45 23.17
C CYS B 205 -14.24 4.59 22.69
N HIS B 206 -14.03 3.71 21.70
CA HIS B 206 -15.07 2.86 21.15
C HIS B 206 -15.74 2.06 22.27
N PHE B 207 -14.89 1.48 23.12
CA PHE B 207 -15.29 0.57 24.18
C PHE B 207 -15.96 1.31 25.32
N PHE B 208 -15.44 2.48 25.71
CA PHE B 208 -16.10 3.26 26.73
C PHE B 208 -17.50 3.68 26.28
N ASP B 209 -17.65 3.95 24.97
CA ASP B 209 -18.94 4.33 24.44
C ASP B 209 -19.88 3.11 24.48
N LEU B 210 -19.38 1.93 24.10
CA LEU B 210 -20.18 0.71 24.19
C LEU B 210 -20.65 0.45 25.63
N MET B 211 -19.83 0.82 26.60
CA MET B 211 -20.21 0.63 27.98
C MET B 211 -21.45 1.48 28.27
N ARG B 212 -21.42 2.76 27.89
CA ARG B 212 -22.57 3.63 28.13
C ARG B 212 -23.80 3.09 27.40
N LEU B 213 -23.62 2.62 26.18
CA LEU B 213 -24.75 2.20 25.35
C LEU B 213 -25.38 0.95 25.94
N ILE B 214 -24.54 -0.04 26.27
CA ILE B 214 -25.03 -1.31 26.74
C ILE B 214 -25.66 -1.20 28.12
N LEU B 215 -25.00 -0.48 29.02
CA LEU B 215 -25.45 -0.38 30.39
C LEU B 215 -26.56 0.66 30.51
N GLN B 216 -26.64 1.57 29.53
CA GLN B 216 -27.61 2.67 29.58
C GLN B 216 -27.39 3.42 30.88
N ASP B 217 -26.13 3.79 31.17
CA ASP B 217 -25.78 4.36 32.45
C ASP B 217 -24.57 5.29 32.25
N GLU B 218 -24.29 6.13 33.25
CA GLU B 218 -23.20 7.07 33.17
C GLU B 218 -22.11 6.67 34.15
N PRO B 219 -20.83 6.85 33.78
CA PRO B 219 -19.73 6.48 34.65
C PRO B 219 -19.52 7.51 35.77
N THR B 220 -19.08 7.00 36.93
CA THR B 220 -18.81 7.84 38.09
C THR B 220 -17.34 7.80 38.47
N ARG B 221 -16.68 6.66 38.26
CA ARG B 221 -15.30 6.46 38.67
C ARG B 221 -14.59 5.53 37.70
N ILE B 222 -13.32 5.84 37.44
CA ILE B 222 -12.49 5.00 36.59
C ILE B 222 -11.15 4.75 37.27
N TYR B 223 -10.71 3.50 37.19
CA TYR B 223 -9.35 3.12 37.52
C TYR B 223 -8.77 2.27 36.42
N ALA B 224 -7.51 2.54 36.10
CA ALA B 224 -6.80 1.80 35.07
C ALA B 224 -5.35 1.58 35.49
N SER B 225 -4.85 0.40 35.15
CA SER B 225 -3.43 0.07 35.24
C SER B 225 -2.94 -0.31 33.84
N GLY B 226 -1.81 0.25 33.46
CA GLY B 226 -1.30 -0.02 32.13
C GLY B 226 0.14 0.45 31.98
N GLY B 227 0.77 0.08 30.88
CA GLY B 227 2.14 0.46 30.61
C GLY B 227 2.47 0.44 29.12
N HIS B 228 3.62 1.03 28.80
CA HIS B 228 4.28 0.86 27.52
C HIS B 228 5.37 -0.16 27.70
N ASP B 229 5.05 -1.45 27.43
CA ASP B 229 5.89 -2.54 27.92
C ASP B 229 6.59 -3.29 26.80
N VAL B 230 6.09 -3.21 25.56
CA VAL B 230 6.52 -4.15 24.52
C VAL B 230 6.78 -3.44 23.19
N ASN B 231 5.84 -2.60 22.73
CA ASN B 231 5.74 -2.24 21.33
C ASN B 231 6.63 -1.07 20.90
N HIS B 232 7.10 -1.12 19.63
CA HIS B 232 7.71 0.03 18.96
C HIS B 232 8.98 0.51 19.67
N MET B 233 9.74 -0.39 20.29
CA MET B 233 10.88 0.01 21.12
C MET B 233 12.09 0.34 20.24
N ASP B 234 12.20 -0.31 19.06
CA ASP B 234 13.24 -0.06 18.08
C ASP B 234 12.87 1.00 17.03
N GLU B 235 11.69 1.64 17.11
CA GLU B 235 11.30 2.65 16.13
C GLU B 235 11.66 4.03 16.65
N VAL B 236 12.56 4.72 15.95
CA VAL B 236 13.04 6.03 16.39
C VAL B 236 12.67 7.06 15.34
N TYR B 237 12.14 8.19 15.81
CA TYR B 237 11.56 9.22 14.97
C TYR B 237 12.19 10.55 15.33
N ASP B 238 13.26 10.94 14.62
CA ASP B 238 14.05 12.11 14.96
C ASP B 238 14.45 12.07 16.42
N GLY B 239 14.91 10.88 16.82
CA GLY B 239 15.43 10.66 18.16
C GLY B 239 14.36 10.44 19.22
N LEU B 240 13.07 10.35 18.86
CA LEU B 240 11.98 10.07 19.80
C LEU B 240 11.43 8.67 19.62
N ILE B 241 10.98 8.08 20.73
CA ILE B 241 10.33 6.78 20.81
C ILE B 241 8.86 7.05 21.14
N SER B 242 7.97 6.09 20.78
CA SER B 242 6.57 6.15 21.16
C SER B 242 6.42 6.16 22.67
N ASP B 243 5.43 6.90 23.18
CA ASP B 243 5.09 6.97 24.60
C ASP B 243 3.69 6.44 24.85
N MET B 244 3.16 5.65 23.92
CA MET B 244 1.80 5.14 23.96
C MET B 244 1.77 3.83 24.76
N VAL B 245 0.75 3.71 25.62
CA VAL B 245 0.46 2.49 26.33
C VAL B 245 0.16 1.37 25.33
N ASP B 246 0.62 0.15 25.61
CA ASP B 246 0.35 -0.99 24.74
C ASP B 246 -0.39 -2.12 25.46
N ASN B 247 -0.64 -1.97 26.77
CA ASN B 247 -1.52 -2.90 27.47
C ASN B 247 -2.08 -2.22 28.70
N ALA B 248 -3.34 -2.56 29.01
CA ALA B 248 -4.00 -1.98 30.16
C ALA B 248 -5.22 -2.80 30.56
N TYR B 249 -5.58 -2.59 31.83
CA TYR B 249 -6.84 -3.02 32.43
C TYR B 249 -7.49 -1.77 32.99
N VAL B 250 -8.82 -1.73 32.86
CA VAL B 250 -9.64 -0.63 33.32
C VAL B 250 -10.86 -1.21 34.02
N ILE B 251 -11.22 -0.57 35.13
CA ILE B 251 -12.50 -0.81 35.77
C ILE B 251 -13.26 0.51 35.80
N VAL B 252 -14.51 0.44 35.35
CA VAL B 252 -15.42 1.59 35.37
C VAL B 252 -16.65 1.25 36.22
N ASP B 253 -16.90 2.11 37.21
CA ASP B 253 -18.14 2.11 37.97
C ASP B 253 -19.14 3.08 37.37
N PHE B 254 -20.43 2.75 37.50
CA PHE B 254 -21.51 3.51 36.93
C PHE B 254 -22.50 3.93 38.01
N LYS B 255 -23.25 5.01 37.72
CA LYS B 255 -24.19 5.65 38.64
C LYS B 255 -25.12 4.60 39.22
N GLY B 256 -25.61 3.65 38.40
CA GLY B 256 -26.62 2.70 38.82
C GLY B 256 -26.08 1.42 39.46
N GLY B 257 -24.80 1.40 39.85
CA GLY B 257 -24.27 0.24 40.57
C GLY B 257 -23.95 -0.94 39.64
N ARG B 258 -23.73 -0.64 38.36
CA ARG B 258 -23.14 -1.60 37.46
C ARG B 258 -21.67 -1.27 37.29
N ARG B 259 -20.93 -2.22 36.73
CA ARG B 259 -19.50 -2.09 36.63
C ARG B 259 -19.05 -2.76 35.35
N ALA B 260 -17.97 -2.23 34.77
CA ALA B 260 -17.43 -2.80 33.54
C ALA B 260 -15.92 -2.84 33.66
N MET B 261 -15.36 -3.71 32.81
CA MET B 261 -13.93 -3.92 32.78
C MET B 261 -13.50 -3.98 31.33
N LEU B 262 -12.40 -3.29 31.04
CA LEU B 262 -11.76 -3.33 29.75
C LEU B 262 -10.34 -3.87 29.90
N GLU B 263 -10.03 -4.85 29.04
CA GLU B 263 -8.71 -5.42 28.93
C GLU B 263 -8.19 -5.16 27.52
N LEU B 264 -7.00 -4.55 27.43
CA LEU B 264 -6.35 -4.29 26.15
C LEU B 264 -4.93 -4.83 26.16
N SER B 265 -4.59 -5.61 25.11
CA SER B 265 -3.21 -5.93 24.76
C SER B 265 -3.03 -5.66 23.27
N MET B 266 -2.03 -4.83 22.96
CA MET B 266 -1.64 -4.53 21.60
C MET B 266 -0.53 -5.49 21.17
N PHE B 267 -0.27 -6.56 21.90
CA PHE B 267 0.74 -7.52 21.49
C PHE B 267 0.22 -8.93 21.70
N ALA B 268 -1.07 -9.12 21.39
CA ALA B 268 -1.69 -10.42 21.58
C ALA B 268 -2.33 -10.89 20.27
N GLU B 269 -1.61 -10.69 19.16
CA GLU B 269 -2.19 -10.80 17.83
C GLU B 269 -2.31 -12.27 17.39
N GLY B 270 -1.74 -13.21 18.17
CA GLY B 270 -1.93 -14.64 17.92
C GLY B 270 -3.38 -15.10 18.14
N SER B 271 -4.14 -14.29 18.89
CA SER B 271 -5.48 -14.67 19.29
C SER B 271 -6.42 -14.71 18.09
N LYS B 272 -7.03 -15.88 17.83
CA LYS B 272 -8.00 -16.05 16.75
C LYS B 272 -9.11 -15.02 16.90
N PHE B 273 -9.55 -14.77 18.15
CA PHE B 273 -10.61 -13.82 18.39
C PHE B 273 -10.00 -12.57 19.00
N GLN B 274 -10.26 -11.44 18.34
CA GLN B 274 -9.64 -10.17 18.67
C GLN B 274 -10.43 -9.47 19.78
N GLU B 275 -11.75 -9.59 19.73
CA GLU B 275 -12.62 -8.98 20.73
C GLU B 275 -13.48 -10.08 21.36
N ARG B 276 -13.57 -9.98 22.69
CA ARG B 276 -14.55 -10.71 23.44
C ARG B 276 -15.34 -9.68 24.26
N ILE B 277 -16.66 -9.76 24.18
CA ILE B 277 -17.52 -8.92 25.00
C ILE B 277 -18.52 -9.84 25.70
N SER B 278 -18.57 -9.73 27.03
CA SER B 278 -19.50 -10.51 27.80
C SER B 278 -20.31 -9.56 28.68
N ILE B 279 -21.62 -9.83 28.69
CA ILE B 279 -22.53 -9.14 29.58
C ILE B 279 -23.14 -10.15 30.54
N VAL B 280 -23.12 -9.79 31.83
CA VAL B 280 -23.71 -10.67 32.83
C VAL B 280 -24.86 -9.93 33.47
N GLY B 281 -26.05 -10.53 33.35
CA GLY B 281 -27.24 -10.08 34.04
C GLY B 281 -27.72 -11.14 35.04
N ASP B 282 -28.75 -10.78 35.82
CA ASP B 282 -29.19 -11.66 36.91
C ASP B 282 -30.10 -12.78 36.40
N ALA B 283 -30.36 -12.85 35.09
CA ALA B 283 -31.05 -14.00 34.53
C ALA B 283 -30.19 -14.75 33.53
N ALA B 284 -29.22 -14.08 32.91
CA ALA B 284 -28.40 -14.76 31.92
C ALA B 284 -27.13 -14.00 31.65
N LYS B 285 -26.28 -14.68 30.87
CA LYS B 285 -25.04 -14.15 30.35
C LYS B 285 -25.08 -14.24 28.83
N ILE B 286 -24.43 -13.27 28.17
CA ILE B 286 -24.25 -13.37 26.74
C ILE B 286 -22.84 -12.93 26.40
N GLU B 287 -22.27 -13.54 25.36
CA GLU B 287 -20.86 -13.36 25.03
C GLU B 287 -20.70 -13.43 23.52
N THR B 288 -20.03 -12.41 22.96
CA THR B 288 -19.67 -12.41 21.55
C THR B 288 -18.17 -12.48 21.41
N LEU B 289 -17.75 -13.26 20.40
CA LEU B 289 -16.37 -13.38 19.99
C LEU B 289 -16.27 -12.92 18.54
N ILE B 290 -15.31 -12.03 18.26
CA ILE B 290 -15.13 -11.42 16.96
C ILE B 290 -13.75 -11.76 16.45
N PRO B 291 -13.62 -12.40 15.25
CA PRO B 291 -12.32 -12.77 14.71
C PRO B 291 -11.55 -11.55 14.21
N VAL B 292 -10.22 -11.73 14.11
CA VAL B 292 -9.33 -10.80 13.45
C VAL B 292 -9.87 -10.58 12.03
N ALA B 293 -9.78 -9.36 11.51
CA ALA B 293 -10.11 -9.06 10.12
C ALA B 293 -9.25 -9.90 9.18
N ALA B 294 -9.87 -10.36 8.08
CA ALA B 294 -9.25 -11.31 7.17
C ALA B 294 -7.89 -10.81 6.65
N ASN B 295 -7.75 -9.52 6.42
CA ASN B 295 -6.52 -9.00 5.83
C ASN B 295 -5.40 -8.93 6.87
N HIS B 296 -5.69 -9.16 8.16
CA HIS B 296 -4.64 -9.28 9.18
C HIS B 296 -4.40 -10.73 9.60
N TRP B 297 -5.33 -11.63 9.28
CA TRP B 297 -5.27 -13.01 9.77
C TRP B 297 -4.58 -13.90 8.76
N ILE B 298 -4.48 -15.20 9.06
CA ILE B 298 -4.01 -16.21 8.14
C ILE B 298 -4.90 -16.24 6.89
N GLU B 299 -4.29 -16.13 5.70
CA GLU B 299 -4.99 -16.32 4.43
C GLU B 299 -5.37 -17.80 4.35
N GLY B 300 -6.67 -18.08 4.29
CA GLY B 300 -7.14 -19.43 4.52
C GLY B 300 -8.38 -19.44 5.40
N ASP B 301 -8.18 -19.54 6.73
CA ASP B 301 -9.29 -19.85 7.63
C ASP B 301 -10.08 -18.59 7.95
N GLU B 302 -11.18 -18.40 7.21
CA GLU B 302 -12.26 -17.54 7.64
C GLU B 302 -12.91 -18.19 8.86
N THR B 303 -12.83 -17.53 10.00
CA THR B 303 -13.65 -17.82 11.16
C THR B 303 -14.77 -16.79 11.19
N GLU B 304 -15.99 -17.20 11.54
CA GLU B 304 -17.10 -16.29 11.78
C GLU B 304 -17.14 -15.87 13.24
N ALA B 305 -17.80 -14.74 13.51
CA ALA B 305 -18.10 -14.29 14.85
C ALA B 305 -19.22 -15.14 15.43
N THR B 306 -19.18 -15.33 16.76
CA THR B 306 -20.20 -16.10 17.47
C THR B 306 -20.85 -15.27 18.58
N VAL B 307 -22.07 -15.65 18.89
CA VAL B 307 -22.82 -15.18 20.04
C VAL B 307 -23.34 -16.40 20.79
N GLU B 308 -23.05 -16.44 22.10
CA GLU B 308 -23.43 -17.52 22.98
C GLU B 308 -24.26 -16.95 24.13
N PHE B 309 -25.47 -17.47 24.25
CA PHE B 309 -26.45 -17.06 25.23
C PHE B 309 -26.51 -18.13 26.32
N SER B 310 -26.29 -17.70 27.58
CA SER B 310 -26.10 -18.65 28.66
C SER B 310 -27.08 -18.32 29.78
N PRO B 311 -28.33 -18.85 29.75
CA PRO B 311 -29.31 -18.57 30.81
C PRO B 311 -28.86 -19.25 32.11
N ARG B 312 -29.14 -18.63 33.25
CA ARG B 312 -28.82 -19.19 34.57
C ARG B 312 -29.65 -20.45 34.81
N SER B 313 -30.92 -20.39 34.39
CA SER B 313 -31.85 -21.46 34.67
C SER B 313 -32.91 -21.51 33.56
N PRO B 314 -33.20 -22.68 32.95
CA PRO B 314 -32.39 -23.88 33.13
C PRO B 314 -31.05 -23.72 32.42
N LEU B 315 -30.04 -24.43 32.89
CA LEU B 315 -28.76 -24.48 32.24
C LEU B 315 -28.97 -24.96 30.81
N GLY B 316 -28.19 -24.42 29.87
CA GLY B 316 -28.32 -24.74 28.46
C GLY B 316 -27.90 -23.57 27.59
N PRO B 317 -26.58 -23.39 27.40
CA PRO B 317 -26.09 -22.30 26.56
C PRO B 317 -26.40 -22.61 25.09
N GLU B 318 -26.67 -21.55 24.33
CA GLU B 318 -26.94 -21.61 22.91
C GLU B 318 -25.92 -20.73 22.21
N LYS B 319 -25.16 -21.31 21.29
CA LYS B 319 -24.16 -20.59 20.51
C LYS B 319 -24.51 -20.67 19.03
N HIS B 320 -24.44 -19.52 18.33
CA HIS B 320 -24.59 -19.49 16.88
C HIS B 320 -23.58 -18.51 16.28
N GLU B 321 -23.30 -18.70 14.98
CA GLU B 321 -22.51 -17.77 14.20
C GLU B 321 -23.36 -16.59 13.75
N VAL B 322 -22.74 -15.41 13.65
CA VAL B 322 -23.41 -14.25 13.09
C VAL B 322 -22.70 -13.86 11.81
N PRO B 323 -23.29 -14.20 10.65
CA PRO B 323 -22.62 -13.98 9.36
C PRO B 323 -22.79 -12.51 8.98
N VAL B 324 -21.78 -12.00 8.28
CA VAL B 324 -21.82 -10.68 7.69
C VAL B 324 -21.82 -10.84 6.18
N ASP B 325 -22.55 -9.96 5.47
CA ASP B 325 -22.52 -9.97 4.02
C ASP B 325 -21.07 -9.85 3.54
N GLU B 326 -20.70 -10.65 2.54
CA GLU B 326 -19.31 -10.82 2.11
C GLU B 326 -18.72 -9.50 1.61
N ALA B 327 -19.53 -8.68 0.93
CA ALA B 327 -19.08 -7.41 0.38
C ALA B 327 -18.92 -6.37 1.48
N VAL B 328 -19.88 -6.34 2.41
CA VAL B 328 -19.83 -5.48 3.58
C VAL B 328 -18.58 -5.80 4.38
N LEU B 329 -18.30 -7.10 4.52
CA LEU B 329 -17.19 -7.58 5.32
C LEU B 329 -15.87 -7.22 4.62
N ALA B 330 -15.82 -7.40 3.29
CA ALA B 330 -14.59 -7.18 2.56
C ALA B 330 -14.21 -5.71 2.52
N ALA B 331 -15.19 -4.81 2.67
CA ALA B 331 -14.97 -3.38 2.48
C ALA B 331 -14.24 -2.73 3.67
N GLY B 332 -14.16 -3.39 4.83
CA GLY B 332 -13.52 -2.78 5.98
C GLY B 332 -12.90 -3.80 6.94
N ALA B 333 -12.21 -3.29 7.95
CA ALA B 333 -11.57 -4.12 8.95
C ALA B 333 -12.31 -4.06 10.29
N HIS B 334 -13.58 -3.65 10.28
CA HIS B 334 -14.38 -3.48 11.50
C HIS B 334 -15.67 -4.30 11.37
N HIS B 335 -15.56 -5.46 10.76
CA HIS B 335 -16.58 -6.50 10.80
C HIS B 335 -17.94 -5.98 10.31
N GLY B 336 -17.95 -5.26 9.18
CA GLY B 336 -19.16 -4.80 8.51
C GLY B 336 -19.73 -3.47 9.03
N SER B 337 -19.16 -2.95 10.13
CA SER B 337 -19.80 -1.91 10.92
C SER B 337 -19.81 -0.56 10.19
N THR B 338 -18.75 -0.27 9.41
CA THR B 338 -18.60 1.01 8.72
C THR B 338 -19.72 1.22 7.68
N TYR B 339 -20.14 0.13 7.04
CA TYR B 339 -21.24 0.17 6.09
C TYR B 339 -22.55 0.61 6.75
N TYR B 340 -22.90 0.02 7.89
CA TYR B 340 -24.14 0.39 8.57
C TYR B 340 -24.03 1.82 9.11
N GLU B 341 -22.80 2.24 9.46
CA GLU B 341 -22.58 3.62 9.89
C GLU B 341 -22.97 4.59 8.76
N HIS B 342 -22.59 4.25 7.51
CA HIS B 342 -22.85 5.10 6.35
C HIS B 342 -24.35 5.15 6.01
N LEU B 343 -25.06 4.03 6.10
CA LEU B 343 -26.51 4.04 5.95
C LEU B 343 -27.13 5.02 6.95
N GLY B 344 -26.66 4.97 8.18
CA GLY B 344 -27.20 5.84 9.22
C GLY B 344 -26.88 7.31 8.93
N TYR B 345 -25.66 7.58 8.47
CA TYR B 345 -25.25 8.95 8.21
C TYR B 345 -26.00 9.51 7.02
N ARG B 346 -26.18 8.68 5.98
CA ARG B 346 -26.96 9.02 4.78
C ARG B 346 -28.35 9.52 5.18
N LYS B 347 -29.06 8.72 6.00
CA LYS B 347 -30.39 9.10 6.48
C LYS B 347 -30.36 10.46 7.22
N ALA B 348 -29.32 10.67 8.06
CA ALA B 348 -29.16 11.95 8.73
C ALA B 348 -29.02 13.09 7.71
N ILE B 349 -28.18 12.89 6.69
CA ILE B 349 -27.91 13.97 5.73
C ILE B 349 -29.21 14.30 4.98
N LEU B 350 -29.95 13.25 4.57
CA LEU B 350 -31.21 13.40 3.85
C LEU B 350 -32.34 13.91 4.76
N GLY B 351 -32.08 14.12 6.08
CA GLY B 351 -33.07 14.65 7.01
C GLY B 351 -34.19 13.65 7.31
N GLU B 352 -33.94 12.36 7.09
CA GLU B 352 -34.93 11.32 7.33
C GLU B 352 -34.60 10.48 8.57
N GLY B 353 -33.45 10.73 9.22
CA GLY B 353 -33.02 9.92 10.35
C GLY B 353 -32.23 10.73 11.37
N PRO B 354 -32.07 10.22 12.61
CA PRO B 354 -31.32 10.95 13.62
C PRO B 354 -29.81 10.65 13.54
N VAL B 355 -29.03 11.50 14.20
CA VAL B 355 -27.65 11.16 14.51
C VAL B 355 -27.64 10.17 15.69
N ASP B 356 -27.26 8.91 15.44
CA ASP B 356 -27.14 7.92 16.51
C ASP B 356 -26.01 8.18 17.50
N VAL B 357 -24.85 8.64 17.01
CA VAL B 357 -23.70 8.84 17.87
C VAL B 357 -23.35 10.32 17.87
N THR B 358 -23.70 11.00 18.94
CA THR B 358 -23.66 12.44 19.00
C THR B 358 -22.30 12.95 19.48
N VAL B 359 -22.11 14.26 19.39
CA VAL B 359 -20.93 14.91 19.95
C VAL B 359 -20.82 14.54 21.41
N ALA B 360 -21.96 14.46 22.11
CA ALA B 360 -21.94 14.27 23.55
C ALA B 360 -21.44 12.86 23.84
N ASP B 361 -21.89 11.87 23.07
CA ASP B 361 -21.29 10.54 23.11
C ASP B 361 -19.78 10.61 22.90
N GLY B 362 -19.34 11.36 21.89
CA GLY B 362 -17.92 11.49 21.63
C GLY B 362 -17.17 12.07 22.82
N LEU B 363 -17.74 13.09 23.44
CA LEU B 363 -17.07 13.77 24.54
C LEU B 363 -17.01 12.89 25.81
N GLN B 364 -18.08 12.14 26.09
CA GLN B 364 -18.09 11.21 27.21
C GLN B 364 -17.03 10.14 27.04
N SER B 365 -16.98 9.49 25.87
CA SER B 365 -15.99 8.45 25.64
C SER B 365 -14.57 9.01 25.76
N VAL B 366 -14.35 10.23 25.31
CA VAL B 366 -13.03 10.83 25.39
C VAL B 366 -12.69 11.11 26.86
N ARG B 367 -13.64 11.63 27.64
CA ARG B 367 -13.35 12.01 29.01
C ARG B 367 -13.09 10.77 29.87
N MET B 368 -13.80 9.69 29.54
CA MET B 368 -13.56 8.40 30.15
C MET B 368 -12.13 7.94 29.85
N GLY B 369 -11.72 8.00 28.58
CA GLY B 369 -10.36 7.66 28.18
C GLY B 369 -9.28 8.53 28.82
N LEU B 370 -9.52 9.85 28.92
CA LEU B 370 -8.56 10.74 29.55
C LEU B 370 -8.40 10.41 31.04
N ALA B 371 -9.54 10.07 31.67
CA ALA B 371 -9.51 9.74 33.08
C ALA B 371 -8.71 8.46 33.29
N ALA B 372 -8.85 7.51 32.36
CA ALA B 372 -8.10 6.26 32.38
C ALA B 372 -6.61 6.53 32.20
N GLU B 373 -6.25 7.36 31.21
CA GLU B 373 -4.84 7.71 31.01
C GLU B 373 -4.27 8.36 32.28
N GLN B 374 -5.08 9.19 32.95
CA GLN B 374 -4.62 9.87 34.16
C GLN B 374 -4.43 8.87 35.30
N SER B 375 -5.35 7.90 35.39
CA SER B 375 -5.30 6.88 36.42
C SER B 375 -4.04 6.03 36.27
N ILE B 376 -3.71 5.67 35.02
CA ILE B 376 -2.51 4.90 34.73
C ILE B 376 -1.29 5.64 35.27
N ILE B 377 -1.23 6.94 35.05
CA ILE B 377 -0.07 7.71 35.48
C ILE B 377 -0.03 7.79 37.01
N GLU B 378 -1.17 8.05 37.65
CA GLU B 378 -1.18 8.46 39.04
C GLU B 378 -1.37 7.27 39.99
N GLY B 379 -1.74 6.11 39.45
CA GLY B 379 -2.00 4.95 40.27
C GLY B 379 -3.18 5.13 41.23
N ARG B 380 -4.11 6.04 40.89
CA ARG B 380 -5.29 6.27 41.71
C ARG B 380 -6.53 6.28 40.82
N ALA B 381 -7.69 5.99 41.43
CA ALA B 381 -8.95 6.09 40.72
C ALA B 381 -9.29 7.54 40.44
N VAL B 382 -10.00 7.81 39.34
CA VAL B 382 -10.37 9.15 38.94
C VAL B 382 -11.89 9.27 38.88
N GLU B 383 -12.44 10.36 39.46
CA GLU B 383 -13.87 10.65 39.46
C GLU B 383 -14.30 11.28 38.13
N LEU B 384 -15.58 11.14 37.76
CA LEU B 384 -16.10 11.69 36.52
C LEU B 384 -17.29 12.65 36.76
N ALA C 22 -19.32 23.95 -64.58
CA ALA C 22 -18.01 24.17 -63.90
C ALA C 22 -17.12 25.09 -64.74
N GLN C 23 -16.72 26.23 -64.14
CA GLN C 23 -15.79 27.15 -64.76
C GLN C 23 -14.50 26.41 -65.11
N THR C 24 -14.10 26.53 -66.37
CA THR C 24 -12.83 25.99 -66.84
C THR C 24 -11.69 26.86 -66.34
N ILE C 25 -10.69 26.23 -65.71
CA ILE C 25 -9.36 26.80 -65.52
C ILE C 25 -8.38 26.05 -66.42
N ARG C 26 -7.60 26.84 -67.18
CA ARG C 26 -6.56 26.34 -68.07
C ARG C 26 -5.25 26.33 -67.28
N TYR C 27 -4.65 25.15 -67.13
CA TYR C 27 -3.42 25.00 -66.34
C TYR C 27 -2.21 24.95 -67.26
N GLY C 28 -1.15 25.66 -66.86
CA GLY C 28 0.16 25.44 -67.48
C GLY C 28 1.10 24.75 -66.49
N LEU C 29 1.76 23.68 -66.91
CA LEU C 29 2.75 22.97 -66.10
C LEU C 29 4.14 23.38 -66.56
N ILE C 30 4.95 23.88 -65.61
CA ILE C 30 6.36 24.11 -65.86
C ILE C 30 7.13 23.07 -65.07
N GLY C 31 7.75 22.14 -65.79
CA GLY C 31 8.33 20.91 -65.25
C GLY C 31 7.37 19.77 -65.48
N ALA C 32 7.79 18.76 -66.26
CA ALA C 32 6.88 17.71 -66.69
C ALA C 32 7.45 16.34 -66.41
N GLY C 33 7.84 16.13 -65.16
CA GLY C 33 8.43 14.87 -64.72
C GLY C 33 7.47 14.13 -63.80
N HIS C 34 8.08 13.44 -62.83
CA HIS C 34 7.39 12.54 -61.93
C HIS C 34 6.21 13.23 -61.22
N MET C 35 6.50 14.31 -60.48
CA MET C 35 5.47 14.97 -59.69
C MET C 35 4.46 15.68 -60.60
N ALA C 36 4.91 16.22 -61.73
CA ALA C 36 3.96 16.82 -62.66
C ALA C 36 2.88 15.82 -63.05
N ARG C 37 3.27 14.54 -63.28
CA ARG C 37 2.29 13.57 -63.71
C ARG C 37 1.27 13.28 -62.61
N GLU C 38 1.70 13.35 -61.35
CA GLU C 38 0.79 13.24 -60.22
C GLU C 38 -0.18 14.44 -60.24
N HIS C 39 0.31 15.64 -60.54
CA HIS C 39 -0.57 16.79 -60.68
C HIS C 39 -1.62 16.55 -61.77
N VAL C 40 -1.20 15.99 -62.90
CA VAL C 40 -2.10 15.68 -64.02
C VAL C 40 -3.24 14.78 -63.60
N ARG C 41 -2.87 13.67 -62.95
CA ARG C 41 -3.82 12.66 -62.52
C ARG C 41 -4.83 13.23 -61.53
N ASN C 42 -4.39 14.18 -60.70
CA ASN C 42 -5.27 14.76 -59.71
C ASN C 42 -6.20 15.79 -60.36
N LEU C 43 -5.67 16.61 -61.27
CA LEU C 43 -6.52 17.59 -61.95
C LEU C 43 -7.60 16.89 -62.78
N ALA C 44 -7.32 15.66 -63.27
CA ALA C 44 -8.29 14.87 -64.00
C ALA C 44 -9.52 14.52 -63.17
N LEU C 45 -9.41 14.58 -61.84
CA LEU C 45 -10.51 14.23 -60.96
C LEU C 45 -11.38 15.45 -60.66
N ILE C 46 -10.98 16.63 -61.15
CA ILE C 46 -11.63 17.87 -60.73
C ILE C 46 -12.29 18.51 -61.96
N PRO C 47 -13.63 18.50 -62.06
CA PRO C 47 -14.32 19.18 -63.15
C PRO C 47 -13.84 20.62 -63.33
N GLY C 48 -13.62 21.00 -64.58
CA GLY C 48 -13.22 22.35 -64.92
C GLY C 48 -11.71 22.50 -65.16
N SER C 49 -10.94 21.43 -64.95
CA SER C 49 -9.50 21.49 -65.03
C SER C 49 -9.03 21.07 -66.40
N LEU C 50 -8.34 21.96 -67.12
CA LEU C 50 -7.87 21.68 -68.45
C LEU C 50 -6.41 22.09 -68.52
N ILE C 51 -5.54 21.12 -68.84
CA ILE C 51 -4.14 21.42 -69.10
C ILE C 51 -4.07 21.91 -70.53
N THR C 52 -3.46 23.08 -70.75
CA THR C 52 -3.32 23.61 -72.10
C THR C 52 -1.85 23.71 -72.51
N ALA C 53 -0.93 23.76 -71.53
CA ALA C 53 0.46 24.08 -71.82
C ALA C 53 1.40 23.36 -70.86
N VAL C 54 2.50 22.81 -71.41
CA VAL C 54 3.49 22.09 -70.65
C VAL C 54 4.86 22.53 -71.14
N ALA C 55 5.75 22.97 -70.22
CA ALA C 55 7.10 23.37 -70.57
C ALA C 55 8.10 22.49 -69.83
N ASP C 56 9.08 21.94 -70.55
CA ASP C 56 10.13 21.12 -69.97
C ASP C 56 11.27 21.05 -70.98
N PRO C 57 12.55 21.30 -70.58
CA PRO C 57 13.68 21.25 -71.51
C PRO C 57 14.14 19.85 -71.88
N THR C 58 13.49 18.81 -71.35
CA THR C 58 13.82 17.44 -71.68
C THR C 58 12.68 16.84 -72.50
N PRO C 59 12.89 16.66 -73.82
CA PRO C 59 11.87 16.08 -74.70
C PRO C 59 11.17 14.81 -74.22
N SER C 60 11.89 13.88 -73.60
CA SER C 60 11.27 12.62 -73.17
C SER C 60 10.29 12.86 -72.02
N SER C 61 10.55 13.89 -71.23
CA SER C 61 9.59 14.27 -70.18
C SER C 61 8.30 14.78 -70.80
N LEU C 62 8.41 15.68 -71.80
CA LEU C 62 7.21 16.15 -72.48
C LEU C 62 6.41 14.98 -73.05
N GLU C 63 7.07 13.99 -73.66
CA GLU C 63 6.35 12.90 -74.31
C GLU C 63 5.58 12.11 -73.24
N GLU C 64 6.28 11.74 -72.17
CA GLU C 64 5.72 10.91 -71.13
C GLU C 64 4.58 11.66 -70.43
N THR C 65 4.73 12.97 -70.21
CA THR C 65 3.69 13.73 -69.54
C THR C 65 2.50 13.89 -70.49
N ALA C 66 2.76 14.12 -71.78
CA ALA C 66 1.68 14.22 -72.75
C ALA C 66 0.83 12.93 -72.75
N ARG C 67 1.48 11.76 -72.70
CA ARG C 67 0.77 10.49 -72.69
C ARG C 67 -0.11 10.39 -71.44
N GLU C 68 0.44 10.81 -70.29
CA GLU C 68 -0.31 10.82 -69.04
C GLU C 68 -1.55 11.70 -69.17
N ILE C 69 -1.41 12.89 -69.78
CA ILE C 69 -2.53 13.81 -69.90
C ILE C 69 -3.62 13.19 -70.76
N GLY C 70 -3.22 12.59 -71.90
CA GLY C 70 -4.13 11.82 -72.74
C GLY C 70 -5.08 12.67 -73.60
N TYR C 71 -4.70 13.91 -73.88
CA TYR C 71 -5.45 14.79 -74.76
C TYR C 71 -4.46 15.87 -75.21
N ASP C 72 -4.80 16.59 -76.27
CA ASP C 72 -3.82 17.42 -76.93
C ASP C 72 -3.49 18.62 -76.04
N VAL C 73 -2.20 18.91 -75.91
CA VAL C 73 -1.71 20.11 -75.25
C VAL C 73 -0.62 20.70 -76.12
N GLN C 74 -0.35 21.99 -75.94
CA GLN C 74 0.78 22.64 -76.54
C GLN C 74 1.97 22.42 -75.61
N THR C 75 3.12 22.08 -76.16
CA THR C 75 4.31 21.82 -75.37
C THR C 75 5.36 22.88 -75.72
N PHE C 76 6.27 23.16 -74.79
CA PHE C 76 7.30 24.15 -74.95
C PHE C 76 8.56 23.64 -74.30
N SER C 77 9.71 24.05 -74.81
CA SER C 77 10.98 23.67 -74.20
C SER C 77 11.39 24.67 -73.13
N ALA C 78 10.81 25.88 -73.16
CA ALA C 78 11.21 26.96 -72.26
C ALA C 78 9.99 27.55 -71.58
N HIS C 79 10.08 27.84 -70.27
CA HIS C 79 8.94 28.32 -69.51
C HIS C 79 8.53 29.73 -69.97
N LYS C 80 9.49 30.58 -70.39
CA LYS C 80 9.15 31.93 -70.81
C LYS C 80 8.17 31.87 -71.99
N ASP C 81 8.30 30.88 -72.89
CA ASP C 81 7.37 30.77 -74.00
C ASP C 81 5.98 30.38 -73.52
N LEU C 82 5.92 29.53 -72.50
CA LEU C 82 4.64 29.16 -71.93
C LEU C 82 3.96 30.38 -71.31
N LEU C 83 4.74 31.23 -70.60
CA LEU C 83 4.21 32.43 -69.95
C LEU C 83 3.66 33.44 -70.95
N ALA C 84 4.31 33.53 -72.13
CA ALA C 84 3.88 34.41 -73.20
C ALA C 84 2.80 33.76 -74.07
N SER C 85 2.31 32.57 -73.74
CA SER C 85 1.49 31.84 -74.70
C SER C 85 0.06 32.38 -74.76
N GLY C 86 -0.38 33.01 -73.68
CA GLY C 86 -1.80 33.32 -73.51
C GLY C 86 -2.70 32.08 -73.47
N LEU C 87 -2.12 30.92 -73.10
CA LEU C 87 -2.89 29.69 -73.13
C LEU C 87 -3.42 29.31 -71.74
N VAL C 88 -3.03 30.04 -70.69
CA VAL C 88 -3.17 29.54 -69.33
C VAL C 88 -3.80 30.57 -68.41
N ASP C 89 -4.55 30.07 -67.42
CA ASP C 89 -5.14 30.84 -66.33
C ASP C 89 -4.40 30.64 -65.00
N ALA C 90 -3.61 29.55 -64.90
CA ALA C 90 -2.91 29.21 -63.67
C ALA C 90 -1.70 28.33 -64.00
N LEU C 91 -0.68 28.39 -63.15
CA LEU C 91 0.55 27.64 -63.34
C LEU C 91 0.76 26.63 -62.21
N VAL C 92 1.48 25.55 -62.55
CA VAL C 92 2.04 24.63 -61.57
C VAL C 92 3.52 24.47 -61.88
N ILE C 93 4.41 24.69 -60.90
CA ILE C 93 5.84 24.51 -61.12
C ILE C 93 6.27 23.22 -60.44
N ALA C 94 6.78 22.27 -61.21
CA ALA C 94 7.24 20.97 -60.71
C ALA C 94 8.58 20.62 -61.34
N SER C 95 9.46 21.61 -61.42
CA SER C 95 10.82 21.46 -61.88
C SER C 95 11.72 21.20 -60.68
N PRO C 96 13.02 20.94 -60.86
CA PRO C 96 13.93 20.71 -59.74
C PRO C 96 14.01 21.92 -58.80
N ASN C 97 14.27 21.61 -57.53
CA ASN C 97 14.21 22.55 -56.42
C ASN C 97 14.99 23.81 -56.71
N ASP C 98 16.20 23.68 -57.27
CA ASP C 98 17.08 24.84 -57.40
C ASP C 98 16.64 25.76 -58.52
N THR C 99 15.60 25.37 -59.29
CA THR C 99 15.08 26.19 -60.37
C THR C 99 13.85 26.97 -59.93
N HIS C 100 13.28 26.67 -58.76
CA HIS C 100 12.03 27.31 -58.37
C HIS C 100 12.15 28.84 -58.31
N LEU C 101 13.25 29.37 -57.76
CA LEU C 101 13.33 30.81 -57.60
C LEU C 101 13.38 31.52 -58.95
N GLU C 102 14.19 31.02 -59.90
CA GLU C 102 14.34 31.71 -61.17
C GLU C 102 13.02 31.68 -61.95
N ILE C 103 12.29 30.56 -61.94
CA ILE C 103 10.99 30.50 -62.58
C ILE C 103 10.03 31.49 -61.92
N LEU C 104 9.99 31.52 -60.60
CA LEU C 104 9.12 32.45 -59.89
C LEU C 104 9.47 33.90 -60.23
N LYS C 105 10.75 34.23 -60.33
CA LYS C 105 11.17 35.60 -60.66
C LYS C 105 10.64 36.01 -62.02
N ASP C 106 10.71 35.11 -62.99
CA ASP C 106 10.22 35.34 -64.34
C ASP C 106 8.71 35.56 -64.30
N ILE C 107 7.98 34.76 -63.49
CA ILE C 107 6.54 34.95 -63.37
C ILE C 107 6.26 36.33 -62.79
N PHE C 108 6.96 36.70 -61.72
CA PHE C 108 6.72 37.98 -61.06
C PHE C 108 6.96 39.15 -62.01
N ALA C 109 7.98 39.05 -62.87
CA ALA C 109 8.32 40.13 -63.79
C ALA C 109 7.54 40.04 -65.11
N SER C 110 6.71 39.01 -65.30
CA SER C 110 6.15 38.71 -66.60
C SER C 110 5.05 39.68 -66.95
N GLY C 111 4.39 40.23 -65.93
CA GLY C 111 3.20 41.05 -66.13
C GLY C 111 1.96 40.24 -66.50
N THR C 112 1.99 38.90 -66.30
CA THR C 112 0.83 38.05 -66.60
C THR C 112 -0.11 37.96 -65.39
N ASN C 113 0.42 38.18 -64.19
CA ASN C 113 -0.40 38.15 -62.99
C ASN C 113 -1.06 36.77 -62.81
N LEU C 114 -0.34 35.71 -63.16
CA LEU C 114 -0.89 34.38 -63.09
C LEU C 114 -0.73 33.83 -61.68
N PRO C 115 -1.76 33.10 -61.20
CA PRO C 115 -1.62 32.28 -60.00
C PRO C 115 -0.55 31.21 -60.23
N VAL C 116 0.11 30.79 -59.13
CA VAL C 116 1.17 29.80 -59.14
C VAL C 116 0.99 28.85 -57.95
N LEU C 117 0.98 27.56 -58.24
CA LEU C 117 1.27 26.50 -57.29
C LEU C 117 2.71 26.05 -57.54
N VAL C 118 3.61 26.35 -56.59
CA VAL C 118 5.03 26.07 -56.75
C VAL C 118 5.40 24.92 -55.79
N GLU C 119 5.95 23.84 -56.35
CA GLU C 119 6.31 22.69 -55.56
C GLU C 119 7.31 23.06 -54.47
N LYS C 120 7.25 22.26 -53.39
CA LYS C 120 8.24 22.37 -52.34
C LYS C 120 9.55 21.75 -52.82
N PRO C 121 10.69 22.11 -52.21
CA PRO C 121 10.80 23.25 -51.32
C PRO C 121 10.74 24.48 -52.20
N VAL C 122 10.22 25.57 -51.65
CA VAL C 122 10.02 26.77 -52.42
C VAL C 122 11.37 27.31 -52.88
N CYS C 123 12.44 27.10 -52.11
CA CYS C 123 13.77 27.44 -52.58
C CYS C 123 14.80 26.59 -51.83
N THR C 124 16.10 26.78 -52.13
CA THR C 124 17.13 25.84 -51.72
C THR C 124 18.31 26.50 -50.98
N SER C 125 18.29 27.81 -50.70
CA SER C 125 19.35 28.41 -49.90
C SER C 125 18.86 29.63 -49.16
N ALA C 126 19.67 30.13 -48.21
CA ALA C 126 19.34 31.33 -47.43
C ALA C 126 19.27 32.57 -48.32
N GLU C 127 20.12 32.66 -49.34
CA GLU C 127 20.12 33.82 -50.24
C GLU C 127 18.86 33.83 -51.10
N GLN C 128 18.56 32.66 -51.67
CA GLN C 128 17.32 32.49 -52.40
C GLN C 128 16.14 32.90 -51.55
N ALA C 129 16.10 32.41 -50.31
CA ALA C 129 14.98 32.68 -49.44
C ALA C 129 14.80 34.18 -49.18
N ASP C 130 15.91 34.91 -48.96
CA ASP C 130 15.87 36.34 -48.69
C ASP C 130 15.34 37.10 -49.90
N GLU C 131 15.80 36.71 -51.09
CA GLU C 131 15.36 37.35 -52.32
C GLU C 131 13.89 37.06 -52.56
N LEU C 132 13.46 35.79 -52.48
CA LEU C 132 12.07 35.43 -52.71
C LEU C 132 11.14 36.20 -51.78
N GLU C 133 11.58 36.43 -50.54
CA GLU C 133 10.78 37.16 -49.57
C GLU C 133 10.47 38.57 -50.08
N GLU C 134 11.48 39.28 -50.63
CA GLU C 134 11.31 40.64 -51.11
C GLU C 134 10.41 40.63 -52.34
N LEU C 135 10.71 39.74 -53.30
CA LEU C 135 9.98 39.70 -54.56
C LEU C 135 8.50 39.34 -54.34
N ALA C 136 8.24 38.32 -53.52
CA ALA C 136 6.88 37.81 -53.38
C ALA C 136 5.96 38.86 -52.74
N ALA C 137 6.54 39.76 -51.94
CA ALA C 137 5.81 40.78 -51.21
C ALA C 137 5.02 41.67 -52.17
N THR C 138 5.62 42.02 -53.31
CA THR C 138 5.01 42.89 -54.30
C THR C 138 4.15 42.13 -55.32
N TYR C 139 4.04 40.80 -55.28
CA TYR C 139 3.22 40.09 -56.26
C TYR C 139 1.84 39.82 -55.68
N THR C 140 0.78 40.02 -56.48
CA THR C 140 -0.57 40.06 -55.92
C THR C 140 -1.38 38.82 -56.28
N ALA C 141 -0.97 38.05 -57.30
CA ALA C 141 -1.72 36.85 -57.64
C ALA C 141 -1.40 35.76 -56.63
N PRO C 142 -2.35 34.79 -56.42
CA PRO C 142 -2.10 33.66 -55.52
C PRO C 142 -0.77 32.93 -55.78
N VAL C 143 0.04 32.77 -54.73
CA VAL C 143 1.23 31.93 -54.78
C VAL C 143 1.11 30.96 -53.61
N TRP C 144 0.90 29.69 -53.96
CA TRP C 144 0.67 28.60 -53.03
C TRP C 144 1.85 27.64 -53.11
N VAL C 145 2.44 27.29 -51.95
CA VAL C 145 3.57 26.36 -51.90
C VAL C 145 3.01 24.97 -51.65
N ALA C 146 3.42 24.01 -52.49
CA ALA C 146 2.69 22.77 -52.65
C ALA C 146 3.17 21.75 -51.61
N MET C 147 3.07 22.12 -50.32
CA MET C 147 3.25 21.20 -49.21
C MET C 147 1.87 20.64 -48.83
N GLU C 148 1.53 19.47 -49.35
CA GLU C 148 0.18 18.94 -49.36
C GLU C 148 -0.12 17.99 -48.18
N TYR C 149 0.88 17.63 -47.35
CA TYR C 149 0.75 16.52 -46.44
C TYR C 149 -0.38 16.77 -45.44
N ARG C 150 -0.60 18.03 -45.06
CA ARG C 150 -1.65 18.34 -44.10
C ARG C 150 -3.04 17.86 -44.55
N TYR C 151 -3.24 17.59 -45.86
CA TYR C 151 -4.55 17.25 -46.37
C TYR C 151 -4.73 15.73 -46.45
N MET C 152 -3.70 14.96 -46.08
CA MET C 152 -3.90 13.53 -45.96
C MET C 152 -4.99 13.34 -44.90
N PRO C 153 -6.10 12.63 -45.21
CA PRO C 153 -7.21 12.48 -44.26
C PRO C 153 -6.77 12.13 -42.83
N PRO C 154 -5.88 11.14 -42.62
CA PRO C 154 -5.43 10.84 -41.26
C PRO C 154 -4.64 11.98 -40.61
N VAL C 155 -3.83 12.70 -41.39
CA VAL C 155 -3.12 13.86 -40.85
C VAL C 155 -4.14 14.94 -40.46
N GLN C 156 -5.16 15.17 -41.31
CA GLN C 156 -6.20 16.15 -41.00
C GLN C 156 -6.86 15.84 -39.66
N GLU C 157 -7.13 14.55 -39.38
CA GLU C 157 -7.78 14.21 -38.12
C GLU C 157 -6.93 14.65 -36.94
N ILE C 158 -5.61 14.39 -36.99
CA ILE C 158 -4.80 14.68 -35.81
C ILE C 158 -4.62 16.19 -35.66
N ILE C 159 -4.65 16.94 -36.78
CA ILE C 159 -4.52 18.38 -36.69
C ILE C 159 -5.78 18.95 -36.04
N GLN C 160 -6.95 18.44 -36.47
CA GLN C 160 -8.22 18.85 -35.90
C GLN C 160 -8.26 18.49 -34.41
N ALA C 161 -7.80 17.30 -34.05
CA ALA C 161 -7.71 16.93 -32.65
C ALA C 161 -6.87 17.95 -31.87
N ALA C 162 -5.64 18.18 -32.31
CA ALA C 162 -4.76 19.11 -31.63
C ALA C 162 -5.40 20.52 -31.51
N HIS C 163 -5.90 21.07 -32.61
CA HIS C 163 -6.41 22.44 -32.63
C HIS C 163 -7.69 22.59 -31.83
N SER C 164 -8.50 21.52 -31.75
CA SER C 164 -9.78 21.58 -31.05
C SER C 164 -9.60 21.54 -29.54
N GLY C 165 -8.42 21.14 -29.05
CA GLY C 165 -8.18 21.02 -27.62
C GLY C 165 -8.41 19.61 -27.06
N LYS C 166 -8.73 18.60 -27.89
CA LYS C 166 -8.96 17.24 -27.42
C LYS C 166 -7.70 16.69 -26.72
N LEU C 167 -6.52 17.27 -26.99
CA LEU C 167 -5.28 16.76 -26.42
C LEU C 167 -4.87 17.57 -25.20
N GLY C 168 -5.59 18.65 -24.90
CA GLY C 168 -5.17 19.57 -23.85
C GLY C 168 -4.12 20.52 -24.41
N ASN C 169 -3.27 21.06 -23.54
CA ASN C 169 -2.12 21.82 -24.01
C ASN C 169 -1.12 20.84 -24.62
N ILE C 170 -0.59 21.19 -25.81
CA ILE C 170 0.32 20.34 -26.54
C ILE C 170 1.75 20.64 -26.11
N HIS C 171 2.53 19.57 -25.91
CA HIS C 171 3.93 19.72 -25.52
C HIS C 171 4.89 19.07 -26.51
N MET C 172 4.47 17.97 -27.16
CA MET C 172 5.39 17.18 -27.94
C MET C 172 4.78 16.76 -29.27
N LEU C 173 5.64 16.74 -30.30
CA LEU C 173 5.29 16.27 -31.61
C LEU C 173 6.45 15.48 -32.20
N SER C 174 6.19 14.22 -32.52
CA SER C 174 7.15 13.31 -33.11
C SER C 174 6.68 12.90 -34.49
N ILE C 175 7.62 12.93 -35.45
CA ILE C 175 7.37 12.51 -36.80
C ILE C 175 8.49 11.56 -37.17
N VAL C 176 8.09 10.35 -37.60
CA VAL C 176 9.05 9.33 -37.97
C VAL C 176 8.73 8.93 -39.40
N GLU C 177 9.71 9.12 -40.27
CA GLU C 177 9.59 8.68 -41.63
C GLU C 177 10.63 7.63 -41.93
N HIS C 178 10.13 6.46 -42.32
CA HIS C 178 10.95 5.30 -42.67
C HIS C 178 10.57 4.84 -44.08
N ARG C 179 11.50 5.01 -45.03
CA ARG C 179 11.20 4.82 -46.44
C ARG C 179 12.42 4.36 -47.24
N PHE C 180 12.19 4.23 -48.55
CA PHE C 180 13.15 3.76 -49.53
C PHE C 180 14.10 4.89 -49.92
N PRO C 181 15.23 4.57 -50.57
CA PRO C 181 16.16 5.61 -51.03
C PRO C 181 15.48 6.51 -52.07
N PHE C 182 16.00 7.73 -52.20
CA PHE C 182 15.59 8.66 -53.23
C PHE C 182 15.50 7.93 -54.58
N LEU C 183 14.44 8.22 -55.33
CA LEU C 183 14.19 7.62 -56.64
C LEU C 183 15.10 8.28 -57.68
N HIS C 184 15.15 7.65 -58.86
CA HIS C 184 15.92 8.18 -59.98
C HIS C 184 15.13 9.30 -60.67
N LYS C 185 15.80 10.44 -60.86
CA LYS C 185 15.22 11.65 -61.44
C LYS C 185 15.98 12.07 -62.69
N VAL C 186 15.40 13.01 -63.44
CA VAL C 186 16.04 13.48 -64.67
C VAL C 186 17.30 14.26 -64.32
N ASP C 187 18.42 13.91 -64.95
CA ASP C 187 19.72 14.52 -64.67
C ASP C 187 20.21 14.25 -63.25
N ALA C 188 19.59 13.27 -62.58
CA ALA C 188 19.99 12.89 -61.22
C ALA C 188 20.01 14.10 -60.26
N TRP C 189 19.09 15.06 -60.44
CA TRP C 189 19.15 16.32 -59.71
C TRP C 189 19.06 16.11 -58.21
N ASN C 190 18.34 15.07 -57.77
CA ASN C 190 18.03 14.87 -56.37
C ASN C 190 19.17 14.16 -55.64
N ARG C 191 20.28 13.90 -56.33
CA ARG C 191 21.38 13.20 -55.71
C ARG C 191 22.36 14.21 -55.11
N PHE C 192 22.11 15.52 -55.26
CA PHE C 192 23.11 16.50 -54.82
C PHE C 192 22.53 17.63 -53.98
N ALA C 193 23.22 17.93 -52.89
CA ALA C 193 22.78 18.97 -51.94
C ALA C 193 22.64 20.32 -52.62
N GLU C 194 23.58 20.65 -53.51
CA GLU C 194 23.55 21.89 -54.25
C GLU C 194 22.21 22.11 -54.96
N ARG C 195 21.68 21.03 -55.56
CA ARG C 195 20.49 21.13 -56.38
C ARG C 195 19.22 21.01 -55.55
N THR C 196 19.32 20.45 -54.32
CA THR C 196 18.15 20.06 -53.55
C THR C 196 17.90 20.94 -52.31
N GLY C 197 18.97 21.53 -51.77
CA GLY C 197 18.96 22.15 -50.44
C GLY C 197 19.46 21.21 -49.36
N GLY C 198 19.79 19.97 -49.76
CA GLY C 198 20.06 18.89 -48.81
C GLY C 198 18.77 18.19 -48.43
N THR C 199 18.92 16.98 -47.84
CA THR C 199 17.82 16.09 -47.52
C THR C 199 16.80 16.75 -46.59
N LEU C 200 17.28 17.55 -45.64
CA LEU C 200 16.43 18.10 -44.60
C LEU C 200 15.56 19.22 -45.15
N VAL C 201 15.96 19.80 -46.29
CA VAL C 201 15.12 20.72 -47.06
C VAL C 201 14.26 19.94 -48.09
N GLU C 202 14.89 19.11 -48.92
CA GLU C 202 14.19 18.45 -50.01
C GLU C 202 13.08 17.54 -49.46
N LYS C 203 13.41 16.70 -48.50
CA LYS C 203 12.49 15.68 -48.05
C LYS C 203 11.69 16.15 -46.86
N CYS C 204 12.24 17.08 -46.06
CA CYS C 204 11.74 17.27 -44.71
C CYS C 204 11.08 18.63 -44.51
N CYS C 205 11.11 19.52 -45.51
CA CYS C 205 10.39 20.78 -45.36
C CYS C 205 8.92 20.51 -45.04
N HIS C 206 8.33 19.43 -45.57
CA HIS C 206 6.94 19.07 -45.31
C HIS C 206 6.70 18.96 -43.81
N PHE C 207 7.62 18.26 -43.13
CA PHE C 207 7.53 17.93 -41.73
C PHE C 207 7.75 19.17 -40.86
N PHE C 208 8.72 20.01 -41.19
CA PHE C 208 8.91 21.24 -40.44
C PHE C 208 7.70 22.16 -40.55
N ASP C 209 7.01 22.10 -41.71
CA ASP C 209 5.81 22.90 -41.89
C ASP C 209 4.70 22.34 -41.00
N LEU C 210 4.55 21.00 -40.97
CA LEU C 210 3.56 20.36 -40.10
C LEU C 210 3.82 20.72 -38.63
N MET C 211 5.10 20.90 -38.27
CA MET C 211 5.41 21.25 -36.90
C MET C 211 4.78 22.60 -36.59
N ARG C 212 5.00 23.58 -37.47
CA ARG C 212 4.43 24.91 -37.24
C ARG C 212 2.91 24.84 -37.18
N LEU C 213 2.31 24.07 -38.08
CA LEU C 213 0.87 24.03 -38.21
C LEU C 213 0.26 23.39 -36.97
N ILE C 214 0.79 22.24 -36.58
CA ILE C 214 0.22 21.48 -35.49
C ILE C 214 0.43 22.18 -34.16
N LEU C 215 1.64 22.69 -33.92
CA LEU C 215 1.95 23.32 -32.65
C LEU C 215 1.42 24.75 -32.60
N GLN C 216 1.16 25.34 -33.77
CA GLN C 216 0.72 26.73 -33.85
C GLN C 216 1.75 27.57 -33.14
N ASP C 217 3.02 27.40 -33.49
CA ASP C 217 4.12 28.04 -32.78
C ASP C 217 5.30 28.21 -33.76
N GLU C 218 6.29 29.02 -33.37
CA GLU C 218 7.43 29.29 -34.22
C GLU C 218 8.68 28.68 -33.61
N PRO C 219 9.61 28.16 -34.44
CA PRO C 219 10.83 27.57 -33.91
C PRO C 219 11.86 28.61 -33.47
N THR C 220 12.63 28.25 -32.42
CA THR C 220 13.65 29.12 -31.86
C THR C 220 15.04 28.48 -31.92
N ARG C 221 15.10 27.14 -31.88
CA ARG C 221 16.37 26.44 -31.85
C ARG C 221 16.23 25.09 -32.54
N ILE C 222 17.26 24.70 -33.32
CA ILE C 222 17.24 23.41 -33.99
C ILE C 222 18.59 22.72 -33.84
N TYR C 223 18.51 21.41 -33.57
CA TYR C 223 19.66 20.53 -33.56
C TYR C 223 19.34 19.26 -34.32
N ALA C 224 20.31 18.83 -35.14
CA ALA C 224 20.16 17.62 -35.92
C ALA C 224 21.48 16.86 -35.95
N SER C 225 21.34 15.54 -35.92
CA SER C 225 22.43 14.63 -36.20
C SER C 225 22.01 13.73 -37.36
N GLY C 226 22.91 13.59 -38.33
CA GLY C 226 22.60 12.83 -39.52
C GLY C 226 23.85 12.52 -40.30
N GLY C 227 23.71 11.62 -41.26
CA GLY C 227 24.83 11.23 -42.09
C GLY C 227 24.38 10.67 -43.44
N HIS C 228 25.39 10.52 -44.30
CA HIS C 228 25.26 9.81 -45.56
C HIS C 228 25.94 8.47 -45.36
N ASP C 229 25.17 7.45 -44.96
CA ASP C 229 25.74 6.26 -44.35
C ASP C 229 25.50 5.01 -45.20
N VAL C 230 24.50 5.01 -46.09
CA VAL C 230 24.04 3.77 -46.70
C VAL C 230 23.83 3.92 -48.20
N ASN C 231 23.07 4.95 -48.61
CA ASN C 231 22.49 5.04 -49.95
C ASN C 231 23.46 5.73 -50.91
N HIS C 232 23.53 5.25 -52.17
CA HIS C 232 24.13 5.99 -53.28
C HIS C 232 25.62 6.34 -53.07
N MET C 233 26.37 5.43 -52.42
CA MET C 233 27.68 5.73 -51.86
C MET C 233 28.75 5.88 -52.95
N ASP C 234 28.67 5.02 -53.98
CA ASP C 234 29.68 5.07 -55.05
C ASP C 234 29.11 5.75 -56.31
N GLU C 235 28.03 6.57 -56.23
CA GLU C 235 27.37 7.03 -57.44
C GLU C 235 27.93 8.40 -57.85
N VAL C 236 28.51 8.44 -59.05
CA VAL C 236 28.99 9.66 -59.65
C VAL C 236 28.19 9.89 -60.94
N TYR C 237 27.85 11.16 -61.14
CA TYR C 237 27.07 11.61 -62.28
C TYR C 237 27.76 12.86 -62.82
N ASP C 238 28.26 12.73 -64.07
CA ASP C 238 28.90 13.83 -64.78
C ASP C 238 29.96 14.43 -63.88
N GLY C 239 30.74 13.54 -63.23
CA GLY C 239 31.90 13.95 -62.46
C GLY C 239 31.57 14.49 -61.07
N LEU C 240 30.31 14.36 -60.61
CA LEU C 240 29.92 14.73 -59.25
C LEU C 240 29.61 13.48 -58.43
N ILE C 241 29.93 13.53 -57.12
CA ILE C 241 29.61 12.46 -56.18
C ILE C 241 28.35 12.83 -55.37
N SER C 242 27.41 11.86 -55.19
CA SER C 242 26.19 12.08 -54.42
C SER C 242 26.54 12.29 -52.96
N ASP C 243 25.92 13.29 -52.31
CA ASP C 243 26.37 13.82 -51.02
C ASP C 243 25.19 14.09 -50.09
N MET C 244 24.06 13.41 -50.32
CA MET C 244 22.82 13.64 -49.61
C MET C 244 22.78 12.79 -48.33
N VAL C 245 22.33 13.40 -47.23
CA VAL C 245 22.05 12.68 -45.99
C VAL C 245 20.96 11.63 -46.26
N ASP C 246 21.11 10.43 -45.66
CA ASP C 246 20.12 9.38 -45.83
C ASP C 246 19.52 8.93 -44.49
N ASN C 247 19.97 9.49 -43.38
CA ASN C 247 19.30 9.28 -42.10
C ASN C 247 19.64 10.43 -41.15
N ALA C 248 18.66 10.78 -40.32
CA ALA C 248 18.86 11.86 -39.38
C ALA C 248 17.80 11.83 -38.30
N TYR C 249 18.18 12.50 -37.20
CA TYR C 249 17.31 12.88 -36.12
C TYR C 249 17.43 14.39 -35.98
N VAL C 250 16.29 15.02 -35.66
CA VAL C 250 16.21 16.45 -35.47
C VAL C 250 15.34 16.75 -34.25
N ILE C 251 15.81 17.69 -33.43
CA ILE C 251 15.01 18.24 -32.35
C ILE C 251 14.83 19.74 -32.59
N VAL C 252 13.57 20.19 -32.53
CA VAL C 252 13.21 21.58 -32.71
C VAL C 252 12.48 22.06 -31.44
N ASP C 253 12.99 23.13 -30.86
CA ASP C 253 12.33 23.89 -29.80
C ASP C 253 11.54 25.04 -30.41
N PHE C 254 10.44 25.37 -29.72
CA PHE C 254 9.50 26.38 -30.16
C PHE C 254 9.35 27.44 -29.08
N LYS C 255 8.96 28.67 -29.53
CA LYS C 255 8.86 29.87 -28.70
C LYS C 255 8.07 29.56 -27.43
N GLY C 256 6.97 28.81 -27.55
CA GLY C 256 6.06 28.57 -26.45
C GLY C 256 6.42 27.37 -25.57
N GLY C 257 7.63 26.83 -25.66
CA GLY C 257 8.06 25.78 -24.76
C GLY C 257 7.54 24.40 -25.15
N ARG C 258 7.17 24.25 -26.42
CA ARG C 258 6.91 22.96 -26.99
C ARG C 258 8.14 22.49 -27.78
N ARG C 259 8.17 21.21 -28.13
CA ARG C 259 9.33 20.65 -28.77
C ARG C 259 8.85 19.55 -29.70
N ALA C 260 9.60 19.38 -30.80
CA ALA C 260 9.27 18.34 -31.77
C ALA C 260 10.54 17.63 -32.21
N MET C 261 10.31 16.40 -32.68
CA MET C 261 11.40 15.53 -33.07
C MET C 261 11.02 14.90 -34.41
N LEU C 262 12.03 14.90 -35.29
CA LEU C 262 11.91 14.26 -36.57
C LEU C 262 12.96 13.18 -36.70
N GLU C 263 12.48 12.00 -37.10
CA GLU C 263 13.35 10.88 -37.41
C GLU C 263 13.16 10.52 -38.88
N LEU C 264 14.29 10.46 -39.63
CA LEU C 264 14.27 10.05 -41.02
C LEU C 264 15.26 8.92 -41.25
N SER C 265 14.80 7.87 -41.93
CA SER C 265 15.65 6.86 -42.53
C SER C 265 15.18 6.64 -43.96
N MET C 266 16.14 6.78 -44.89
CA MET C 266 15.87 6.54 -46.30
C MET C 266 16.24 5.09 -46.65
N PHE C 267 16.45 4.24 -45.64
CA PHE C 267 16.79 2.84 -45.91
C PHE C 267 16.03 1.97 -44.95
N ALA C 268 14.76 2.33 -44.72
CA ALA C 268 13.93 1.56 -43.81
C ALA C 268 12.63 1.18 -44.51
N GLU C 269 12.75 0.73 -45.76
CA GLU C 269 11.58 0.58 -46.62
C GLU C 269 10.81 -0.71 -46.30
N GLY C 270 11.37 -1.58 -45.46
CA GLY C 270 10.65 -2.75 -44.98
C GLY C 270 9.45 -2.42 -44.09
N SER C 271 9.44 -1.22 -43.53
CA SER C 271 8.43 -0.80 -42.59
C SER C 271 7.06 -0.69 -43.26
N LYS C 272 6.08 -1.44 -42.76
CA LYS C 272 4.72 -1.39 -43.30
C LYS C 272 4.18 0.03 -43.25
N PHE C 273 4.50 0.74 -42.18
CA PHE C 273 4.04 2.11 -42.03
C PHE C 273 5.22 3.04 -42.29
N GLN C 274 5.02 3.97 -43.22
CA GLN C 274 6.08 4.84 -43.69
C GLN C 274 6.22 6.06 -42.77
N GLU C 275 5.08 6.58 -42.31
CA GLU C 275 5.05 7.74 -41.42
C GLU C 275 4.33 7.34 -40.13
N ARG C 276 4.91 7.77 -39.02
CA ARG C 276 4.24 7.78 -37.74
C ARG C 276 4.33 9.22 -37.21
N ILE C 277 3.19 9.76 -36.80
CA ILE C 277 3.12 11.07 -36.22
C ILE C 277 2.37 10.96 -34.90
N SER C 278 3.01 11.40 -33.81
CA SER C 278 2.40 11.37 -32.51
C SER C 278 2.47 12.77 -31.90
N ILE C 279 1.34 13.14 -31.29
CA ILE C 279 1.21 14.38 -30.57
C ILE C 279 0.88 14.04 -29.12
N VAL C 280 1.64 14.64 -28.19
CA VAL C 280 1.38 14.42 -26.79
C VAL C 280 0.97 15.74 -26.18
N GLY C 281 -0.25 15.73 -25.60
CA GLY C 281 -0.74 16.84 -24.80
C GLY C 281 -0.96 16.43 -23.35
N ASP C 282 -1.29 17.39 -22.48
CA ASP C 282 -1.44 17.13 -21.06
C ASP C 282 -2.80 16.54 -20.73
N ALA C 283 -3.66 16.29 -21.73
CA ALA C 283 -4.87 15.53 -21.49
C ALA C 283 -4.89 14.23 -22.30
N ALA C 284 -4.16 14.17 -23.41
CA ALA C 284 -4.19 12.94 -24.19
C ALA C 284 -3.05 12.92 -25.19
N LYS C 285 -2.98 11.78 -25.87
CA LYS C 285 -2.02 11.51 -26.93
C LYS C 285 -2.80 11.05 -28.15
N ILE C 286 -2.32 11.42 -29.34
CA ILE C 286 -2.89 10.89 -30.56
C ILE C 286 -1.76 10.54 -31.51
N GLU C 287 -1.99 9.51 -32.32
CA GLU C 287 -0.96 8.94 -33.17
C GLU C 287 -1.58 8.42 -34.46
N THR C 288 -0.98 8.82 -35.60
CA THR C 288 -1.39 8.30 -36.89
C THR C 288 -0.25 7.50 -37.47
N LEU C 289 -0.63 6.40 -38.11
CA LEU C 289 0.27 5.54 -38.87
C LEU C 289 -0.22 5.52 -40.31
N ILE C 290 0.71 5.79 -41.24
CA ILE C 290 0.41 5.96 -42.65
C ILE C 290 1.18 4.90 -43.43
N PRO C 291 0.50 4.02 -44.21
CA PRO C 291 1.17 2.95 -44.95
C PRO C 291 1.94 3.49 -46.14
N VAL C 292 2.91 2.71 -46.59
CA VAL C 292 3.58 2.89 -47.86
C VAL C 292 2.51 2.98 -48.95
N ALA C 293 2.70 3.86 -49.94
CA ALA C 293 1.82 3.93 -51.10
C ALA C 293 1.84 2.59 -51.84
N ALA C 294 0.68 2.20 -52.37
CA ALA C 294 0.47 0.90 -53.00
C ALA C 294 1.52 0.60 -54.08
N ASN C 295 1.94 1.62 -54.85
CA ASN C 295 2.85 1.42 -55.96
C ASN C 295 4.27 1.09 -55.47
N HIS C 296 4.57 1.34 -54.19
CA HIS C 296 5.87 1.00 -53.63
C HIS C 296 5.81 -0.24 -52.74
N TRP C 297 4.61 -0.64 -52.29
CA TRP C 297 4.48 -1.72 -51.32
C TRP C 297 4.29 -3.06 -52.04
N ILE C 298 4.12 -4.13 -51.26
CA ILE C 298 3.75 -5.44 -51.78
C ILE C 298 2.41 -5.34 -52.51
N GLU C 299 2.38 -5.80 -53.78
CA GLU C 299 1.15 -5.89 -54.55
C GLU C 299 0.35 -7.01 -53.90
N GLY C 300 -0.84 -6.69 -53.40
CA GLY C 300 -1.54 -7.60 -52.51
C GLY C 300 -2.14 -6.86 -51.32
N ASP C 301 -1.39 -6.75 -50.22
CA ASP C 301 -1.97 -6.29 -48.95
C ASP C 301 -2.09 -4.78 -48.92
N GLU C 302 -3.27 -4.27 -49.27
CA GLU C 302 -3.62 -2.88 -48.99
C GLU C 302 -3.82 -2.77 -47.48
N THR C 303 -2.96 -1.99 -46.81
CA THR C 303 -3.14 -1.64 -45.41
C THR C 303 -3.71 -0.23 -45.35
N GLU C 304 -4.62 0.03 -44.40
CA GLU C 304 -5.20 1.36 -44.21
C GLU C 304 -4.38 2.14 -43.18
N ALA C 305 -4.51 3.46 -43.24
CA ALA C 305 -3.95 4.34 -42.23
C ALA C 305 -4.85 4.30 -40.99
N THR C 306 -4.24 4.46 -39.80
CA THR C 306 -4.98 4.47 -38.55
C THR C 306 -4.71 5.76 -37.77
N VAL C 307 -5.69 6.10 -36.94
CA VAL C 307 -5.59 7.14 -35.93
C VAL C 307 -6.03 6.53 -34.59
N GLU C 308 -5.16 6.69 -33.57
CA GLU C 308 -5.39 6.15 -32.24
C GLU C 308 -5.32 7.31 -31.26
N PHE C 309 -6.42 7.48 -30.53
CA PHE C 309 -6.56 8.51 -29.53
C PHE C 309 -6.41 7.89 -28.14
N SER C 310 -5.49 8.43 -27.33
CA SER C 310 -5.13 7.78 -26.08
C SER C 310 -5.25 8.77 -24.93
N PRO C 311 -6.46 8.93 -24.33
CA PRO C 311 -6.66 9.88 -23.25
C PRO C 311 -5.91 9.42 -22.00
N ARG C 312 -5.40 10.38 -21.22
CA ARG C 312 -4.66 10.07 -20.00
C ARG C 312 -5.59 9.47 -18.96
N SER C 313 -6.80 10.02 -18.88
CA SER C 313 -7.76 9.63 -17.87
C SER C 313 -9.17 9.85 -18.43
N PRO C 314 -10.08 8.87 -18.35
CA PRO C 314 -9.74 7.50 -17.95
C PRO C 314 -8.96 6.81 -19.05
N LEU C 315 -8.17 5.81 -18.67
CA LEU C 315 -7.47 4.99 -19.64
C LEU C 315 -8.48 4.38 -20.59
N GLY C 316 -8.10 4.24 -21.86
CA GLY C 316 -8.95 3.62 -22.85
C GLY C 316 -8.69 4.20 -24.24
N PRO C 317 -7.62 3.73 -24.92
CA PRO C 317 -7.29 4.22 -26.24
C PRO C 317 -8.33 3.74 -27.26
N GLU C 318 -8.62 4.59 -28.24
CA GLU C 318 -9.55 4.33 -29.31
C GLU C 318 -8.78 4.42 -30.63
N LYS C 319 -8.76 3.35 -31.40
CA LYS C 319 -8.11 3.31 -32.70
C LYS C 319 -9.14 3.03 -33.80
N HIS C 320 -9.07 3.80 -34.91
CA HIS C 320 -9.90 3.53 -36.08
C HIS C 320 -9.08 3.74 -37.35
N GLU C 321 -9.54 3.14 -38.45
CA GLU C 321 -8.96 3.34 -39.77
C GLU C 321 -9.50 4.62 -40.38
N VAL C 322 -8.67 5.29 -41.18
CA VAL C 322 -9.11 6.47 -41.92
C VAL C 322 -9.06 6.15 -43.39
N PRO C 323 -10.21 5.87 -44.03
CA PRO C 323 -10.24 5.49 -45.44
C PRO C 323 -10.12 6.74 -46.30
N VAL C 324 -9.50 6.56 -47.45
CA VAL C 324 -9.40 7.60 -48.48
C VAL C 324 -10.19 7.11 -49.69
N ASP C 325 -10.88 8.02 -50.38
CA ASP C 325 -11.55 7.67 -51.62
C ASP C 325 -10.55 7.00 -52.56
N GLU C 326 -10.98 5.90 -53.21
CA GLU C 326 -10.09 4.99 -53.93
C GLU C 326 -9.44 5.70 -55.12
N ALA C 327 -10.18 6.61 -55.77
CA ALA C 327 -9.70 7.34 -56.93
C ALA C 327 -8.69 8.41 -56.50
N VAL C 328 -9.02 9.13 -55.42
CA VAL C 328 -8.14 10.13 -54.85
C VAL C 328 -6.81 9.48 -54.46
N LEU C 329 -6.92 8.28 -53.85
CA LEU C 329 -5.77 7.54 -53.36
C LEU C 329 -4.94 7.03 -54.53
N ALA C 330 -5.60 6.53 -55.58
CA ALA C 330 -4.90 5.93 -56.72
C ALA C 330 -4.14 6.98 -57.53
N ALA C 331 -4.58 8.25 -57.46
CA ALA C 331 -4.04 9.30 -58.31
C ALA C 331 -2.66 9.78 -57.85
N GLY C 332 -2.24 9.47 -56.62
CA GLY C 332 -0.96 9.96 -56.12
C GLY C 332 -0.30 9.02 -55.11
N ALA C 333 0.91 9.38 -54.70
CA ALA C 333 1.66 8.59 -53.72
C ALA C 333 1.71 9.30 -52.36
N HIS C 334 0.80 10.25 -52.11
CA HIS C 334 0.80 11.04 -50.86
C HIS C 334 -0.57 10.94 -50.19
N HIS C 335 -1.17 9.75 -50.31
CA HIS C 335 -2.32 9.34 -49.52
C HIS C 335 -3.51 10.31 -49.68
N GLY C 336 -3.79 10.71 -50.93
CA GLY C 336 -4.97 11.51 -51.27
C GLY C 336 -4.75 13.03 -51.20
N SER C 337 -3.58 13.45 -50.72
CA SER C 337 -3.40 14.83 -50.29
C SER C 337 -3.35 15.81 -51.46
N THR C 338 -2.77 15.37 -52.61
CA THR C 338 -2.59 16.22 -53.77
C THR C 338 -3.94 16.68 -54.35
N TYR C 339 -4.95 15.81 -54.26
CA TYR C 339 -6.29 16.11 -54.73
C TYR C 339 -6.89 17.27 -53.93
N TYR C 340 -6.81 17.21 -52.60
CA TYR C 340 -7.38 18.28 -51.77
C TYR C 340 -6.57 19.57 -51.98
N GLU C 341 -5.27 19.42 -52.28
CA GLU C 341 -4.47 20.59 -52.57
C GLU C 341 -5.02 21.31 -53.80
N HIS C 342 -5.41 20.56 -54.84
CA HIS C 342 -5.91 21.14 -56.07
C HIS C 342 -7.28 21.80 -55.89
N LEU C 343 -8.17 21.19 -55.10
CA LEU C 343 -9.44 21.82 -54.74
C LEU C 343 -9.16 23.18 -54.10
N GLY C 344 -8.19 23.22 -53.20
CA GLY C 344 -7.83 24.44 -52.50
C GLY C 344 -7.26 25.50 -53.44
N TYR C 345 -6.39 25.06 -54.35
CA TYR C 345 -5.77 25.98 -55.27
C TYR C 345 -6.80 26.54 -56.27
N ARG C 346 -7.71 25.67 -56.74
CA ARG C 346 -8.80 26.06 -57.63
C ARG C 346 -9.60 27.19 -57.01
N LYS C 347 -10.04 27.02 -55.75
CA LYS C 347 -10.78 28.04 -55.04
C LYS C 347 -9.98 29.34 -54.96
N ALA C 348 -8.66 29.26 -54.71
CA ALA C 348 -7.82 30.45 -54.69
C ALA C 348 -7.83 31.13 -56.05
N ILE C 349 -7.70 30.36 -57.14
CA ILE C 349 -7.64 30.94 -58.47
C ILE C 349 -8.95 31.69 -58.74
N LEU C 350 -10.08 31.05 -58.41
CA LEU C 350 -11.41 31.59 -58.64
C LEU C 350 -11.77 32.68 -57.64
N GLY C 351 -10.88 33.05 -56.71
CA GLY C 351 -11.13 34.10 -55.73
C GLY C 351 -12.20 33.75 -54.69
N GLU C 352 -12.45 32.46 -54.49
CA GLU C 352 -13.45 31.96 -53.55
C GLU C 352 -12.81 31.37 -52.29
N GLY C 353 -11.48 31.29 -52.24
CA GLY C 353 -10.74 30.73 -51.11
C GLY C 353 -9.42 31.45 -50.90
N PRO C 354 -8.81 31.38 -49.71
CA PRO C 354 -7.46 31.91 -49.50
C PRO C 354 -6.38 30.89 -49.91
N VAL C 355 -5.14 31.37 -50.02
CA VAL C 355 -4.00 30.48 -50.11
C VAL C 355 -3.69 29.90 -48.71
N ASP C 356 -3.91 28.61 -48.51
CA ASP C 356 -3.63 27.95 -47.24
C ASP C 356 -2.15 27.83 -46.94
N VAL C 357 -1.31 27.54 -47.95
CA VAL C 357 0.10 27.39 -47.71
C VAL C 357 0.85 28.48 -48.46
N THR C 358 1.30 29.49 -47.71
CA THR C 358 1.81 30.70 -48.30
C THR C 358 3.30 30.61 -48.57
N VAL C 359 3.82 31.60 -49.30
CA VAL C 359 5.25 31.73 -49.50
C VAL C 359 5.95 31.70 -48.14
N ALA C 360 5.35 32.34 -47.14
CA ALA C 360 6.02 32.51 -45.86
C ALA C 360 6.13 31.15 -45.17
N ASP C 361 5.07 30.34 -45.26
CA ASP C 361 5.16 28.94 -44.83
C ASP C 361 6.31 28.23 -45.55
N GLY C 362 6.39 28.41 -46.88
CA GLY C 362 7.46 27.79 -47.63
C GLY C 362 8.85 28.22 -47.14
N LEU C 363 9.01 29.51 -46.87
CA LEU C 363 10.29 30.05 -46.45
C LEU C 363 10.69 29.56 -45.06
N GLN C 364 9.74 29.52 -44.12
CA GLN C 364 10.01 29.03 -42.77
C GLN C 364 10.44 27.56 -42.82
N SER C 365 9.70 26.71 -43.53
CA SER C 365 10.06 25.29 -43.61
C SER C 365 11.45 25.12 -44.23
N VAL C 366 11.79 25.94 -45.24
CA VAL C 366 13.09 25.83 -45.87
C VAL C 366 14.19 26.26 -44.88
N ARG C 367 13.97 27.36 -44.14
CA ARG C 367 15.01 27.89 -43.28
C ARG C 367 15.24 26.94 -42.10
N MET C 368 14.17 26.27 -41.66
CA MET C 368 14.25 25.24 -40.66
C MET C 368 15.11 24.09 -41.20
N GLY C 369 14.85 23.64 -42.44
CA GLY C 369 15.66 22.59 -43.06
C GLY C 369 17.14 22.97 -43.25
N LEU C 370 17.40 24.22 -43.63
CA LEU C 370 18.76 24.69 -43.80
C LEU C 370 19.47 24.74 -42.46
N ALA C 371 18.76 25.14 -41.41
CA ALA C 371 19.33 25.20 -40.07
C ALA C 371 19.71 23.79 -39.60
N ALA C 372 18.87 22.82 -39.96
CA ALA C 372 19.10 21.42 -39.66
C ALA C 372 20.31 20.91 -40.40
N GLU C 373 20.38 21.21 -41.72
CA GLU C 373 21.55 20.81 -42.51
C GLU C 373 22.80 21.42 -41.91
N GLN C 374 22.74 22.66 -41.44
CA GLN C 374 23.90 23.32 -40.89
C GLN C 374 24.30 22.68 -39.57
N SER C 375 23.31 22.29 -38.75
CA SER C 375 23.56 21.63 -37.48
C SER C 375 24.29 20.30 -37.69
N ILE C 376 23.81 19.52 -38.68
CA ILE C 376 24.43 18.25 -38.99
C ILE C 376 25.90 18.47 -39.34
N ILE C 377 26.20 19.50 -40.10
CA ILE C 377 27.56 19.74 -40.54
C ILE C 377 28.42 20.15 -39.35
N GLU C 378 27.93 21.08 -38.53
CA GLU C 378 28.79 21.78 -37.57
C GLU C 378 28.74 21.13 -36.19
N GLY C 379 27.85 20.16 -36.00
CA GLY C 379 27.73 19.49 -34.72
C GLY C 379 27.27 20.41 -33.59
N ARG C 380 26.55 21.50 -33.92
CA ARG C 380 26.08 22.44 -32.92
C ARG C 380 24.59 22.74 -33.16
N ALA C 381 23.88 23.19 -32.12
CA ALA C 381 22.54 23.70 -32.27
C ALA C 381 22.57 25.03 -33.03
N VAL C 382 21.51 25.29 -33.79
CA VAL C 382 21.38 26.51 -34.55
C VAL C 382 20.18 27.32 -34.05
N GLU C 383 20.38 28.61 -33.80
CA GLU C 383 19.33 29.54 -33.36
C GLU C 383 18.52 30.04 -34.56
N LEU C 384 17.25 30.43 -34.34
CA LEU C 384 16.39 30.85 -35.44
C LEU C 384 15.77 32.23 -35.15
N ALA D 22 3.10 -49.96 50.83
CA ALA D 22 2.79 -48.51 51.02
C ALA D 22 2.63 -48.19 52.50
N GLN D 23 3.51 -47.30 52.99
CA GLN D 23 3.47 -46.82 54.36
C GLN D 23 2.11 -46.21 54.68
N THR D 24 1.49 -46.70 55.75
CA THR D 24 0.23 -46.18 56.23
C THR D 24 0.44 -44.85 56.95
N ILE D 25 -0.32 -43.82 56.53
CA ILE D 25 -0.51 -42.59 57.29
C ILE D 25 -1.94 -42.58 57.80
N ARG D 26 -2.07 -42.29 59.10
CA ARG D 26 -3.35 -42.17 59.80
C ARG D 26 -3.75 -40.70 59.79
N TYR D 27 -4.90 -40.37 59.18
CA TYR D 27 -5.34 -38.99 59.04
C TYR D 27 -6.39 -38.66 60.08
N GLY D 28 -6.27 -37.50 60.71
CA GLY D 28 -7.34 -36.92 61.51
C GLY D 28 -7.99 -35.74 60.76
N LEU D 29 -9.32 -35.73 60.63
CA LEU D 29 -10.04 -34.62 60.03
C LEU D 29 -10.64 -33.76 61.14
N ILE D 30 -10.30 -32.47 61.15
CA ILE D 30 -10.96 -31.51 61.98
C ILE D 30 -11.86 -30.65 61.09
N GLY D 31 -13.17 -30.83 61.24
CA GLY D 31 -14.18 -30.28 60.34
C GLY D 31 -14.64 -31.38 59.40
N ALA D 32 -15.93 -31.75 59.45
CA ALA D 32 -16.39 -32.93 58.72
C ALA D 32 -17.61 -32.59 57.89
N GLY D 33 -17.49 -31.55 57.07
CA GLY D 33 -18.57 -31.07 56.23
C GLY D 33 -18.27 -31.37 54.78
N HIS D 34 -18.72 -30.46 53.91
CA HIS D 34 -18.71 -30.64 52.47
C HIS D 34 -17.29 -30.93 51.95
N MET D 35 -16.34 -30.03 52.24
CA MET D 35 -14.99 -30.17 51.70
C MET D 35 -14.27 -31.36 52.38
N ALA D 36 -14.54 -31.61 53.67
CA ALA D 36 -13.94 -32.78 54.31
C ALA D 36 -14.29 -34.04 53.52
N ARG D 37 -15.53 -34.16 53.03
CA ARG D 37 -15.93 -35.38 52.33
C ARG D 37 -15.18 -35.51 51.01
N GLU D 38 -14.85 -34.39 50.37
CA GLU D 38 -14.01 -34.40 49.18
C GLU D 38 -12.60 -34.89 49.56
N HIS D 39 -12.07 -34.45 50.72
CA HIS D 39 -10.80 -34.95 51.18
C HIS D 39 -10.84 -36.47 51.38
N VAL D 40 -11.94 -36.99 51.95
CA VAL D 40 -12.12 -38.41 52.17
C VAL D 40 -12.04 -39.19 50.87
N ARG D 41 -12.80 -38.74 49.88
CA ARG D 41 -12.87 -39.39 48.58
C ARG D 41 -11.53 -39.40 47.88
N ASN D 42 -10.71 -38.35 48.09
CA ASN D 42 -9.43 -38.29 47.43
C ASN D 42 -8.41 -39.17 48.15
N LEU D 43 -8.43 -39.17 49.49
CA LEU D 43 -7.53 -40.04 50.25
C LEU D 43 -7.81 -41.51 49.94
N ALA D 44 -9.07 -41.86 49.62
CA ALA D 44 -9.45 -43.21 49.24
C ALA D 44 -8.72 -43.70 47.97
N LEU D 45 -8.21 -42.77 47.15
CA LEU D 45 -7.55 -43.14 45.91
C LEU D 45 -6.06 -43.35 46.12
N ILE D 46 -5.58 -43.11 47.35
CA ILE D 46 -4.13 -43.07 47.58
C ILE D 46 -3.76 -44.19 48.53
N PRO D 47 -3.09 -45.27 48.05
CA PRO D 47 -2.66 -46.35 48.93
C PRO D 47 -1.89 -45.82 50.15
N GLY D 48 -2.23 -46.35 51.32
CA GLY D 48 -1.56 -45.97 52.56
C GLY D 48 -2.33 -44.95 53.38
N SER D 49 -3.46 -44.48 52.87
CA SER D 49 -4.22 -43.42 53.53
C SER D 49 -5.33 -44.03 54.38
N LEU D 50 -5.29 -43.78 55.69
CA LEU D 50 -6.31 -44.31 56.58
C LEU D 50 -6.80 -43.18 57.48
N ILE D 51 -8.11 -42.91 57.43
CA ILE D 51 -8.72 -41.95 58.33
C ILE D 51 -8.96 -42.71 59.63
N THR D 52 -8.49 -42.16 60.75
CA THR D 52 -8.68 -42.78 62.04
C THR D 52 -9.57 -41.95 62.96
N ALA D 53 -9.65 -40.64 62.70
CA ALA D 53 -10.26 -39.71 63.66
C ALA D 53 -10.92 -38.52 62.94
N VAL D 54 -12.12 -38.16 63.39
CA VAL D 54 -12.89 -37.08 62.80
C VAL D 54 -13.50 -36.27 63.95
N ALA D 55 -13.28 -34.96 63.96
CA ALA D 55 -13.81 -34.07 64.98
C ALA D 55 -14.70 -33.03 64.31
N ASP D 56 -15.93 -32.86 64.83
CA ASP D 56 -16.86 -31.87 64.34
C ASP D 56 -17.91 -31.66 65.43
N PRO D 57 -18.23 -30.40 65.83
CA PRO D 57 -19.23 -30.15 66.87
C PRO D 57 -20.68 -30.33 66.43
N THR D 58 -20.90 -30.69 65.16
CA THR D 58 -22.24 -30.92 64.62
C THR D 58 -22.41 -32.40 64.36
N PRO D 59 -23.19 -33.10 65.20
CA PRO D 59 -23.41 -34.54 65.04
C PRO D 59 -23.81 -35.02 63.65
N SER D 60 -24.65 -34.28 62.93
CA SER D 60 -25.10 -34.71 61.61
C SER D 60 -23.96 -34.69 60.61
N SER D 61 -22.99 -33.77 60.81
CA SER D 61 -21.79 -33.77 59.97
C SER D 61 -20.96 -35.03 60.21
N LEU D 62 -20.78 -35.42 61.48
CA LEU D 62 -20.05 -36.64 61.78
C LEU D 62 -20.70 -37.84 61.11
N GLU D 63 -22.05 -37.92 61.14
CA GLU D 63 -22.74 -39.08 60.61
C GLU D 63 -22.50 -39.15 59.10
N GLU D 64 -22.71 -38.02 58.45
CA GLU D 64 -22.63 -37.95 57.00
C GLU D 64 -21.20 -38.22 56.54
N THR D 65 -20.19 -37.70 57.28
CA THR D 65 -18.82 -37.91 56.89
C THR D 65 -18.40 -39.36 57.17
N ALA D 66 -18.89 -39.93 58.28
CA ALA D 66 -18.61 -41.33 58.56
C ALA D 66 -19.14 -42.22 57.44
N ARG D 67 -20.35 -41.93 56.93
CA ARG D 67 -20.92 -42.73 55.85
C ARG D 67 -20.05 -42.62 54.59
N GLU D 68 -19.56 -41.41 54.31
CA GLU D 68 -18.68 -41.18 53.17
C GLU D 68 -17.41 -42.01 53.32
N ILE D 69 -16.83 -42.04 54.53
CA ILE D 69 -15.59 -42.78 54.74
C ILE D 69 -15.82 -44.26 54.47
N GLY D 70 -16.91 -44.81 55.02
CA GLY D 70 -17.36 -46.16 54.72
C GLY D 70 -16.57 -47.25 55.46
N TYR D 71 -15.94 -46.89 56.59
CA TYR D 71 -15.24 -47.83 57.43
C TYR D 71 -15.15 -47.17 58.80
N ASP D 72 -14.86 -47.94 59.83
CA ASP D 72 -14.99 -47.50 61.19
C ASP D 72 -13.94 -46.42 61.49
N VAL D 73 -14.38 -45.33 62.12
CA VAL D 73 -13.49 -44.29 62.60
C VAL D 73 -13.92 -43.91 64.00
N GLN D 74 -13.01 -43.30 64.76
CA GLN D 74 -13.36 -42.69 66.03
C GLN D 74 -13.82 -41.28 65.73
N THR D 75 -14.91 -40.83 66.35
CA THR D 75 -15.39 -39.48 66.16
C THR D 75 -15.26 -38.70 67.45
N PHE D 76 -15.15 -37.37 67.35
CA PHE D 76 -15.01 -36.50 68.50
C PHE D 76 -15.82 -35.24 68.24
N SER D 77 -16.31 -34.61 69.31
CA SER D 77 -17.05 -33.39 69.15
C SER D 77 -16.11 -32.19 69.23
N ALA D 78 -14.90 -32.38 69.76
CA ALA D 78 -13.96 -31.28 69.97
C ALA D 78 -12.59 -31.65 69.40
N HIS D 79 -11.92 -30.69 68.75
CA HIS D 79 -10.66 -30.96 68.09
C HIS D 79 -9.55 -31.27 69.11
N LYS D 80 -9.59 -30.63 70.30
CA LYS D 80 -8.56 -30.90 71.30
C LYS D 80 -8.57 -32.39 71.67
N ASP D 81 -9.72 -33.06 71.73
CA ASP D 81 -9.75 -34.48 72.05
C ASP D 81 -9.13 -35.31 70.93
N LEU D 82 -9.33 -34.88 69.67
CA LEU D 82 -8.71 -35.58 68.56
C LEU D 82 -7.18 -35.45 68.65
N LEU D 83 -6.68 -34.26 69.02
CA LEU D 83 -5.23 -33.99 69.12
C LEU D 83 -4.58 -34.81 70.23
N ALA D 84 -5.32 -35.04 71.33
CA ALA D 84 -4.86 -35.87 72.43
C ALA D 84 -5.08 -37.36 72.18
N SER D 85 -5.59 -37.78 71.01
CA SER D 85 -6.11 -39.14 70.89
C SER D 85 -4.98 -40.15 70.71
N GLY D 86 -3.83 -39.71 70.20
CA GLY D 86 -2.80 -40.63 69.75
C GLY D 86 -3.23 -41.49 68.57
N LEU D 87 -4.27 -41.07 67.82
CA LEU D 87 -4.80 -41.89 66.75
C LEU D 87 -4.26 -41.50 65.37
N VAL D 88 -3.50 -40.41 65.28
CA VAL D 88 -3.26 -39.75 64.01
C VAL D 88 -1.78 -39.45 63.80
N ASP D 89 -1.36 -39.51 62.52
CA ASP D 89 -0.04 -39.10 62.06
C ASP D 89 -0.07 -37.75 61.35
N ALA D 90 -1.25 -37.31 60.88
CA ALA D 90 -1.40 -36.07 60.13
C ALA D 90 -2.83 -35.55 60.24
N LEU D 91 -2.98 -34.24 60.13
CA LEU D 91 -4.27 -33.56 60.25
C LEU D 91 -4.68 -32.90 58.94
N VAL D 92 -5.99 -32.82 58.72
CA VAL D 92 -6.60 -31.97 57.71
C VAL D 92 -7.66 -31.11 58.39
N ILE D 93 -7.59 -29.78 58.24
CA ILE D 93 -8.56 -28.87 58.83
C ILE D 93 -9.48 -28.38 57.71
N ALA D 94 -10.79 -28.65 57.84
CA ALA D 94 -11.80 -28.23 56.90
C ALA D 94 -13.01 -27.69 57.63
N SER D 95 -12.73 -26.86 58.64
CA SER D 95 -13.75 -26.19 59.41
C SER D 95 -13.97 -24.81 58.79
N PRO D 96 -14.95 -24.01 59.27
CA PRO D 96 -15.18 -22.68 58.72
C PRO D 96 -13.96 -21.77 58.89
N ASN D 97 -13.83 -20.84 57.95
CA ASN D 97 -12.67 -19.99 57.76
C ASN D 97 -12.22 -19.32 59.05
N ASP D 98 -13.17 -18.79 59.83
CA ASP D 98 -12.82 -17.97 60.99
C ASP D 98 -12.34 -18.83 62.16
N THR D 99 -12.39 -20.17 62.01
CA THR D 99 -11.91 -21.08 63.04
C THR D 99 -10.50 -21.58 62.74
N HIS D 100 -9.97 -21.31 61.55
CA HIS D 100 -8.68 -21.90 61.18
C HIS D 100 -7.56 -21.48 62.14
N LEU D 101 -7.53 -20.21 62.56
CA LEU D 101 -6.39 -19.76 63.36
C LEU D 101 -6.42 -20.42 64.73
N GLU D 102 -7.61 -20.46 65.37
CA GLU D 102 -7.80 -21.06 66.69
C GLU D 102 -7.29 -22.50 66.70
N ILE D 103 -7.75 -23.29 65.71
CA ILE D 103 -7.39 -24.69 65.63
C ILE D 103 -5.87 -24.81 65.43
N LEU D 104 -5.31 -24.01 64.51
CA LEU D 104 -3.87 -24.04 64.28
C LEU D 104 -3.08 -23.69 65.55
N LYS D 105 -3.55 -22.72 66.34
CA LYS D 105 -2.86 -22.33 67.57
C LYS D 105 -2.83 -23.50 68.55
N ASP D 106 -3.95 -24.22 68.65
CA ASP D 106 -4.04 -25.40 69.51
C ASP D 106 -3.04 -26.47 69.03
N ILE D 107 -2.96 -26.68 67.71
CA ILE D 107 -2.00 -27.64 67.18
C ILE D 107 -0.58 -27.22 67.56
N PHE D 108 -0.24 -25.96 67.33
CA PHE D 108 1.09 -25.45 67.63
C PHE D 108 1.46 -25.65 69.10
N ALA D 109 0.50 -25.45 70.01
CA ALA D 109 0.77 -25.52 71.43
C ALA D 109 0.58 -26.94 71.98
N SER D 110 0.17 -27.90 71.14
CA SER D 110 -0.27 -29.20 71.61
C SER D 110 0.95 -30.04 71.99
N GLY D 111 2.09 -29.77 71.37
CA GLY D 111 3.27 -30.60 71.56
C GLY D 111 3.21 -31.93 70.81
N THR D 112 2.25 -32.10 69.88
CA THR D 112 2.12 -33.33 69.12
C THR D 112 3.00 -33.31 67.86
N ASN D 113 3.34 -32.10 67.39
CA ASN D 113 4.23 -31.97 66.23
C ASN D 113 3.60 -32.62 65.00
N LEU D 114 2.30 -32.50 64.86
CA LEU D 114 1.62 -33.14 63.75
C LEU D 114 1.67 -32.25 62.52
N PRO D 115 1.86 -32.87 61.32
CA PRO D 115 1.65 -32.17 60.06
C PRO D 115 0.19 -31.72 59.97
N VAL D 116 -0.02 -30.62 59.23
CA VAL D 116 -1.33 -30.02 59.04
C VAL D 116 -1.48 -29.61 57.58
N LEU D 117 -2.57 -30.06 56.94
CA LEU D 117 -3.13 -29.45 55.76
C LEU D 117 -4.34 -28.64 56.21
N VAL D 118 -4.23 -27.31 56.14
CA VAL D 118 -5.27 -26.39 56.60
C VAL D 118 -5.93 -25.77 55.37
N GLU D 119 -7.27 -25.90 55.29
CA GLU D 119 -8.00 -25.38 54.15
C GLU D 119 -7.82 -23.88 54.03
N LYS D 120 -7.95 -23.41 52.77
CA LYS D 120 -7.98 -21.97 52.53
C LYS D 120 -9.33 -21.42 52.98
N PRO D 121 -9.43 -20.10 53.28
CA PRO D 121 -8.28 -19.23 53.42
C PRO D 121 -7.66 -19.58 54.75
N VAL D 122 -6.34 -19.40 54.85
CA VAL D 122 -5.65 -19.78 56.06
C VAL D 122 -6.18 -18.96 57.23
N CYS D 123 -6.60 -17.71 57.01
CA CYS D 123 -7.23 -16.94 58.05
C CYS D 123 -8.11 -15.85 57.45
N THR D 124 -8.78 -15.04 58.29
CA THR D 124 -9.86 -14.18 57.83
C THR D 124 -9.70 -12.69 58.19
N SER D 125 -8.59 -12.25 58.79
CA SER D 125 -8.41 -10.84 59.06
C SER D 125 -6.94 -10.50 59.15
N ALA D 126 -6.62 -9.18 59.14
CA ALA D 126 -5.23 -8.74 59.23
C ALA D 126 -4.62 -9.07 60.61
N GLU D 127 -5.40 -9.04 61.68
CA GLU D 127 -4.89 -9.38 63.01
C GLU D 127 -4.55 -10.87 63.10
N GLN D 128 -5.49 -11.70 62.61
CA GLN D 128 -5.24 -13.12 62.53
C GLN D 128 -3.96 -13.39 61.75
N ALA D 129 -3.85 -12.75 60.60
CA ALA D 129 -2.70 -12.99 59.74
C ALA D 129 -1.38 -12.64 60.46
N ASP D 130 -1.33 -11.52 61.18
CA ASP D 130 -0.14 -11.09 61.88
C ASP D 130 0.24 -12.09 62.97
N GLU D 131 -0.77 -12.58 63.69
CA GLU D 131 -0.51 -13.54 64.76
C GLU D 131 -0.03 -14.86 64.18
N LEU D 132 -0.73 -15.40 63.18
CA LEU D 132 -0.34 -16.65 62.55
C LEU D 132 1.09 -16.58 62.03
N GLU D 133 1.50 -15.42 61.51
CA GLU D 133 2.84 -15.25 60.98
C GLU D 133 3.89 -15.52 62.07
N GLU D 134 3.67 -14.97 63.28
CA GLU D 134 4.61 -15.13 64.38
C GLU D 134 4.62 -16.59 64.84
N LEU D 135 3.42 -17.14 65.07
CA LEU D 135 3.28 -18.49 65.60
C LEU D 135 3.86 -19.53 64.65
N ALA D 136 3.55 -19.42 63.36
CA ALA D 136 3.88 -20.51 62.43
C ALA D 136 5.38 -20.60 62.26
N ALA D 137 6.09 -19.47 62.47
CA ALA D 137 7.54 -19.39 62.31
C ALA D 137 8.24 -20.45 63.17
N THR D 138 7.77 -20.60 64.40
CA THR D 138 8.39 -21.48 65.38
C THR D 138 7.83 -22.91 65.32
N TYR D 139 6.88 -23.25 64.43
CA TYR D 139 6.40 -24.61 64.35
C TYR D 139 7.14 -25.36 63.24
N THR D 140 7.54 -26.61 63.51
CA THR D 140 8.53 -27.26 62.66
C THR D 140 7.91 -28.35 61.78
N ALA D 141 6.70 -28.83 62.13
CA ALA D 141 6.09 -29.85 61.31
C ALA D 141 5.51 -29.21 60.05
N PRO D 142 5.37 -29.96 58.94
CA PRO D 142 4.72 -29.44 57.73
C PRO D 142 3.37 -28.76 57.99
N VAL D 143 3.24 -27.52 57.49
CA VAL D 143 1.97 -26.82 57.46
C VAL D 143 1.75 -26.38 56.02
N TRP D 144 0.78 -27.04 55.38
CA TRP D 144 0.44 -26.84 53.99
C TRP D 144 -0.94 -26.19 53.92
N VAL D 145 -1.08 -25.10 53.14
CA VAL D 145 -2.35 -24.42 52.97
C VAL D 145 -2.99 -24.96 51.70
N ALA D 146 -4.25 -25.38 51.82
CA ALA D 146 -4.85 -26.24 50.82
C ALA D 146 -5.46 -25.43 49.67
N MET D 147 -4.61 -24.61 49.02
CA MET D 147 -4.98 -23.97 47.76
C MET D 147 -4.52 -24.88 46.62
N GLU D 148 -5.45 -25.69 46.08
CA GLU D 148 -5.12 -26.81 45.22
C GLU D 148 -5.22 -26.48 43.73
N TYR D 149 -5.65 -25.28 43.34
CA TYR D 149 -6.06 -25.04 41.97
C TYR D 149 -4.88 -25.25 41.02
N ARG D 150 -3.67 -24.92 41.47
CA ARG D 150 -2.49 -25.04 40.63
C ARG D 150 -2.29 -26.46 40.10
N TYR D 151 -2.91 -27.48 40.72
CA TYR D 151 -2.69 -28.87 40.35
C TYR D 151 -3.75 -29.37 39.39
N MET D 152 -4.72 -28.52 39.04
CA MET D 152 -5.64 -28.88 37.97
C MET D 152 -4.79 -29.08 36.72
N PRO D 153 -4.85 -30.25 36.06
CA PRO D 153 -3.99 -30.53 34.89
C PRO D 153 -3.93 -29.38 33.88
N PRO D 154 -5.06 -28.79 33.44
CA PRO D 154 -4.99 -27.67 32.50
C PRO D 154 -4.30 -26.42 33.11
N VAL D 155 -4.51 -26.15 34.40
CA VAL D 155 -3.80 -25.04 35.02
C VAL D 155 -2.30 -25.34 35.05
N GLN D 156 -1.91 -26.58 35.39
CA GLN D 156 -0.50 -26.98 35.40
C GLN D 156 0.13 -26.70 34.05
N GLU D 157 -0.57 -26.99 32.94
CA GLU D 157 0.00 -26.78 31.62
C GLU D 157 0.36 -25.31 31.42
N ILE D 158 -0.56 -24.41 31.79
CA ILE D 158 -0.30 -23.01 31.48
C ILE D 158 0.78 -22.47 32.42
N ILE D 159 0.92 -23.03 33.63
CA ILE D 159 1.98 -22.60 34.52
C ILE D 159 3.33 -23.02 33.94
N GLN D 160 3.40 -24.25 33.45
CA GLN D 160 4.60 -24.78 32.82
C GLN D 160 4.95 -23.94 31.60
N ALA D 161 3.93 -23.62 30.78
CA ALA D 161 4.15 -22.74 29.64
C ALA D 161 4.77 -21.40 30.09
N ALA D 162 4.12 -20.72 31.03
CA ALA D 162 4.61 -19.44 31.50
C ALA D 162 6.04 -19.53 32.03
N HIS D 163 6.30 -20.49 32.93
CA HIS D 163 7.60 -20.58 33.59
C HIS D 163 8.71 -21.02 32.64
N SER D 164 8.37 -21.80 31.60
CA SER D 164 9.36 -22.28 30.65
C SER D 164 9.83 -21.20 29.69
N GLY D 165 9.07 -20.10 29.58
CA GLY D 165 9.39 -19.01 28.65
C GLY D 165 8.71 -19.14 27.29
N LYS D 166 7.82 -20.13 27.06
CA LYS D 166 7.10 -20.27 25.79
C LYS D 166 6.29 -19.00 25.48
N LEU D 167 6.00 -18.17 26.48
CA LEU D 167 5.18 -16.98 26.31
C LEU D 167 6.05 -15.74 26.15
N GLY D 168 7.35 -15.86 26.34
CA GLY D 168 8.22 -14.70 26.37
C GLY D 168 8.17 -14.06 27.74
N ASN D 169 8.43 -12.77 27.85
CA ASN D 169 8.20 -12.06 29.10
C ASN D 169 6.70 -11.92 29.29
N ILE D 170 6.23 -12.18 30.52
CA ILE D 170 4.82 -12.14 30.83
C ILE D 170 4.44 -10.73 31.29
N HIS D 171 3.31 -10.22 30.78
CA HIS D 171 2.82 -8.90 31.14
C HIS D 171 1.42 -8.96 31.75
N MET D 172 0.56 -9.89 31.31
CA MET D 172 -0.84 -9.82 31.70
C MET D 172 -1.39 -11.19 32.07
N LEU D 173 -2.26 -11.20 33.09
CA LEU D 173 -2.90 -12.39 33.58
C LEU D 173 -4.33 -12.05 33.95
N SER D 174 -5.27 -12.72 33.27
CA SER D 174 -6.69 -12.55 33.48
C SER D 174 -7.28 -13.85 33.99
N ILE D 175 -8.11 -13.72 35.03
CA ILE D 175 -8.84 -14.84 35.58
C ILE D 175 -10.30 -14.44 35.66
N VAL D 176 -11.15 -15.26 35.04
CA VAL D 176 -12.57 -14.99 35.00
C VAL D 176 -13.25 -16.22 35.58
N GLU D 177 -13.97 -15.99 36.68
CA GLU D 177 -14.74 -17.03 37.29
C GLU D 177 -16.22 -16.66 37.26
N HIS D 178 -16.99 -17.52 36.57
CA HIS D 178 -18.41 -17.35 36.39
C HIS D 178 -19.11 -18.62 36.91
N ARG D 179 -19.84 -18.47 38.03
CA ARG D 179 -20.39 -19.62 38.75
C ARG D 179 -21.69 -19.30 39.47
N PHE D 180 -22.18 -20.33 40.18
CA PHE D 180 -23.44 -20.32 40.92
C PHE D 180 -23.24 -19.60 42.26
N PRO D 181 -24.34 -19.22 42.95
CA PRO D 181 -24.22 -18.61 44.27
C PRO D 181 -23.63 -19.61 45.26
N PHE D 182 -23.02 -19.09 46.33
CA PHE D 182 -22.51 -19.89 47.42
C PHE D 182 -23.56 -20.92 47.82
N LEU D 183 -23.12 -22.15 48.09
CA LEU D 183 -23.97 -23.25 48.51
C LEU D 183 -24.31 -23.09 49.99
N HIS D 184 -25.27 -23.90 50.43
CA HIS D 184 -25.71 -23.88 51.83
C HIS D 184 -24.72 -24.67 52.69
N LYS D 185 -24.26 -24.06 53.78
CA LYS D 185 -23.28 -24.63 54.70
C LYS D 185 -23.85 -24.71 56.11
N VAL D 186 -23.15 -25.45 57.02
CA VAL D 186 -23.74 -25.62 58.34
C VAL D 186 -23.61 -24.31 59.12
N ASP D 187 -24.73 -23.91 59.74
CA ASP D 187 -24.86 -22.64 60.45
C ASP D 187 -24.73 -21.46 59.52
N ALA D 188 -24.84 -21.69 58.20
CA ALA D 188 -24.79 -20.62 57.21
C ALA D 188 -23.53 -19.77 57.34
N TRP D 189 -22.41 -20.35 57.75
CA TRP D 189 -21.19 -19.60 58.02
C TRP D 189 -20.72 -18.78 56.81
N ASN D 190 -20.98 -19.28 55.59
CA ASN D 190 -20.40 -18.68 54.39
C ASN D 190 -21.25 -17.51 53.90
N ARG D 191 -22.32 -17.17 54.62
CA ARG D 191 -23.17 -16.09 54.20
C ARG D 191 -22.71 -14.78 54.81
N PHE D 192 -21.65 -14.78 55.65
CA PHE D 192 -21.29 -13.56 56.36
C PHE D 192 -19.79 -13.24 56.31
N ALA D 193 -19.49 -11.97 56.05
CA ALA D 193 -18.12 -11.49 55.89
C ALA D 193 -17.29 -11.75 57.14
N GLU D 194 -17.89 -11.56 58.32
CA GLU D 194 -17.21 -11.78 59.58
C GLU D 194 -16.65 -13.19 59.68
N ARG D 195 -17.40 -14.16 59.19
CA ARG D 195 -17.04 -15.57 59.31
C ARG D 195 -16.11 -16.02 58.17
N THR D 196 -16.09 -15.27 57.05
CA THR D 196 -15.48 -15.74 55.81
C THR D 196 -14.19 -14.98 55.44
N GLY D 197 -14.10 -13.72 55.87
CA GLY D 197 -13.12 -12.76 55.39
C GLY D 197 -13.66 -11.91 54.24
N GLY D 198 -14.92 -12.15 53.86
CA GLY D 198 -15.47 -11.56 52.66
C GLY D 198 -15.19 -12.42 51.44
N THR D 199 -15.93 -12.17 50.35
CA THR D 199 -15.90 -12.99 49.15
C THR D 199 -14.50 -13.04 48.54
N LEU D 200 -13.78 -11.92 48.58
CA LEU D 200 -12.50 -11.79 47.90
C LEU D 200 -11.41 -12.56 48.64
N VAL D 201 -11.66 -12.88 49.93
CA VAL D 201 -10.82 -13.79 50.69
C VAL D 201 -11.34 -15.24 50.54
N GLU D 202 -12.62 -15.46 50.81
CA GLU D 202 -13.15 -16.82 50.87
C GLU D 202 -13.02 -17.47 49.50
N LYS D 203 -13.46 -16.78 48.45
CA LYS D 203 -13.58 -17.40 47.14
C LYS D 203 -12.29 -17.17 46.34
N CYS D 204 -11.58 -16.05 46.60
CA CYS D 204 -10.64 -15.53 45.62
C CYS D 204 -9.20 -15.65 46.09
N CYS D 205 -8.94 -16.07 47.33
CA CYS D 205 -7.57 -16.31 47.74
C CYS D 205 -6.86 -17.25 46.74
N HIS D 206 -7.58 -18.23 46.18
CA HIS D 206 -7.01 -19.18 45.23
C HIS D 206 -6.38 -18.44 44.06
N PHE D 207 -7.12 -17.46 43.55
CA PHE D 207 -6.77 -16.70 42.36
C PHE D 207 -5.62 -15.74 42.63
N PHE D 208 -5.64 -15.05 43.77
CA PHE D 208 -4.51 -14.19 44.13
C PHE D 208 -3.23 -15.01 44.29
N ASP D 209 -3.35 -16.25 44.75
CA ASP D 209 -2.19 -17.10 44.89
C ASP D 209 -1.68 -17.51 43.52
N LEU D 210 -2.59 -17.87 42.60
CA LEU D 210 -2.21 -18.21 41.22
C LEU D 210 -1.51 -17.03 40.56
N MET D 211 -1.91 -15.80 40.92
CA MET D 211 -1.28 -14.63 40.34
C MET D 211 0.19 -14.64 40.74
N ARG D 212 0.47 -14.83 42.03
CA ARG D 212 1.85 -14.82 42.48
C ARG D 212 2.63 -15.96 41.82
N LEU D 213 2.02 -17.14 41.70
CA LEU D 213 2.70 -18.30 41.19
C LEU D 213 3.05 -18.12 39.73
N ILE D 214 2.05 -17.69 38.94
CA ILE D 214 2.22 -17.59 37.51
C ILE D 214 3.17 -16.48 37.15
N LEU D 215 2.99 -15.31 37.78
CA LEU D 215 3.78 -14.14 37.45
C LEU D 215 5.15 -14.21 38.11
N GLN D 216 5.28 -15.03 39.15
CA GLN D 216 6.53 -15.13 39.90
C GLN D 216 6.89 -13.73 40.38
N ASP D 217 5.92 -13.05 41.01
CA ASP D 217 6.08 -11.64 41.34
C ASP D 217 5.20 -11.34 42.56
N GLU D 218 5.45 -10.18 43.20
CA GLU D 218 4.71 -9.80 44.39
C GLU D 218 3.85 -8.59 44.08
N PRO D 219 2.64 -8.50 44.67
CA PRO D 219 1.75 -7.37 44.42
C PRO D 219 2.19 -6.10 45.15
N THR D 220 1.94 -4.95 44.51
CA THR D 220 2.24 -3.64 45.09
C THR D 220 0.99 -2.78 45.27
N ARG D 221 -0.04 -3.00 44.45
CA ARG D 221 -1.27 -2.21 44.51
C ARG D 221 -2.46 -3.07 44.08
N ILE D 222 -3.59 -2.89 44.77
CA ILE D 222 -4.84 -3.55 44.41
C ILE D 222 -5.97 -2.53 44.36
N TYR D 223 -6.81 -2.67 43.33
CA TYR D 223 -8.08 -1.98 43.24
C TYR D 223 -9.16 -2.97 42.82
N ALA D 224 -10.31 -2.84 43.49
CA ALA D 224 -11.45 -3.69 43.22
C ALA D 224 -12.73 -2.87 43.29
N SER D 225 -13.62 -3.19 42.36
CA SER D 225 -15.01 -2.76 42.41
C SER D 225 -15.90 -3.99 42.51
N GLY D 226 -16.86 -3.94 43.43
CA GLY D 226 -17.72 -5.08 43.64
C GLY D 226 -18.94 -4.70 44.46
N GLY D 227 -19.93 -5.59 44.45
CA GLY D 227 -21.15 -5.34 45.21
C GLY D 227 -21.86 -6.62 45.59
N HIS D 228 -22.85 -6.44 46.47
CA HIS D 228 -23.80 -7.47 46.81
C HIS D 228 -25.09 -7.14 46.09
N ASP D 229 -25.26 -7.66 44.87
CA ASP D 229 -26.21 -7.09 43.93
C ASP D 229 -27.34 -8.06 43.57
N VAL D 230 -27.17 -9.35 43.78
CA VAL D 230 -28.09 -10.35 43.27
C VAL D 230 -28.45 -11.41 44.32
N ASN D 231 -27.45 -12.01 44.96
CA ASN D 231 -27.60 -13.28 45.67
C ASN D 231 -27.99 -13.06 47.13
N HIS D 232 -28.86 -13.93 47.66
CA HIS D 232 -29.11 -14.04 49.10
C HIS D 232 -29.57 -12.73 49.77
N MET D 233 -30.40 -11.94 49.06
CA MET D 233 -30.65 -10.55 49.41
C MET D 233 -31.52 -10.40 50.66
N ASP D 234 -32.54 -11.26 50.77
CA ASP D 234 -33.44 -11.18 51.93
C ASP D 234 -33.17 -12.34 52.90
N GLU D 235 -31.94 -12.90 52.95
CA GLU D 235 -31.69 -14.06 53.81
C GLU D 235 -31.18 -13.59 55.17
N VAL D 236 -31.94 -13.92 56.23
CA VAL D 236 -31.51 -13.67 57.59
C VAL D 236 -31.40 -15.01 58.30
N TYR D 237 -30.35 -15.13 59.12
CA TYR D 237 -30.04 -16.32 59.89
C TYR D 237 -29.67 -15.89 61.30
N ASP D 238 -30.49 -16.34 62.28
CA ASP D 238 -30.27 -16.06 63.68
C ASP D 238 -30.07 -14.55 63.85
N GLY D 239 -30.90 -13.77 63.14
CA GLY D 239 -30.94 -12.33 63.29
C GLY D 239 -29.79 -11.60 62.59
N LEU D 240 -29.03 -12.28 61.72
CA LEU D 240 -28.01 -11.65 60.89
C LEU D 240 -28.45 -11.64 59.43
N ILE D 241 -28.08 -10.56 58.71
CA ILE D 241 -28.34 -10.43 57.27
C ILE D 241 -27.07 -10.77 56.48
N SER D 242 -27.22 -11.55 55.38
CA SER D 242 -26.07 -11.92 54.54
C SER D 242 -25.53 -10.68 53.83
N ASP D 243 -24.20 -10.54 53.79
CA ASP D 243 -23.52 -9.28 53.43
C ASP D 243 -22.32 -9.54 52.50
N MET D 244 -22.35 -10.67 51.79
CA MET D 244 -21.24 -11.12 50.97
C MET D 244 -21.35 -10.51 49.57
N VAL D 245 -20.22 -10.02 49.03
CA VAL D 245 -20.11 -9.59 47.65
C VAL D 245 -20.42 -10.79 46.74
N ASP D 246 -21.16 -10.54 45.64
CA ASP D 246 -21.47 -11.60 44.70
C ASP D 246 -20.95 -11.31 43.29
N ASN D 247 -20.34 -10.14 43.08
CA ASN D 247 -19.62 -9.89 41.84
C ASN D 247 -18.58 -8.81 42.08
N ALA D 248 -17.46 -8.96 41.35
CA ALA D 248 -16.38 -7.99 41.47
C ALA D 248 -15.44 -8.11 40.28
N TYR D 249 -14.71 -7.00 40.10
CA TYR D 249 -13.54 -6.88 39.26
C TYR D 249 -12.41 -6.38 40.14
N VAL D 250 -11.21 -6.92 39.87
CA VAL D 250 -10.01 -6.60 40.62
C VAL D 250 -8.85 -6.45 39.65
N ILE D 251 -8.07 -5.39 39.87
CA ILE D 251 -6.84 -5.17 39.16
C ILE D 251 -5.70 -5.15 40.18
N VAL D 252 -4.69 -5.97 39.93
CA VAL D 252 -3.50 -6.08 40.76
C VAL D 252 -2.27 -5.74 39.91
N ASP D 253 -1.52 -4.75 40.40
CA ASP D 253 -0.18 -4.44 39.91
C ASP D 253 0.87 -5.18 40.73
N PHE D 254 1.98 -5.51 40.06
CA PHE D 254 3.05 -6.29 40.63
C PHE D 254 4.36 -5.51 40.51
N LYS D 255 5.31 -5.83 41.43
CA LYS D 255 6.59 -5.16 41.59
C LYS D 255 7.29 -5.03 40.24
N GLY D 256 7.23 -6.09 39.41
CA GLY D 256 7.98 -6.12 38.17
C GLY D 256 7.24 -5.54 36.96
N GLY D 257 6.16 -4.78 37.18
CA GLY D 257 5.48 -4.10 36.07
C GLY D 257 4.57 -5.03 35.26
N ARG D 258 4.14 -6.13 35.87
CA ARG D 258 3.09 -6.96 35.31
C ARG D 258 1.79 -6.63 36.04
N ARG D 259 0.68 -7.08 35.47
CA ARG D 259 -0.61 -6.71 36.00
C ARG D 259 -1.55 -7.87 35.74
N ALA D 260 -2.52 -8.05 36.65
CA ALA D 260 -3.50 -9.11 36.54
C ALA D 260 -4.86 -8.54 36.88
N MET D 261 -5.87 -9.26 36.38
CA MET D 261 -7.24 -8.86 36.56
C MET D 261 -8.04 -10.12 36.88
N LEU D 262 -8.92 -9.95 37.87
CA LEU D 262 -9.84 -10.97 38.29
C LEU D 262 -11.26 -10.47 38.12
N GLU D 263 -12.05 -11.31 37.46
CA GLU D 263 -13.48 -11.08 37.31
C GLU D 263 -14.22 -12.23 37.99
N LEU D 264 -15.13 -11.87 38.93
CA LEU D 264 -15.96 -12.83 39.61
C LEU D 264 -17.42 -12.47 39.46
N SER D 265 -18.22 -13.48 39.03
CA SER D 265 -19.66 -13.43 39.15
C SER D 265 -20.14 -14.72 39.79
N MET D 266 -20.92 -14.54 40.87
CA MET D 266 -21.53 -15.66 41.56
C MET D 266 -22.94 -15.91 41.02
N PHE D 267 -23.28 -15.28 39.89
CA PHE D 267 -24.61 -15.47 39.33
C PHE D 267 -24.46 -15.61 37.82
N ALA D 268 -23.43 -16.35 37.41
CA ALA D 268 -23.20 -16.58 35.99
C ALA D 268 -23.09 -18.07 35.71
N GLU D 269 -23.99 -18.85 36.32
CA GLU D 269 -23.83 -20.30 36.37
C GLU D 269 -24.22 -20.97 35.05
N GLY D 270 -24.86 -20.21 34.14
CA GLY D 270 -25.18 -20.71 32.81
C GLY D 270 -23.96 -20.96 31.94
N SER D 271 -22.83 -20.35 32.30
CA SER D 271 -21.60 -20.45 31.54
C SER D 271 -21.06 -21.89 31.54
N LYS D 272 -20.92 -22.47 30.35
CA LYS D 272 -20.35 -23.81 30.18
C LYS D 272 -18.97 -23.88 30.84
N PHE D 273 -18.19 -22.82 30.69
CA PHE D 273 -16.86 -22.79 31.26
C PHE D 273 -16.88 -21.87 32.47
N GLN D 274 -16.45 -22.44 33.62
CA GLN D 274 -16.55 -21.76 34.89
C GLN D 274 -15.34 -20.85 35.12
N GLU D 275 -14.17 -21.31 34.68
CA GLU D 275 -12.94 -20.54 34.80
C GLU D 275 -12.35 -20.34 33.39
N ARG D 276 -11.90 -19.11 33.16
CA ARG D 276 -11.05 -18.80 32.03
C ARG D 276 -9.81 -18.10 32.60
N ILE D 277 -8.64 -18.59 32.20
CA ILE D 277 -7.40 -18.00 32.63
C ILE D 277 -6.56 -17.78 31.38
N SER D 278 -6.19 -16.50 31.15
CA SER D 278 -5.39 -16.14 30.01
C SER D 278 -4.14 -15.43 30.50
N ILE D 279 -3.00 -15.82 29.90
CA ILE D 279 -1.73 -15.21 30.16
C ILE D 279 -1.22 -14.66 28.85
N VAL D 280 -0.80 -13.39 28.87
CA VAL D 280 -0.29 -12.74 27.69
C VAL D 280 1.15 -12.38 27.95
N GLY D 281 2.03 -12.93 27.11
CA GLY D 281 3.43 -12.56 27.07
C GLY D 281 3.79 -11.91 25.73
N ASP D 282 5.02 -11.41 25.63
CA ASP D 282 5.44 -10.65 24.46
C ASP D 282 5.86 -11.58 23.33
N ALA D 283 5.76 -12.91 23.50
CA ALA D 283 5.94 -13.81 22.38
C ALA D 283 4.67 -14.62 22.11
N ALA D 284 3.82 -14.81 23.11
CA ALA D 284 2.59 -15.57 22.85
C ALA D 284 1.59 -15.34 23.96
N LYS D 285 0.40 -15.90 23.71
CA LYS D 285 -0.69 -15.95 24.66
C LYS D 285 -1.07 -17.41 24.88
N ILE D 286 -1.53 -17.71 26.10
CA ILE D 286 -2.12 -19.01 26.34
C ILE D 286 -3.37 -18.84 27.20
N GLU D 287 -4.33 -19.75 27.01
CA GLU D 287 -5.62 -19.62 27.64
C GLU D 287 -6.18 -21.01 27.94
N THR D 288 -6.65 -21.18 29.19
CA THR D 288 -7.33 -22.39 29.58
C THR D 288 -8.77 -22.06 29.91
N LEU D 289 -9.64 -22.98 29.50
CA LEU D 289 -11.06 -22.95 29.82
C LEU D 289 -11.39 -24.23 30.58
N ILE D 290 -12.05 -24.07 31.74
CA ILE D 290 -12.31 -25.16 32.68
C ILE D 290 -13.82 -25.29 32.85
N PRO D 291 -14.42 -26.47 32.54
CA PRO D 291 -15.86 -26.65 32.63
C PRO D 291 -16.33 -26.73 34.07
N VAL D 292 -17.61 -26.41 34.27
CA VAL D 292 -18.33 -26.64 35.49
C VAL D 292 -18.14 -28.10 35.88
N ALA D 293 -17.97 -28.37 37.19
CA ALA D 293 -17.92 -29.73 37.71
C ALA D 293 -19.20 -30.48 37.35
N ALA D 294 -19.06 -31.78 37.04
CA ALA D 294 -20.14 -32.60 36.52
C ALA D 294 -21.39 -32.55 37.41
N ASN D 295 -21.20 -32.54 38.74
CA ASN D 295 -22.34 -32.61 39.63
C ASN D 295 -23.07 -31.27 39.73
N HIS D 296 -22.52 -30.19 39.15
CA HIS D 296 -23.24 -28.93 39.06
C HIS D 296 -23.81 -28.67 37.65
N TRP D 297 -23.29 -29.37 36.64
CA TRP D 297 -23.64 -29.09 35.25
C TRP D 297 -24.81 -29.96 34.79
N ILE D 298 -25.19 -29.84 33.52
CA ILE D 298 -26.13 -30.73 32.87
C ILE D 298 -25.59 -32.16 32.90
N GLU D 299 -26.43 -33.10 33.34
CA GLU D 299 -26.10 -34.52 33.45
C GLU D 299 -25.64 -35.19 32.15
N GLY D 300 -26.10 -34.73 30.98
CA GLY D 300 -25.59 -35.22 29.71
C GLY D 300 -24.11 -34.89 29.46
N ASP D 301 -23.86 -33.66 28.95
CA ASP D 301 -22.64 -33.30 28.25
C ASP D 301 -21.47 -33.11 29.21
N GLU D 302 -20.63 -34.15 29.30
CA GLU D 302 -19.26 -33.95 29.76
C GLU D 302 -18.51 -33.15 28.69
N THR D 303 -18.09 -31.91 29.03
CA THR D 303 -17.12 -31.17 28.22
C THR D 303 -15.77 -31.30 28.92
N GLU D 304 -14.67 -31.42 28.16
CA GLU D 304 -13.32 -31.38 28.70
C GLU D 304 -12.80 -29.94 28.73
N ALA D 305 -11.77 -29.73 29.57
CA ALA D 305 -11.04 -28.49 29.63
C ALA D 305 -10.12 -28.40 28.41
N THR D 306 -9.87 -27.15 27.96
CA THR D 306 -8.96 -26.90 26.85
C THR D 306 -7.84 -25.94 27.25
N VAL D 307 -6.73 -26.09 26.53
CA VAL D 307 -5.62 -25.16 26.52
C VAL D 307 -5.33 -24.77 25.07
N GLU D 308 -5.24 -23.45 24.82
CA GLU D 308 -5.03 -22.89 23.49
C GLU D 308 -3.81 -21.97 23.57
N PHE D 309 -2.81 -22.32 22.77
CA PHE D 309 -1.55 -21.60 22.70
C PHE D 309 -1.55 -20.74 21.43
N SER D 310 -1.32 -19.44 21.59
CA SER D 310 -1.53 -18.49 20.50
C SER D 310 -0.28 -17.66 20.30
N PRO D 311 0.70 -18.15 19.49
CA PRO D 311 1.96 -17.43 19.29
C PRO D 311 1.69 -16.15 18.49
N ARG D 312 2.48 -15.10 18.76
CA ARG D 312 2.33 -13.85 18.03
C ARG D 312 2.75 -14.03 16.57
N SER D 313 3.83 -14.80 16.38
CA SER D 313 4.44 -14.94 15.08
C SER D 313 5.16 -16.29 15.04
N PRO D 314 4.95 -17.14 14.01
CA PRO D 314 3.90 -16.93 13.01
C PRO D 314 2.54 -17.17 13.63
N LEU D 315 1.51 -16.54 13.06
CA LEU D 315 0.15 -16.78 13.49
C LEU D 315 -0.14 -18.27 13.36
N GLY D 316 -0.92 -18.80 14.30
CA GLY D 316 -1.33 -20.19 14.24
C GLY D 316 -1.60 -20.77 15.61
N PRO D 317 -2.77 -20.47 16.19
CA PRO D 317 -3.11 -20.97 17.53
C PRO D 317 -3.32 -22.47 17.49
N GLU D 318 -2.90 -23.14 18.58
CA GLU D 318 -3.04 -24.58 18.76
C GLU D 318 -3.88 -24.80 20.00
N LYS D 319 -5.01 -25.49 19.84
CA LYS D 319 -5.91 -25.80 20.95
C LYS D 319 -6.01 -27.33 21.13
N HIS D 320 -5.89 -27.81 22.39
CA HIS D 320 -6.10 -29.22 22.69
C HIS D 320 -6.89 -29.38 23.99
N GLU D 321 -7.51 -30.55 24.14
CA GLU D 321 -8.20 -30.93 25.37
C GLU D 321 -7.17 -31.46 26.37
N VAL D 322 -7.43 -31.21 27.67
CA VAL D 322 -6.58 -31.74 28.72
C VAL D 322 -7.41 -32.73 29.52
N PRO D 323 -7.19 -34.04 29.31
CA PRO D 323 -7.97 -35.07 30.01
C PRO D 323 -7.42 -35.20 31.43
N VAL D 324 -8.35 -35.50 32.35
CA VAL D 324 -8.02 -35.85 33.72
C VAL D 324 -8.44 -37.30 33.90
N ASP D 325 -7.67 -38.07 34.68
CA ASP D 325 -8.08 -39.42 35.04
C ASP D 325 -9.50 -39.38 35.64
N GLU D 326 -10.34 -40.33 35.20
CA GLU D 326 -11.77 -40.29 35.49
C GLU D 326 -12.04 -40.45 36.98
N ALA D 327 -11.20 -41.24 37.68
CA ALA D 327 -11.35 -41.47 39.11
C ALA D 327 -10.96 -40.22 39.91
N VAL D 328 -9.83 -39.61 39.52
CA VAL D 328 -9.34 -38.39 40.11
C VAL D 328 -10.41 -37.30 39.96
N LEU D 329 -11.00 -37.25 38.76
CA LEU D 329 -11.99 -36.23 38.42
C LEU D 329 -13.28 -36.48 39.21
N ALA D 330 -13.69 -37.74 39.35
CA ALA D 330 -14.95 -38.07 40.00
C ALA D 330 -14.91 -37.80 41.50
N ALA D 331 -13.70 -37.78 42.09
CA ALA D 331 -13.57 -37.70 43.53
C ALA D 331 -13.79 -36.26 44.06
N GLY D 332 -13.76 -35.24 43.20
CA GLY D 332 -13.84 -33.87 43.66
C GLY D 332 -14.53 -32.93 42.67
N ALA D 333 -14.79 -31.69 43.10
CA ALA D 333 -15.37 -30.68 42.24
C ALA D 333 -14.34 -29.63 41.82
N HIS D 334 -13.03 -29.97 41.86
CA HIS D 334 -11.97 -29.03 41.55
C HIS D 334 -11.05 -29.61 40.47
N HIS D 335 -11.65 -30.38 39.55
CA HIS D 335 -11.02 -30.81 38.31
C HIS D 335 -9.74 -31.59 38.57
N GLY D 336 -9.77 -32.52 39.53
CA GLY D 336 -8.68 -33.46 39.82
C GLY D 336 -7.65 -32.92 40.81
N SER D 337 -7.77 -31.66 41.22
CA SER D 337 -6.68 -30.96 41.88
C SER D 337 -6.43 -31.46 43.31
N THR D 338 -7.51 -31.83 44.02
CA THR D 338 -7.43 -32.26 45.41
C THR D 338 -6.60 -33.55 45.55
N TYR D 339 -6.67 -34.42 44.55
CA TYR D 339 -5.91 -35.65 44.53
C TYR D 339 -4.41 -35.36 44.48
N TYR D 340 -3.98 -34.47 43.59
CA TYR D 340 -2.56 -34.15 43.47
C TYR D 340 -2.09 -33.41 44.71
N GLU D 341 -2.99 -32.65 45.35
CA GLU D 341 -2.67 -32.00 46.60
C GLU D 341 -2.32 -33.06 47.66
N HIS D 342 -3.08 -34.17 47.71
CA HIS D 342 -2.86 -35.20 48.73
C HIS D 342 -1.57 -35.98 48.47
N LEU D 343 -1.25 -36.26 47.20
CA LEU D 343 0.05 -36.85 46.86
C LEU D 343 1.17 -35.97 47.41
N GLY D 344 1.03 -34.66 47.21
CA GLY D 344 2.04 -33.72 47.65
C GLY D 344 2.15 -33.67 49.17
N TYR D 345 1.00 -33.68 49.85
CA TYR D 345 0.99 -33.61 51.29
C TYR D 345 1.58 -34.88 51.90
N ARG D 346 1.21 -36.03 51.33
CA ARG D 346 1.74 -37.32 51.74
C ARG D 346 3.27 -37.31 51.72
N LYS D 347 3.85 -36.89 50.59
CA LYS D 347 5.30 -36.79 50.46
C LYS D 347 5.89 -35.86 51.53
N ALA D 348 5.23 -34.74 51.84
CA ALA D 348 5.68 -33.84 52.90
C ALA D 348 5.67 -34.56 54.24
N ILE D 349 4.59 -35.30 54.54
CA ILE D 349 4.47 -35.98 55.82
C ILE D 349 5.63 -36.98 55.96
N LEU D 350 5.88 -37.75 54.89
CA LEU D 350 6.89 -38.79 54.86
C LEU D 350 8.30 -38.19 54.76
N GLY D 351 8.45 -36.86 54.69
CA GLY D 351 9.77 -36.25 54.60
C GLY D 351 10.47 -36.48 53.26
N GLU D 352 9.71 -36.83 52.21
CA GLU D 352 10.24 -37.10 50.88
C GLU D 352 9.96 -35.95 49.90
N GLY D 353 9.22 -34.92 50.33
CA GLY D 353 8.86 -33.79 49.49
C GLY D 353 8.74 -32.50 50.31
N PRO D 354 8.78 -31.31 49.68
CA PRO D 354 8.56 -30.06 50.41
C PRO D 354 7.08 -29.73 50.51
N VAL D 355 6.75 -28.78 51.40
CA VAL D 355 5.45 -28.14 51.34
C VAL D 355 5.41 -27.15 50.16
N ASP D 356 4.61 -27.45 49.12
CA ASP D 356 4.46 -26.55 47.98
C ASP D 356 3.73 -25.25 48.30
N VAL D 357 2.68 -25.31 49.12
CA VAL D 357 1.90 -24.13 49.42
C VAL D 357 2.02 -23.83 50.90
N THR D 358 2.83 -22.84 51.21
CA THR D 358 3.23 -22.59 52.58
C THR D 358 2.26 -21.66 53.30
N VAL D 359 2.47 -21.50 54.61
CA VAL D 359 1.72 -20.53 55.38
C VAL D 359 1.86 -19.16 54.73
N ALA D 360 3.07 -18.86 54.23
CA ALA D 360 3.36 -17.52 53.73
C ALA D 360 2.55 -17.28 52.46
N ASP D 361 2.45 -18.29 51.59
CA ASP D 361 1.53 -18.24 50.46
C ASP D 361 0.11 -17.97 50.96
N GLY D 362 -0.33 -18.68 51.99
CA GLY D 362 -1.65 -18.48 52.53
C GLY D 362 -1.87 -17.04 53.01
N LEU D 363 -0.87 -16.48 53.69
CA LEU D 363 -0.99 -15.15 54.26
C LEU D 363 -1.00 -14.08 53.17
N GLN D 364 -0.17 -14.24 52.13
CA GLN D 364 -0.15 -13.31 51.02
C GLN D 364 -1.49 -13.28 50.30
N SER D 365 -2.03 -14.47 49.96
CA SER D 365 -3.32 -14.52 49.28
C SER D 365 -4.41 -13.89 50.14
N VAL D 366 -4.36 -14.10 51.46
CA VAL D 366 -5.39 -13.52 52.32
C VAL D 366 -5.25 -11.99 52.35
N ARG D 367 -4.02 -11.47 52.44
CA ARG D 367 -3.83 -10.04 52.58
C ARG D 367 -4.19 -9.31 51.28
N MET D 368 -3.97 -10.00 50.15
CA MET D 368 -4.43 -9.53 48.87
C MET D 368 -5.96 -9.45 48.86
N GLY D 369 -6.63 -10.50 49.31
CA GLY D 369 -8.09 -10.51 49.40
C GLY D 369 -8.66 -9.44 50.34
N LEU D 370 -8.01 -9.23 51.49
CA LEU D 370 -8.44 -8.21 52.43
C LEU D 370 -8.27 -6.82 51.82
N ALA D 371 -7.18 -6.61 51.09
CA ALA D 371 -6.93 -5.32 50.45
C ALA D 371 -8.00 -5.05 49.40
N ALA D 372 -8.41 -6.11 48.68
CA ALA D 372 -9.47 -6.01 47.70
C ALA D 372 -10.81 -5.70 48.37
N GLU D 373 -11.13 -6.41 49.47
CA GLU D 373 -12.35 -6.11 50.22
C GLU D 373 -12.33 -4.67 50.69
N GLN D 374 -11.18 -4.17 51.12
CA GLN D 374 -11.08 -2.80 51.62
C GLN D 374 -11.26 -1.81 50.49
N SER D 375 -10.70 -2.12 49.31
CA SER D 375 -10.83 -1.27 48.13
C SER D 375 -12.30 -1.13 47.72
N ILE D 376 -13.03 -2.26 47.70
CA ILE D 376 -14.44 -2.25 47.37
C ILE D 376 -15.19 -1.31 48.32
N ILE D 377 -14.85 -1.35 49.61
CA ILE D 377 -15.57 -0.54 50.57
C ILE D 377 -15.23 0.93 50.36
N GLU D 378 -13.94 1.26 50.18
CA GLU D 378 -13.48 2.64 50.31
C GLU D 378 -13.42 3.33 48.95
N GLY D 379 -13.62 2.59 47.87
CA GLY D 379 -13.55 3.17 46.53
C GLY D 379 -12.16 3.70 46.18
N ARG D 380 -11.10 3.18 46.80
CA ARG D 380 -9.75 3.60 46.51
C ARG D 380 -8.85 2.39 46.27
N ALA D 381 -7.74 2.58 45.57
CA ALA D 381 -6.72 1.56 45.48
C ALA D 381 -6.01 1.39 46.82
N VAL D 382 -5.56 0.17 47.10
CA VAL D 382 -4.87 -0.16 48.33
C VAL D 382 -3.45 -0.61 48.03
N GLU D 383 -2.47 -0.02 48.76
CA GLU D 383 -1.06 -0.34 48.63
C GLU D 383 -0.71 -1.62 49.41
N LEU D 384 0.32 -2.36 48.99
CA LEU D 384 0.68 -3.60 49.62
C LEU D 384 2.15 -3.63 50.05
PA NAD E . 11.07 4.09 -2.11
O1A NAD E . 11.05 5.53 -1.69
O2A NAD E . 9.84 3.26 -2.28
O5B NAD E . 12.08 3.27 -1.20
C5B NAD E . 13.26 3.95 -0.71
C4B NAD E . 13.57 3.38 0.66
O4B NAD E . 14.90 3.78 1.03
C3B NAD E . 12.62 3.88 1.77
O3B NAD E . 12.04 2.75 2.42
C2B NAD E . 13.53 4.80 2.58
O2B NAD E . 13.18 4.86 3.93
C1B NAD E . 14.88 4.13 2.39
N9A NAD E . 16.06 4.94 2.66
C8A NAD E . 16.17 6.32 2.63
N7A NAD E . 17.37 6.75 2.94
C5A NAD E . 18.08 5.59 3.22
C6A NAD E . 19.41 5.38 3.61
N6A NAD E . 20.28 6.36 3.79
N1A NAD E . 19.81 4.10 3.81
C2A NAD E . 18.92 3.11 3.64
N3A NAD E . 17.66 3.20 3.24
C4A NAD E . 17.29 4.48 3.04
O3 NAD E . 11.82 4.12 -3.52
PN NAD E . 11.99 3.01 -4.66
O1N NAD E . 11.05 3.19 -5.79
O2N NAD E . 12.10 1.68 -3.99
O5D NAD E . 13.44 3.50 -5.12
C5D NAD E . 14.63 3.00 -4.48
C4D NAD E . 15.69 2.75 -5.54
O4D NAD E . 15.23 1.82 -6.54
C3D NAD E . 16.13 4.02 -6.29
O3D NAD E . 17.52 3.99 -6.55
C2D NAD E . 15.39 3.93 -7.61
O2D NAD E . 16.10 4.65 -8.60
C1D NAD E . 15.43 2.42 -7.83
N1N NAD E . 14.39 1.86 -8.69
C2N NAD E . 14.76 1.05 -9.74
C3N NAD E . 13.80 0.45 -10.53
C7N NAD E . 14.24 -0.41 -11.66
O7N NAD E . 13.42 -0.82 -12.51
N7N NAD E . 15.52 -0.78 -11.69
C4N NAD E . 12.46 0.66 -10.25
C5N NAD E . 12.09 1.47 -9.20
C6N NAD E . 13.07 2.07 -8.42
C1 R7R F . 12.66 3.02 -12.55
C3 R7R F . 10.74 4.28 -11.66
C4 R7R F . 10.13 5.62 -11.30
C5 R7R F . 10.26 2.61 -13.40
C6 R7R F . 11.78 2.52 -13.68
O1 R7R F . 13.97 3.32 -13.00
C2 R7R F . 12.24 4.34 -11.97
O2 R7R F . 13.01 4.56 -10.78
S1 R7R F . 8.52 5.50 -10.55
O3 R7R F . 8.70 4.38 -9.59
O4 R7R F . 7.50 5.06 -11.51
O5 R7R F . 8.29 6.82 -10.03
O6 R7R F . 9.97 3.91 -12.82
O7 R7R F . 9.69 1.60 -12.58
O8 R7R F . 12.14 1.20 -14.06
C TRS G . 33.30 -5.43 -11.58
C1 TRS G . 33.80 -5.28 -13.00
C2 TRS G . 32.39 -6.64 -11.45
C3 TRS G . 32.60 -4.15 -11.12
N TRS G . 34.51 -5.67 -10.71
O1 TRS G . 34.81 -4.29 -13.06
O2 TRS G . 32.11 -6.93 -10.09
O3 TRS G . 31.24 -4.07 -11.54
PA NAD H . -3.54 7.93 8.41
O1A NAD H . -2.23 8.46 8.98
O2A NAD H . -3.53 6.70 7.56
O5B NAD H . -4.31 9.05 7.58
C5B NAD H . -4.54 10.35 8.13
C4B NAD H . -4.49 11.37 7.01
O4B NAD H . -4.60 12.67 7.63
C3B NAD H . -3.18 11.40 6.20
O3B NAD H . -3.44 11.28 4.80
C2B NAD H . -2.57 12.76 6.58
O2B NAD H . -1.87 13.38 5.53
C1B NAD H . -3.82 13.56 6.89
N9A NAD H . -3.69 14.79 7.66
C8A NAD H . -2.69 15.16 8.52
N7A NAD H . -2.88 16.36 9.02
C5A NAD H . -4.05 16.79 8.42
C6A NAD H . -4.79 18.00 8.52
N6A NAD H . -4.41 19.02 9.30
N1A NAD H . -5.92 18.11 7.80
C2A NAD H . -6.27 17.10 6.99
N3A NAD H . -5.67 15.93 6.82
C4A NAD H . -4.56 15.85 7.59
O3 NAD H . -4.49 7.63 9.69
PN NAD H . -5.86 6.77 9.75
O1N NAD H . -5.61 5.39 10.19
O2N NAD H . -6.63 6.96 8.49
O5D NAD H . -6.59 7.60 10.92
C5D NAD H . -7.29 8.82 10.62
C4D NAD H . -8.41 9.00 11.62
O4D NAD H . -9.28 7.85 11.59
C3D NAD H . -7.96 9.13 13.09
O3D NAD H . -8.83 10.01 13.78
C2D NAD H . -8.11 7.71 13.66
O2D NAD H . -8.37 7.74 15.06
C1D NAD H . -9.36 7.28 12.92
N1N NAD H . -9.54 5.84 12.73
C2N NAD H . -10.77 5.29 13.00
C3N NAD H . -11.02 3.95 12.77
C7N NAD H . -12.36 3.38 13.13
O7N NAD H . -12.52 2.14 13.10
N7N NAD H . -13.37 4.20 13.38
C4N NAD H . -10.03 3.17 12.18
C5N NAD H . -8.81 3.73 11.87
C6N NAD H . -8.57 5.08 12.14
C1 R7R I . -9.41 2.28 15.41
C3 R7R I . -7.11 1.66 14.78
C4 R7R I . -5.65 1.61 15.17
C5 R7R I . -8.88 -0.05 14.56
C6 R7R I . -9.78 0.80 15.45
O1 R7R I . -10.12 3.07 16.35
C2 R7R I . -7.95 2.52 15.71
O2 R7R I . -7.64 3.89 15.43
S1 R7R I . -4.50 0.98 13.95
O3 R7R I . -5.04 1.46 12.65
O4 R7R I . -4.49 -0.47 13.93
O5 R7R I . -3.23 1.54 14.43
O6 R7R I . -7.50 0.27 14.84
O7 R7R I . -9.06 0.11 13.18
O8 R7R I . -11.11 0.53 15.03
C TRS J . -29.15 16.61 -0.49
C1 TRS J . -28.90 17.85 -1.35
C2 TRS J . -30.55 16.60 0.13
C3 TRS J . -28.10 16.53 0.62
N TRS J . -28.98 15.39 -1.37
O1 TRS J . -28.62 19.00 -0.57
O2 TRS J . -31.35 15.50 -0.33
O3 TRS J . -28.61 16.99 1.86
C TRS K . -26.28 16.86 17.54
C1 TRS K . -24.77 16.89 17.73
C2 TRS K . -26.96 16.35 18.81
C3 TRS K . -26.68 15.95 16.37
N TRS K . -26.79 18.26 17.25
O1 TRS K . -24.15 15.63 17.48
O2 TRS K . -26.72 17.24 19.89
O3 TRS K . -26.34 16.49 15.10
PA NAD L . 11.71 14.75 -62.06
O1A NAD L . 13.20 14.70 -62.17
O2A NAD L . 10.86 13.52 -62.31
O5B NAD L . 11.10 15.99 -62.85
C5B NAD L . 11.75 17.27 -63.05
C4B NAD L . 11.48 17.76 -64.45
O4B NAD L . 11.92 19.14 -64.54
C3B NAD L . 12.23 17.04 -65.59
O3B NAD L . 11.34 16.58 -66.60
C2B NAD L . 13.24 18.08 -66.10
O2B NAD L . 13.59 17.96 -67.46
C1B NAD L . 12.47 19.35 -65.82
N9A NAD L . 13.26 20.57 -65.74
C8A NAD L . 14.57 20.73 -65.37
N7A NAD L . 14.94 21.98 -65.35
C5A NAD L . 13.80 22.69 -65.70
C6A NAD L . 13.56 24.07 -65.89
N6A NAD L . 14.46 25.04 -65.70
N1A NAD L . 12.30 24.43 -66.24
C2A NAD L . 11.39 23.46 -66.43
N3A NAD L . 11.52 22.14 -66.33
C4A NAD L . 12.76 21.83 -65.94
O3 NAD L . 11.43 15.18 -60.55
PN NAD L . 10.09 15.21 -59.66
O1N NAD L . 9.98 14.03 -58.74
O2N NAD L . 8.90 15.42 -60.53
O5D NAD L . 10.44 16.53 -58.80
C5D NAD L . 10.15 17.82 -59.31
C4D NAD L . 9.70 18.72 -58.18
O4D NAD L . 8.57 18.12 -57.50
C3D NAD L . 10.75 19.00 -57.09
O3D NAD L . 10.59 20.33 -56.65
C2D NAD L . 10.40 17.99 -55.98
O2D NAD L . 10.79 18.36 -54.67
C1D NAD L . 8.87 18.03 -56.10
N1N NAD L . 8.16 16.85 -55.54
C2N NAD L . 7.18 17.09 -54.61
C3N NAD L . 6.46 16.05 -54.08
C7N NAD L . 5.42 16.39 -53.05
O7N NAD L . 4.89 15.47 -52.38
N7N NAD L . 5.01 17.65 -52.94
C4N NAD L . 6.68 14.75 -54.56
C5N NAD L . 7.64 14.52 -55.52
C6N NAD L . 8.37 15.59 -56.02
C1 R7R M . 8.78 14.63 -51.79
C3 R7R M . 10.16 12.83 -53.01
C4 R7R M . 11.53 12.21 -53.23
C5 R7R M . 8.26 12.10 -51.54
C6 R7R M . 8.08 13.53 -50.96
O1 R7R M . 8.86 15.83 -51.03
C2 R7R M . 10.16 14.21 -52.31
O2 R7R M . 10.52 15.22 -53.26
S1 R7R M . 11.53 10.66 -54.14
O3 R7R M . 10.70 10.89 -55.34
O4 R7R M . 10.89 9.61 -53.36
O5 R7R M . 12.93 10.30 -54.38
O6 R7R M . 9.47 11.80 -52.27
O7 R7R M . 7.23 11.70 -52.41
O8 R7R M . 6.70 13.87 -50.80
C TRS N . 1.36 37.40 -75.97
C1 TRS N . 2.01 38.59 -76.65
C2 TRS N . -0.16 37.52 -75.94
C3 TRS N . 1.90 37.24 -74.55
N TRS N . 1.73 36.18 -76.78
O1 TRS N . 1.21 39.77 -76.53
O2 TRS N . -0.80 36.41 -75.33
O3 TRS N . 1.30 38.14 -73.63
C TRS O . 0.02 35.32 -50.64
C1 TRS O . -1.06 34.40 -51.21
C2 TRS O . 1.41 34.81 -51.06
C3 TRS O . -0.13 35.38 -49.11
N TRS O . -0.18 36.72 -51.17
O1 TRS O . -1.04 34.40 -52.63
O2 TRS O . 1.64 33.45 -50.68
O3 TRS O . 0.87 36.18 -48.49
PA NAD P . -19.47 -27.05 55.60
O1A NAD P . -20.36 -26.03 56.24
O2A NAD P . -20.06 -28.17 54.78
O5B NAD P . -18.48 -27.69 56.67
C5B NAD P . -17.89 -27.04 57.83
C4B NAD P . -17.91 -28.06 58.96
O4B NAD P . -17.18 -27.52 60.09
C3B NAD P . -19.32 -28.40 59.52
O3B NAD P . -19.49 -29.80 59.64
C2B NAD P . -19.34 -27.72 60.89
O2B NAD P . -20.15 -28.37 61.83
C1B NAD P . -17.87 -27.83 61.26
N9A NAD P . -17.40 -26.90 62.26
C8A NAD P . -17.88 -25.68 62.65
N7A NAD P . -17.15 -25.10 63.58
C5A NAD P . -16.13 -26.02 63.82
C6A NAD P . -15.03 -26.01 64.68
N6A NAD P . -14.77 -25.01 65.52
N1A NAD P . -14.20 -27.07 64.66
C2A NAD P . -14.49 -28.09 63.83
N3A NAD P . -15.49 -28.21 62.97
C4A NAD P . -16.27 -27.12 63.01
O3 NAD P . -18.38 -26.22 54.78
PN NAD P . -17.23 -26.59 53.75
O1N NAD P . -17.71 -26.31 52.37
O2N NAD P . -16.75 -27.98 53.99
O5D NAD P . -16.11 -25.51 54.19
C5D NAD P . -15.11 -25.88 55.18
C4D NAD P . -13.76 -25.27 54.87
O4D NAD P . -13.28 -25.80 53.61
C3D NAD P . -13.70 -23.74 54.70
O3D NAD P . -12.43 -23.22 55.09
C2D NAD P . -13.87 -23.55 53.19
O2D NAD P . -13.30 -22.39 52.61
C1D NAD P . -13.01 -24.72 52.71
N1N NAD P . -13.24 -25.16 51.31
C2N NAD P . -12.16 -25.23 50.47
C3N NAD P . -12.34 -25.65 49.15
C7N NAD P . -11.17 -25.71 48.22
O7N NAD P . -11.41 -25.92 47.02
N7N NAD P . -9.94 -25.64 48.71
C4N NAD P . -13.59 -26.05 48.73
C5N NAD P . -14.66 -26.00 49.59
C6N NAD P . -14.48 -25.55 50.89
C1 R7R Q . -13.99 -22.93 47.57
C3 R7R Q . -16.51 -22.88 47.64
C4 R7R Q . -17.75 -22.06 47.92
C5 R7R Q . -15.47 -23.71 45.53
C6 R7R Q . -14.08 -23.25 46.07
O1 R7R Q . -12.86 -22.08 47.78
C2 R7R Q . -15.22 -22.25 48.18
O2 R7R Q . -15.24 -22.41 49.61
S1 R7R Q . -19.27 -22.99 47.82
O3 R7R Q . -18.98 -24.23 48.56
O4 R7R Q . -19.65 -23.36 46.46
O5 R7R Q . -20.25 -22.08 48.40
O6 R7R Q . -16.54 -23.01 46.20
O7 R7R Q . -15.88 -25.04 45.62
O8 R7R Q . -13.01 -24.11 45.67
C TRS R . 6.85 -24.24 56.48
C1 TRS R . 7.54 -23.33 55.46
C2 TRS R . 6.50 -25.58 55.81
C3 TRS R . 5.58 -23.59 57.03
N TRS R . 7.82 -24.49 57.60
O1 TRS R . 7.64 -22.01 55.95
O2 TRS R . 5.91 -26.45 56.75
O3 TRS R . 4.50 -23.66 56.12
#